data_6ZL1
#
_entry.id   6ZL1
#
_cell.length_a   60.688
_cell.length_b   231.346
_cell.length_c   240.191
_cell.angle_alpha   90
_cell.angle_beta   90
_cell.angle_gamma   90
#
_symmetry.space_group_name_H-M   'C 2 2 21'
#
loop_
_entity.id
_entity.type
_entity.pdbx_description
1 polymer Albumin
2 polymer CMPX-383B
#
loop_
_entity_poly.entity_id
_entity_poly.type
_entity_poly.pdbx_seq_one_letter_code
_entity_poly.pdbx_strand_id
1 'polypeptide(L)'
;MKWVTFISLLFLFSSAYSRGVFRRDAHKSEVAHRFKDLGEENFKALVLIAFAQYLQQCPFEDHVKLVNEVTEFAKTCVAD
ESAENCDKSLHTLFGDKLCTVATLRETYGEMADCCAKQEPERNECFLQHKKDNPNLPRLVRPEVDVMCTAFHDNTETFLK
KYLYEIARRHPYFYAPELLFFAKRYKAAFTECCQAADKAACLLPKLDELRDEGKASSAKQRLKCASLQKFGERAFKAWAV
ARLSQRFPKAEFAEVSKLVTDLTKVHTECCHGDLLECADDRADLAKYICENQDSISSKLKECCEKPLLEKSHCIAEVEND
EMPADLPSLAADFVESKDVCKNYAEAKDVFLGMFLYEYARRHPDYSVVLLLRLAKTYETTLEKCCAAADPHECYAKVFDE
FKPLVEEPQNLIKQNCELFEQLGEYKFQNALLVRYTKKVPQVSTPTLVEVSRNLGKVGSKCCKHPEAKRMPCAEDYLSVV
LNQLCVLHEKTPVSDRVTKCCTESLVNRRPCFSALEVDETYVPKEFNAGTFTFHADICTLSEKERQIKKQTALVELVKHK
PKATKEQLKAVMDDFAAFVEKCCKADDKETCFAEEGKKLVAASQAALGL
;
A,B
2 'polypeptide(L)'
;GSHMSTEQIQKRTAAIQKRIAAIQKRIYAMTASGGAGAAGAGAGMSIEEITKQIAAIQLRIVGDQVQIAYQTASGAGAGA
GGMSTEEIQKQTAAIETQICKIEAAIELKEAGITSDFYFELINKAKTCEGVEALKEHILAAHT
;
C,D
#
# COMPACT_ATOMS: atom_id res chain seq x y z
N SER A 29 1.20 -46.41 19.02
CA SER A 29 0.60 -45.87 17.81
C SER A 29 1.01 -44.41 17.70
N GLU A 30 0.92 -43.61 18.81
CA GLU A 30 1.32 -42.20 18.80
C GLU A 30 2.83 -42.05 18.65
N VAL A 31 3.59 -43.03 19.16
CA VAL A 31 5.04 -43.07 19.02
C VAL A 31 5.43 -43.44 17.57
N ALA A 32 4.67 -44.35 16.96
CA ALA A 32 4.87 -44.73 15.57
C ALA A 32 4.48 -43.58 14.61
N HIS A 33 3.49 -42.77 15.01
CA HIS A 33 3.03 -41.61 14.26
C HIS A 33 4.14 -40.57 14.25
N ARG A 34 4.82 -40.35 15.40
CA ARG A 34 5.91 -39.37 15.43
C ARG A 34 7.20 -39.91 14.82
N PHE A 35 7.46 -41.22 14.92
CA PHE A 35 8.67 -41.81 14.34
C PHE A 35 8.66 -41.70 12.82
N LYS A 36 7.48 -41.89 12.20
CA LYS A 36 7.32 -41.83 10.76
C LYS A 36 7.51 -40.40 10.21
N ASP A 37 6.91 -39.38 10.87
CA ASP A 37 6.99 -37.98 10.46
C ASP A 37 8.40 -37.44 10.56
N LEU A 38 8.98 -37.50 11.77
CA LEU A 38 10.33 -37.04 12.00
C LEU A 38 11.29 -37.99 11.37
N GLY A 39 12.47 -37.48 11.01
CA GLY A 39 13.50 -38.31 10.43
C GLY A 39 13.97 -39.39 11.38
N GLU A 40 14.65 -40.42 10.87
CA GLU A 40 15.14 -41.51 11.72
C GLU A 40 16.19 -40.94 12.70
N GLU A 41 17.09 -40.09 12.19
CA GLU A 41 18.17 -39.44 12.92
C GLU A 41 17.61 -38.37 13.86
N ASN A 42 16.63 -37.59 13.38
CA ASN A 42 15.99 -36.54 14.14
C ASN A 42 15.12 -37.09 15.28
N PHE A 43 14.58 -38.32 15.13
CA PHE A 43 13.79 -38.96 16.18
C PHE A 43 14.74 -39.28 17.32
N LYS A 44 15.86 -39.97 17.01
CA LYS A 44 16.86 -40.34 18.01
C LYS A 44 17.35 -39.12 18.83
N ALA A 45 17.78 -38.05 18.14
CA ALA A 45 18.26 -36.84 18.79
C ALA A 45 17.24 -36.24 19.74
N LEU A 46 15.94 -36.28 19.34
CA LEU A 46 14.85 -35.74 20.14
C LEU A 46 14.65 -36.55 21.42
N VAL A 47 14.59 -37.89 21.34
CA VAL A 47 14.41 -38.70 22.55
C VAL A 47 15.64 -38.61 23.46
N LEU A 48 16.84 -38.44 22.88
CA LEU A 48 18.04 -38.28 23.70
C LEU A 48 18.01 -36.91 24.40
N ILE A 49 17.51 -35.86 23.72
CA ILE A 49 17.42 -34.53 24.29
C ILE A 49 16.40 -34.50 25.41
N ALA A 50 15.25 -35.16 25.21
CA ALA A 50 14.17 -35.21 26.20
C ALA A 50 14.56 -35.99 27.45
N PHE A 51 15.44 -37.00 27.30
CA PHE A 51 15.90 -37.78 28.43
C PHE A 51 16.93 -37.02 29.25
N ALA A 52 17.89 -36.36 28.58
CA ALA A 52 18.90 -35.57 29.25
C ALA A 52 18.31 -34.30 29.86
N GLN A 53 17.23 -33.75 29.25
CA GLN A 53 16.54 -32.57 29.77
C GLN A 53 15.85 -32.89 31.11
N TYR A 54 15.46 -34.16 31.36
CA TYR A 54 14.84 -34.55 32.61
C TYR A 54 15.84 -35.28 33.56
N LEU A 55 16.17 -36.57 33.28
CA LEU A 55 17.14 -37.31 34.10
C LEU A 55 18.53 -36.96 33.61
N GLN A 56 18.94 -35.72 33.91
CA GLN A 56 20.24 -35.16 33.56
C GLN A 56 21.39 -35.88 34.32
N GLN A 57 21.07 -36.56 35.44
CA GLN A 57 21.99 -37.29 36.30
C GLN A 57 22.62 -38.51 35.59
N CYS A 58 21.80 -39.45 35.07
CA CYS A 58 22.30 -40.65 34.39
C CYS A 58 23.23 -40.31 33.21
N PRO A 59 24.49 -40.77 33.25
CA PRO A 59 25.43 -40.43 32.16
C PRO A 59 25.10 -41.05 30.80
N PHE A 60 25.76 -40.54 29.73
CA PHE A 60 25.57 -40.89 28.32
C PHE A 60 25.29 -42.36 28.08
N GLU A 61 26.12 -43.27 28.66
CA GLU A 61 26.00 -44.74 28.50
C GLU A 61 24.64 -45.33 28.99
N ASP A 62 24.06 -44.75 30.06
CA ASP A 62 22.78 -45.20 30.61
C ASP A 62 21.65 -44.75 29.67
N HIS A 63 21.61 -43.45 29.35
CA HIS A 63 20.59 -42.85 28.51
C HIS A 63 20.60 -43.37 27.06
N VAL A 64 21.79 -43.61 26.47
CA VAL A 64 21.84 -44.08 25.08
C VAL A 64 21.15 -45.44 24.89
N LYS A 65 21.26 -46.37 25.87
CA LYS A 65 20.61 -47.69 25.78
C LYS A 65 19.08 -47.54 25.78
N LEU A 66 18.57 -46.59 26.59
CA LEU A 66 17.14 -46.29 26.71
C LEU A 66 16.63 -45.66 25.42
N VAL A 67 17.42 -44.76 24.82
CA VAL A 67 17.09 -44.09 23.56
C VAL A 67 17.02 -45.14 22.45
N ASN A 68 18.00 -46.07 22.42
CA ASN A 68 18.10 -47.15 21.44
C ASN A 68 16.92 -48.12 21.54
N GLU A 69 16.51 -48.45 22.77
CA GLU A 69 15.38 -49.36 23.01
C GLU A 69 14.07 -48.70 22.58
N VAL A 70 13.92 -47.39 22.80
CA VAL A 70 12.74 -46.63 22.44
C VAL A 70 12.63 -46.54 20.93
N THR A 71 13.76 -46.31 20.23
CA THR A 71 13.73 -46.27 18.76
C THR A 71 13.44 -47.67 18.22
N GLU A 72 14.03 -48.72 18.85
CA GLU A 72 13.83 -50.14 18.45
C GLU A 72 12.37 -50.61 18.67
N PHE A 73 11.73 -50.06 19.70
CA PHE A 73 10.33 -50.34 20.05
C PHE A 73 9.43 -49.59 19.06
N ALA A 74 9.76 -48.33 18.78
CA ALA A 74 9.04 -47.53 17.80
C ALA A 74 9.15 -48.16 16.40
N LYS A 75 10.29 -48.82 16.11
CA LYS A 75 10.51 -49.49 14.84
C LYS A 75 9.46 -50.57 14.63
N THR A 76 9.15 -51.33 15.69
CA THR A 76 8.14 -52.38 15.68
C THR A 76 6.74 -51.76 15.57
N CYS A 77 6.49 -50.65 16.30
CA CYS A 77 5.23 -49.90 16.29
C CYS A 77 4.89 -49.44 14.87
N VAL A 78 5.91 -49.10 14.07
CA VAL A 78 5.79 -48.69 12.66
C VAL A 78 5.13 -49.84 11.89
N ALA A 79 5.60 -51.08 12.12
CA ALA A 79 5.05 -52.26 11.46
C ALA A 79 3.66 -52.65 12.05
N ASP A 80 3.58 -53.06 13.34
CA ASP A 80 2.33 -53.45 13.98
C ASP A 80 1.92 -52.38 15.00
N GLU A 81 0.92 -51.56 14.62
CA GLU A 81 0.43 -50.46 15.46
C GLU A 81 -0.27 -50.92 16.74
N SER A 82 -0.78 -52.16 16.76
CA SER A 82 -1.47 -52.65 17.94
C SER A 82 -0.56 -53.51 18.81
N ALA A 83 0.29 -54.31 18.19
CA ALA A 83 1.20 -55.18 18.93
C ALA A 83 2.31 -54.42 19.67
N GLU A 84 2.89 -55.06 20.70
CA GLU A 84 4.01 -54.62 21.53
C GLU A 84 3.68 -53.52 22.54
N ASN A 85 2.40 -53.27 22.80
CA ASN A 85 1.95 -52.19 23.70
C ASN A 85 2.03 -50.80 23.05
N CYS A 86 2.13 -50.75 21.69
CA CYS A 86 2.11 -49.53 20.90
C CYS A 86 0.68 -49.16 20.90
N ASP A 87 0.37 -48.19 21.73
CA ASP A 87 -0.95 -47.65 22.05
C ASP A 87 -0.80 -46.57 23.16
N LYS A 88 0.22 -46.72 24.03
CA LYS A 88 0.51 -45.81 25.13
C LYS A 88 1.00 -44.44 24.66
N SER A 89 0.79 -43.42 25.51
CA SER A 89 1.19 -42.04 25.26
C SER A 89 2.71 -41.88 25.30
N LEU A 90 3.24 -40.80 24.71
CA LEU A 90 4.69 -40.54 24.78
C LEU A 90 5.16 -40.28 26.20
N HIS A 91 4.25 -39.87 27.11
CA HIS A 91 4.60 -39.62 28.49
C HIS A 91 4.59 -40.90 29.30
N THR A 92 3.69 -41.86 28.98
CA THR A 92 3.72 -43.14 29.68
C THR A 92 4.89 -43.91 29.10
N LEU A 93 4.91 -44.18 27.79
CA LEU A 93 6.03 -44.87 27.14
C LEU A 93 7.41 -44.20 27.44
N PHE A 94 7.70 -43.00 26.89
CA PHE A 94 8.97 -42.34 27.15
C PHE A 94 9.15 -41.84 28.63
N GLY A 95 8.16 -42.08 29.49
CA GLY A 95 8.21 -41.71 30.89
C GLY A 95 8.34 -42.88 31.84
N ASP A 96 8.26 -44.11 31.30
CA ASP A 96 8.46 -45.38 32.00
C ASP A 96 9.91 -45.81 31.80
N LYS A 97 10.49 -45.56 30.61
CA LYS A 97 11.91 -45.85 30.34
C LYS A 97 12.78 -44.86 31.16
N LEU A 98 12.32 -43.59 31.33
CA LEU A 98 13.01 -42.56 32.13
C LEU A 98 12.94 -42.84 33.64
N CYS A 99 12.02 -43.74 34.05
CA CYS A 99 11.71 -44.16 35.40
C CYS A 99 12.29 -45.54 35.75
N THR A 100 12.55 -46.39 34.73
CA THR A 100 13.10 -47.73 34.91
C THR A 100 14.45 -47.64 35.60
N VAL A 101 15.30 -46.70 35.16
CA VAL A 101 16.60 -46.48 35.78
C VAL A 101 16.48 -45.61 37.03
N ALA A 102 15.54 -44.62 37.01
CA ALA A 102 15.28 -43.67 38.10
C ALA A 102 14.52 -44.27 39.29
N THR A 103 14.71 -45.57 39.56
CA THR A 103 14.08 -46.27 40.67
C THR A 103 14.51 -45.71 42.05
N LEU A 104 15.83 -45.77 42.38
CA LEU A 104 16.37 -45.29 43.65
C LEU A 104 16.41 -43.75 43.77
N ARG A 105 16.18 -43.22 44.97
CA ARG A 105 16.21 -41.78 45.19
C ARG A 105 17.63 -41.19 45.28
N GLU A 106 18.63 -42.04 45.60
CA GLU A 106 20.05 -41.66 45.73
C GLU A 106 20.76 -41.61 44.38
N THR A 107 20.33 -42.46 43.42
CA THR A 107 20.89 -42.48 42.07
C THR A 107 20.21 -41.43 41.19
N TYR A 108 19.93 -40.26 41.80
CA TYR A 108 19.28 -39.04 41.32
C TYR A 108 19.01 -38.14 42.57
N GLY A 109 18.63 -36.88 42.35
CA GLY A 109 18.30 -35.98 43.46
C GLY A 109 16.87 -36.18 43.92
N GLU A 110 16.22 -35.12 44.43
CA GLU A 110 14.82 -35.15 44.86
C GLU A 110 13.83 -35.44 43.70
N MET A 111 14.32 -35.54 42.47
CA MET A 111 13.55 -35.79 41.25
C MET A 111 13.04 -37.24 41.13
N ALA A 112 13.66 -38.18 41.85
CA ALA A 112 13.22 -39.58 41.81
C ALA A 112 11.85 -39.79 42.51
N ASP A 113 11.42 -38.82 43.36
CA ASP A 113 10.12 -38.83 44.03
C ASP A 113 8.97 -38.74 42.99
N CYS A 114 9.20 -38.03 41.86
CA CYS A 114 8.27 -37.86 40.74
C CYS A 114 7.86 -39.20 40.16
N CYS A 115 8.84 -40.09 40.05
CA CYS A 115 8.72 -41.44 39.56
C CYS A 115 7.61 -42.24 40.24
N ALA A 116 7.42 -42.04 41.55
CA ALA A 116 6.41 -42.72 42.36
C ALA A 116 4.97 -42.49 41.88
N LYS A 117 4.70 -41.34 41.21
CA LYS A 117 3.38 -40.99 40.71
C LYS A 117 3.11 -41.56 39.32
N GLN A 118 1.86 -41.51 38.86
CA GLN A 118 1.49 -42.03 37.53
C GLN A 118 0.85 -40.94 36.65
N GLU A 119 1.18 -40.94 35.36
CA GLU A 119 0.69 -39.96 34.37
C GLU A 119 -0.80 -39.66 34.48
N PRO A 120 -1.20 -38.39 34.32
CA PRO A 120 -0.36 -37.23 33.97
C PRO A 120 0.38 -36.57 35.13
N GLU A 121 0.24 -37.10 36.35
CA GLU A 121 0.93 -36.55 37.50
C GLU A 121 2.45 -36.73 37.39
N ARG A 122 2.90 -37.82 36.73
CA ARG A 122 4.31 -38.15 36.56
C ARG A 122 5.06 -37.07 35.78
N ASN A 123 4.58 -36.70 34.58
CA ASN A 123 5.25 -35.66 33.81
C ASN A 123 5.01 -34.28 34.41
N GLU A 124 3.89 -34.09 35.14
CA GLU A 124 3.64 -32.83 35.83
C GLU A 124 4.76 -32.56 36.84
N CYS A 125 5.24 -33.62 37.51
CA CYS A 125 6.34 -33.53 38.48
C CYS A 125 7.70 -33.32 37.81
N PHE A 126 8.02 -34.05 36.72
CA PHE A 126 9.31 -33.90 36.06
C PHE A 126 9.55 -32.46 35.59
N LEU A 127 8.49 -31.71 35.29
CA LEU A 127 8.56 -30.31 34.87
C LEU A 127 8.99 -29.43 36.02
N GLN A 128 8.37 -29.66 37.19
CA GLN A 128 8.63 -28.94 38.43
C GLN A 128 10.09 -29.07 38.89
N HIS A 129 10.87 -30.02 38.33
CA HIS A 129 12.27 -30.20 38.67
C HIS A 129 13.25 -29.69 37.60
N LYS A 130 13.31 -28.36 37.44
CA LYS A 130 14.25 -27.67 36.57
C LYS A 130 15.66 -28.01 37.06
N LYS A 131 15.88 -27.91 38.40
CA LYS A 131 17.10 -28.24 39.14
C LYS A 131 16.78 -29.18 40.32
N ARG A 141 36.94 -26.49 26.61
CA ARG A 141 37.38 -27.88 26.51
C ARG A 141 37.60 -28.32 25.04
N GLU A 143 41.02 -28.56 22.59
CA GLU A 143 42.15 -28.91 21.73
C GLU A 143 41.68 -29.14 20.29
N VAL A 144 42.12 -28.29 19.34
CA VAL A 144 41.78 -28.30 17.91
C VAL A 144 41.98 -29.69 17.25
N ASP A 145 43.09 -30.39 17.56
CA ASP A 145 43.35 -31.71 16.99
C ASP A 145 43.25 -32.81 18.04
N VAL A 146 42.37 -32.64 19.04
CA VAL A 146 42.16 -33.61 20.12
C VAL A 146 40.75 -34.20 19.98
N MET A 147 39.75 -33.31 19.79
CA MET A 147 38.34 -33.68 19.62
C MET A 147 38.17 -34.50 18.36
N CYS A 148 38.87 -34.12 17.27
CA CYS A 148 38.83 -34.78 15.97
C CYS A 148 39.33 -36.23 16.02
N THR A 149 40.20 -36.56 16.99
CA THR A 149 40.70 -37.93 17.20
C THR A 149 39.59 -38.87 17.69
N ALA A 150 38.53 -38.30 18.34
CA ALA A 150 37.36 -39.02 18.84
C ALA A 150 36.17 -38.91 17.87
N PHE A 151 36.09 -37.81 17.10
CA PHE A 151 35.01 -37.61 16.13
C PHE A 151 35.23 -38.43 14.87
N HIS A 152 36.50 -38.71 14.51
CA HIS A 152 36.80 -39.47 13.32
C HIS A 152 36.39 -40.94 13.46
N ASP A 153 36.65 -41.54 14.65
CA ASP A 153 36.33 -42.94 14.91
C ASP A 153 34.82 -43.20 14.94
N ASN A 154 34.08 -42.42 15.74
CA ASN A 154 32.63 -42.54 15.86
C ASN A 154 31.98 -41.22 15.55
N THR A 155 31.36 -41.12 14.38
CA THR A 155 30.65 -39.92 14.00
C THR A 155 29.43 -39.74 14.90
N GLU A 156 28.71 -40.86 15.18
CA GLU A 156 27.51 -40.88 16.01
C GLU A 156 27.84 -40.71 17.49
N THR A 157 28.99 -41.25 17.93
CA THR A 157 29.40 -41.14 19.33
C THR A 157 29.79 -39.71 19.72
N PHE A 158 30.26 -38.91 18.75
CA PHE A 158 30.66 -37.55 19.02
C PHE A 158 29.46 -36.60 18.92
N LEU A 159 28.62 -36.80 17.89
CA LEU A 159 27.41 -35.98 17.64
C LEU A 159 26.39 -36.15 18.75
N LYS A 160 26.15 -37.39 19.19
CA LYS A 160 25.20 -37.63 20.28
C LYS A 160 25.72 -37.06 21.60
N LYS A 161 27.06 -37.08 21.80
CA LYS A 161 27.70 -36.53 23.00
C LYS A 161 27.53 -35.00 23.09
N TYR A 162 27.44 -34.31 21.94
CA TYR A 162 27.23 -32.86 21.91
C TYR A 162 25.85 -32.56 22.53
N LEU A 163 24.81 -33.26 22.05
CA LEU A 163 23.47 -33.01 22.56
C LEU A 163 23.25 -33.57 23.97
N TYR A 164 23.79 -34.75 24.33
CA TYR A 164 23.58 -35.27 25.71
C TYR A 164 23.86 -34.22 26.81
N GLU A 165 25.09 -33.71 26.89
CA GLU A 165 25.42 -32.76 27.94
C GLU A 165 24.90 -31.35 27.65
N ILE A 166 24.56 -31.01 26.38
CA ILE A 166 23.98 -29.69 26.08
C ILE A 166 22.49 -29.64 26.51
N ALA A 167 21.81 -30.81 26.51
CA ALA A 167 20.42 -30.94 26.95
C ALA A 167 20.35 -31.14 28.47
N ARG A 168 21.41 -31.71 29.09
CA ARG A 168 21.49 -31.88 30.55
C ARG A 168 21.89 -30.56 31.22
N ARG A 169 22.67 -29.70 30.51
CA ARG A 169 23.08 -28.37 30.97
C ARG A 169 22.05 -27.26 30.66
N HIS A 170 21.05 -27.55 29.77
CA HIS A 170 19.95 -26.62 29.41
C HIS A 170 18.63 -27.36 29.23
N PRO A 171 17.90 -27.60 30.34
CA PRO A 171 16.65 -28.36 30.24
C PRO A 171 15.54 -27.64 29.50
N TYR A 172 15.58 -26.29 29.47
CA TYR A 172 14.57 -25.52 28.78
C TYR A 172 14.99 -25.04 27.40
N PHE A 173 16.07 -25.59 26.81
CA PHE A 173 16.49 -25.19 25.47
C PHE A 173 15.46 -25.69 24.45
N TYR A 174 15.13 -24.90 23.42
CA TYR A 174 14.17 -25.33 22.41
C TYR A 174 14.69 -26.57 21.67
N ALA A 175 14.01 -27.69 21.88
CA ALA A 175 14.37 -28.98 21.32
C ALA A 175 14.63 -28.96 19.79
N PRO A 176 13.72 -28.45 18.91
CA PRO A 176 14.03 -28.44 17.47
C PRO A 176 15.17 -27.50 17.13
N GLU A 177 15.38 -26.45 17.94
CA GLU A 177 16.48 -25.55 17.71
C GLU A 177 17.78 -26.24 18.06
N LEU A 178 17.81 -27.07 19.13
CA LEU A 178 18.99 -27.84 19.54
C LEU A 178 19.40 -28.85 18.47
N LEU A 179 18.45 -29.35 17.67
CA LEU A 179 18.77 -30.28 16.57
C LEU A 179 19.53 -29.53 15.49
N PHE A 180 19.09 -28.31 15.17
CA PHE A 180 19.76 -27.46 14.19
C PHE A 180 21.11 -27.00 14.73
N PHE A 181 21.20 -26.71 16.03
CA PHE A 181 22.44 -26.27 16.65
C PHE A 181 23.54 -27.34 16.48
N ALA A 182 23.17 -28.63 16.61
CA ALA A 182 24.12 -29.74 16.43
C ALA A 182 24.47 -29.96 14.95
N LYS A 183 23.49 -29.76 14.05
CA LYS A 183 23.74 -29.86 12.61
C LYS A 183 24.71 -28.73 12.16
N ARG A 184 24.59 -27.55 12.79
CA ARG A 184 25.47 -26.41 12.53
C ARG A 184 26.87 -26.78 13.03
N TYR A 185 26.97 -27.40 14.24
CA TYR A 185 28.21 -27.86 14.84
C TYR A 185 28.93 -28.85 13.97
N LYS A 186 28.19 -29.67 13.21
CA LYS A 186 28.79 -30.62 12.28
C LYS A 186 29.42 -29.95 11.03
N ALA A 187 29.42 -28.61 10.95
CA ALA A 187 30.02 -27.89 9.83
C ALA A 187 31.04 -26.89 10.33
N CYS A 201 40.23 -22.42 12.41
CA CYS A 201 38.86 -22.47 11.88
C CYS A 201 37.86 -23.04 12.90
N LEU A 202 38.21 -24.15 13.58
CA LEU A 202 37.32 -24.77 14.56
C LEU A 202 37.27 -24.06 15.92
N LEU A 203 38.10 -23.02 16.13
CA LEU A 203 38.10 -22.21 17.35
C LEU A 203 37.15 -20.98 17.24
N PRO A 204 37.22 -20.12 16.19
CA PRO A 204 36.27 -19.00 16.10
C PRO A 204 34.84 -19.42 15.69
N LYS A 205 34.70 -20.59 15.03
CA LYS A 205 33.39 -21.09 14.62
C LYS A 205 32.65 -21.64 15.84
N LEU A 206 33.34 -22.40 16.72
CA LEU A 206 32.73 -22.94 17.95
C LEU A 206 32.45 -21.86 18.98
N ASP A 207 33.27 -20.80 18.99
CA ASP A 207 33.03 -19.67 19.90
C ASP A 207 31.81 -18.87 19.45
N GLU A 208 31.59 -18.78 18.13
CA GLU A 208 30.42 -18.10 17.54
C GLU A 208 29.15 -18.90 17.86
N LEU A 209 29.23 -20.24 17.75
CA LEU A 209 28.12 -21.17 18.06
C LEU A 209 27.89 -21.33 19.57
N ARG A 210 28.87 -20.96 20.40
CA ARG A 210 28.72 -21.00 21.85
C ARG A 210 27.89 -19.77 22.24
N ASP A 211 28.26 -18.59 21.72
CA ASP A 211 27.57 -17.32 21.98
C ASP A 211 26.18 -17.29 21.34
N GLU A 212 26.03 -17.88 20.13
CA GLU A 212 24.74 -17.92 19.43
C GLU A 212 23.77 -18.85 20.17
N GLY A 213 24.27 -20.00 20.59
CA GLY A 213 23.50 -20.97 21.36
C GLY A 213 23.13 -20.48 22.74
N LYS A 214 23.94 -19.58 23.29
CA LYS A 214 23.67 -18.96 24.59
C LYS A 214 22.49 -18.01 24.48
N ALA A 215 22.29 -17.34 23.32
CA ALA A 215 21.19 -16.42 23.10
C ALA A 215 19.85 -17.15 22.96
N SER A 216 19.80 -18.23 22.16
CA SER A 216 18.58 -19.01 21.93
C SER A 216 18.11 -19.73 23.18
N SER A 217 19.05 -20.22 24.00
CA SER A 217 18.72 -20.91 25.23
C SER A 217 18.03 -19.95 26.20
N ALA A 218 18.58 -18.73 26.30
CA ALA A 218 18.06 -17.69 27.17
C ALA A 218 16.71 -17.23 26.67
N LYS A 219 16.57 -17.06 25.34
CA LYS A 219 15.33 -16.65 24.69
C LYS A 219 14.22 -17.63 25.00
N GLN A 220 14.51 -18.95 24.91
CA GLN A 220 13.51 -19.98 25.17
C GLN A 220 13.15 -20.11 26.66
N ARG A 221 14.06 -19.71 27.56
CA ARG A 221 13.77 -19.71 29.00
C ARG A 221 12.66 -18.67 29.28
N LEU A 222 12.75 -17.48 28.64
CA LEU A 222 11.80 -16.37 28.74
C LEU A 222 10.47 -16.85 28.19
N LYS A 223 10.48 -17.50 27.00
CA LYS A 223 9.26 -17.99 26.36
C LYS A 223 8.55 -19.00 27.25
N CYS A 224 9.28 -20.01 27.74
CA CYS A 224 8.68 -21.01 28.62
C CYS A 224 8.21 -20.40 29.96
N ALA A 225 8.86 -19.29 30.41
CA ALA A 225 8.52 -18.64 31.67
C ALA A 225 7.21 -17.86 31.60
N SER A 226 7.00 -17.06 30.55
CA SER A 226 5.78 -16.30 30.38
C SER A 226 4.54 -17.22 30.21
N LEU A 227 4.74 -18.44 29.69
CA LEU A 227 3.68 -19.40 29.44
C LEU A 227 3.07 -19.92 30.73
N GLN A 228 3.92 -20.37 31.67
CA GLN A 228 3.41 -20.90 32.93
C GLN A 228 3.09 -19.79 33.89
N LYS A 229 4.03 -18.84 34.07
CA LYS A 229 3.87 -17.73 35.01
C LYS A 229 2.76 -16.74 34.66
N PHE A 230 2.56 -16.42 33.37
CA PHE A 230 1.56 -15.40 33.02
C PHE A 230 0.43 -15.90 32.12
N GLY A 231 0.41 -17.18 31.77
CA GLY A 231 -0.71 -17.75 31.03
C GLY A 231 -0.56 -17.89 29.53
N GLU A 232 -1.47 -18.67 28.90
CA GLU A 232 -1.45 -18.91 27.46
C GLU A 232 -1.85 -17.65 26.70
N ARG A 233 -2.90 -16.98 27.13
CA ARG A 233 -3.39 -15.73 26.54
C ARG A 233 -2.29 -14.66 26.49
N ALA A 234 -1.43 -14.60 27.50
CA ALA A 234 -0.32 -13.65 27.53
C ALA A 234 0.69 -13.99 26.44
N PHE A 235 1.01 -15.29 26.24
CA PHE A 235 1.95 -15.69 25.18
C PHE A 235 1.33 -15.35 23.82
N LYS A 236 0.07 -15.76 23.59
CA LYS A 236 -0.65 -15.47 22.35
C LYS A 236 -0.65 -13.96 22.06
N ALA A 237 -0.73 -13.12 23.10
CA ALA A 237 -0.73 -11.66 22.98
C ALA A 237 0.61 -11.13 22.51
N TRP A 238 1.69 -11.76 22.97
CA TRP A 238 3.03 -11.42 22.52
C TRP A 238 3.14 -11.86 21.07
N ALA A 239 2.66 -13.09 20.75
CA ALA A 239 2.67 -13.74 19.44
C ALA A 239 2.04 -12.85 18.39
N VAL A 240 0.85 -12.29 18.67
CA VAL A 240 0.14 -11.39 17.77
C VAL A 240 1.00 -10.19 17.45
N ALA A 241 1.59 -9.60 18.47
CA ALA A 241 2.42 -8.42 18.33
C ALA A 241 3.71 -8.67 17.56
N ARG A 242 4.56 -9.62 17.98
CA ARG A 242 5.85 -9.84 17.31
C ARG A 242 5.68 -10.40 15.92
N LEU A 243 4.68 -11.26 15.73
CA LEU A 243 4.40 -11.79 14.40
C LEU A 243 3.90 -10.69 13.52
N SER A 244 2.97 -9.82 14.00
CA SER A 244 2.41 -8.71 13.22
C SER A 244 3.42 -7.69 12.73
N GLN A 245 4.43 -7.40 13.56
CA GLN A 245 5.52 -6.52 13.17
C GLN A 245 6.35 -7.19 12.07
N ARG A 246 6.61 -8.48 12.25
CA ARG A 246 7.38 -9.25 11.32
C ARG A 246 6.66 -9.41 10.00
N PHE A 247 5.38 -9.73 10.01
CA PHE A 247 4.62 -9.97 8.78
C PHE A 247 3.46 -8.97 8.62
N PRO A 248 3.74 -7.66 8.42
CA PRO A 248 2.65 -6.69 8.30
C PRO A 248 1.76 -6.85 7.09
N LYS A 249 2.22 -7.61 6.08
CA LYS A 249 1.43 -7.82 4.89
C LYS A 249 0.31 -8.84 5.15
N ALA A 250 0.59 -9.86 5.99
CA ALA A 250 -0.34 -10.94 6.30
C ALA A 250 -1.63 -10.45 6.89
N GLU A 251 -2.77 -10.99 6.40
CA GLU A 251 -4.07 -10.61 6.97
C GLU A 251 -4.25 -11.17 8.39
N PHE A 252 -5.19 -10.60 9.18
CA PHE A 252 -5.34 -11.03 10.58
C PHE A 252 -5.51 -12.54 10.74
N ALA A 253 -6.26 -13.18 9.85
CA ALA A 253 -6.47 -14.61 9.94
C ALA A 253 -5.18 -15.39 9.81
N GLU A 254 -4.29 -15.03 8.86
CA GLU A 254 -3.01 -15.75 8.73
C GLU A 254 -2.12 -15.54 9.93
N VAL A 255 -2.18 -14.34 10.53
CA VAL A 255 -1.41 -14.03 11.74
C VAL A 255 -1.95 -14.86 12.87
N SER A 256 -3.27 -14.88 13.08
CA SER A 256 -3.92 -15.66 14.12
C SER A 256 -3.63 -17.16 13.97
N LYS A 257 -3.41 -17.65 12.72
CA LYS A 257 -3.04 -19.02 12.40
C LYS A 257 -1.64 -19.22 12.91
N LEU A 258 -0.70 -18.30 12.60
CA LEU A 258 0.66 -18.44 13.09
C LEU A 258 0.71 -18.39 14.61
N VAL A 259 -0.06 -17.49 15.23
CA VAL A 259 -0.18 -17.36 16.68
C VAL A 259 -0.65 -18.65 17.29
N THR A 260 -1.71 -19.25 16.71
CA THR A 260 -2.30 -20.48 17.19
C THR A 260 -1.34 -21.65 17.04
N ASP A 261 -0.68 -21.79 15.91
CA ASP A 261 0.23 -22.90 15.68
C ASP A 261 1.52 -22.80 16.46
N LEU A 262 2.03 -21.59 16.64
CA LEU A 262 3.25 -21.33 17.38
C LEU A 262 3.08 -21.52 18.86
N THR A 263 1.88 -21.24 19.39
CA THR A 263 1.62 -21.46 20.80
C THR A 263 1.64 -22.97 21.08
N LYS A 264 1.03 -23.79 20.19
CA LYS A 264 1.04 -25.25 20.32
C LYS A 264 2.49 -25.77 20.29
N VAL A 265 3.36 -25.16 19.48
CA VAL A 265 4.75 -25.58 19.42
C VAL A 265 5.46 -25.32 20.76
N HIS A 266 5.50 -24.06 21.24
CA HIS A 266 6.16 -23.69 22.47
C HIS A 266 5.55 -24.27 23.73
N THR A 267 4.23 -24.51 23.74
CA THR A 267 3.60 -25.17 24.89
C THR A 267 4.09 -26.61 24.96
N GLU A 268 4.15 -27.28 23.82
CA GLU A 268 4.64 -28.65 23.77
C GLU A 268 6.12 -28.73 24.15
N CYS A 269 6.95 -27.80 23.64
CA CYS A 269 8.38 -27.82 23.95
C CYS A 269 8.67 -27.61 25.41
N CYS A 270 7.89 -26.73 26.06
CA CYS A 270 8.06 -26.49 27.48
C CYS A 270 7.58 -27.68 28.29
N HIS A 271 6.51 -28.34 27.84
CA HIS A 271 5.98 -29.50 28.55
C HIS A 271 6.70 -30.81 28.29
N GLY A 272 7.93 -30.73 27.79
CA GLY A 272 8.72 -31.93 27.51
C GLY A 272 8.20 -32.80 26.38
N ASP A 273 7.16 -32.32 25.68
CA ASP A 273 6.56 -32.96 24.51
C ASP A 273 7.46 -32.55 23.34
N LEU A 274 8.77 -32.81 23.49
CA LEU A 274 9.84 -32.43 22.60
C LEU A 274 9.74 -33.10 21.23
N LEU A 275 9.15 -34.31 21.13
CA LEU A 275 8.97 -34.96 19.81
C LEU A 275 7.80 -34.31 19.05
N GLU A 276 6.73 -33.92 19.75
CA GLU A 276 5.58 -33.25 19.13
C GLU A 276 5.96 -31.85 18.67
N CYS A 277 6.70 -31.14 19.51
CA CYS A 277 7.19 -29.79 19.27
C CYS A 277 7.95 -29.66 17.93
N ALA A 278 8.96 -30.51 17.69
CA ALA A 278 9.78 -30.45 16.48
C ALA A 278 9.02 -30.81 15.21
N ASP A 279 8.09 -31.73 15.36
CA ASP A 279 7.23 -32.20 14.28
C ASP A 279 6.32 -31.03 13.86
N ASP A 280 5.76 -30.32 14.85
CA ASP A 280 4.88 -29.21 14.61
C ASP A 280 5.60 -27.96 14.13
N ARG A 281 6.78 -27.66 14.71
CA ARG A 281 7.59 -26.50 14.28
C ARG A 281 7.94 -26.59 12.78
N ALA A 282 8.08 -27.84 12.25
CA ALA A 282 8.35 -28.13 10.86
C ALA A 282 7.11 -27.92 9.97
N ASP A 283 5.93 -28.22 10.52
CA ASP A 283 4.67 -28.05 9.81
C ASP A 283 4.26 -26.59 9.67
N LEU A 284 4.43 -25.76 10.73
CA LEU A 284 4.13 -24.33 10.60
C LEU A 284 5.17 -23.72 9.62
N ALA A 285 6.43 -24.21 9.62
CA ALA A 285 7.47 -23.74 8.73
C ALA A 285 7.13 -24.07 7.30
N LYS A 286 6.55 -25.27 7.05
CA LYS A 286 6.11 -25.69 5.72
C LYS A 286 4.99 -24.76 5.29
N TYR A 287 3.92 -24.65 6.09
CA TYR A 287 2.79 -23.76 5.83
C TYR A 287 3.20 -22.33 5.44
N ILE A 288 4.15 -21.70 6.18
CA ILE A 288 4.55 -20.33 5.81
C ILE A 288 5.21 -20.35 4.44
N CYS A 289 6.04 -21.34 4.18
CA CYS A 289 6.74 -21.45 2.93
C CYS A 289 5.86 -21.78 1.74
N GLU A 290 4.79 -22.54 1.98
CA GLU A 290 3.86 -22.88 0.92
C GLU A 290 2.98 -21.66 0.56
N ASN A 291 2.63 -20.85 1.55
CA ASN A 291 1.76 -19.68 1.36
C ASN A 291 2.54 -18.37 1.64
N GLN A 292 3.78 -18.25 1.14
CA GLN A 292 4.62 -17.08 1.48
C GLN A 292 4.10 -15.73 0.97
N ASP A 293 3.29 -15.71 -0.09
CA ASP A 293 2.70 -14.45 -0.56
C ASP A 293 1.67 -13.98 0.47
N SER A 294 0.92 -14.92 1.08
CA SER A 294 -0.10 -14.60 2.06
C SER A 294 0.50 -14.19 3.42
N ILE A 295 1.83 -14.36 3.63
CA ILE A 295 2.55 -14.06 4.89
C ILE A 295 3.62 -12.89 4.78
N SER A 296 4.66 -13.11 3.96
CA SER A 296 5.80 -12.18 3.83
C SER A 296 6.53 -12.35 2.47
N SER A 297 7.43 -11.42 2.17
CA SER A 297 8.25 -11.46 0.97
C SER A 297 9.60 -12.12 1.31
N LYS A 298 10.17 -11.71 2.45
CA LYS A 298 11.45 -12.13 2.99
C LYS A 298 11.66 -13.66 3.03
N LEU A 299 10.57 -14.43 3.16
CA LEU A 299 10.60 -15.88 3.28
C LEU A 299 11.11 -16.69 2.05
N LYS A 300 11.20 -16.06 0.86
CA LYS A 300 11.64 -16.77 -0.34
C LYS A 300 12.92 -17.60 -0.19
N GLU A 301 14.00 -16.99 0.31
CA GLU A 301 15.27 -17.70 0.46
C GLU A 301 15.26 -18.67 1.62
N CYS A 302 14.60 -18.32 2.74
CA CYS A 302 14.49 -19.20 3.90
C CYS A 302 13.88 -20.55 3.55
N CYS A 303 12.94 -20.54 2.61
CA CYS A 303 12.22 -21.72 2.22
C CYS A 303 12.95 -22.60 1.23
N GLU A 304 14.06 -22.14 0.66
CA GLU A 304 14.87 -22.98 -0.22
C GLU A 304 15.69 -23.94 0.68
N LYS A 305 16.22 -23.43 1.82
CA LYS A 305 17.01 -24.14 2.84
C LYS A 305 16.41 -25.49 3.29
N PRO A 306 17.24 -26.46 3.76
CA PRO A 306 16.67 -27.76 4.17
C PRO A 306 16.06 -27.76 5.57
N LEU A 307 15.03 -28.60 5.74
CA LEU A 307 14.19 -28.83 6.92
C LEU A 307 14.62 -28.15 8.24
N LEU A 308 15.78 -28.51 8.84
CA LEU A 308 16.17 -27.94 10.13
C LEU A 308 16.57 -26.46 10.03
N GLU A 309 17.15 -26.07 8.90
CA GLU A 309 17.55 -24.70 8.63
C GLU A 309 16.34 -23.86 8.27
N LYS A 310 15.47 -24.36 7.34
CA LYS A 310 14.24 -23.67 6.88
C LYS A 310 13.46 -23.04 8.03
N SER A 311 13.27 -23.77 9.13
CA SER A 311 12.56 -23.29 10.31
C SER A 311 13.33 -22.16 11.02
N HIS A 312 14.64 -22.36 11.26
CA HIS A 312 15.50 -21.39 11.92
C HIS A 312 15.55 -20.07 11.15
N CYS A 313 15.60 -20.13 9.81
CA CYS A 313 15.64 -18.94 8.97
C CYS A 313 14.39 -18.09 9.10
N ILE A 314 13.20 -18.72 8.98
CA ILE A 314 11.89 -18.06 9.08
C ILE A 314 11.74 -17.35 10.42
N ALA A 315 12.21 -17.99 11.49
CA ALA A 315 12.17 -17.42 12.82
C ALA A 315 13.01 -16.13 12.88
N GLU A 316 14.17 -16.11 12.20
CA GLU A 316 15.07 -14.95 12.18
C GLU A 316 14.76 -13.94 11.07
N VAL A 317 13.82 -14.27 10.15
CA VAL A 317 13.43 -13.48 8.99
C VAL A 317 13.24 -11.99 9.31
N GLU A 318 13.56 -11.16 8.33
CA GLU A 318 13.47 -9.71 8.47
C GLU A 318 12.03 -9.24 8.44
N ASN A 319 11.77 -8.08 9.06
CA ASN A 319 10.44 -7.48 9.03
C ASN A 319 10.08 -7.10 7.61
N ASP A 320 8.90 -7.52 7.17
CA ASP A 320 8.44 -7.23 5.83
C ASP A 320 8.08 -5.75 5.69
N GLU A 321 8.27 -5.17 4.48
CA GLU A 321 7.94 -3.78 4.19
C GLU A 321 6.43 -3.62 4.33
N MET A 322 6.01 -3.04 5.45
CA MET A 322 4.58 -2.89 5.75
C MET A 322 3.79 -2.24 4.64
N PRO A 323 2.61 -2.80 4.30
CA PRO A 323 1.78 -2.22 3.24
C PRO A 323 1.66 -0.70 3.29
N ALA A 324 1.64 -0.09 2.12
CA ALA A 324 1.63 1.35 2.01
C ALA A 324 0.31 2.00 2.30
N ASP A 325 0.37 3.19 2.92
CA ASP A 325 -0.76 4.05 3.24
C ASP A 325 -1.92 3.31 3.93
N LEU A 326 -1.65 2.71 5.10
CA LEU A 326 -2.68 2.03 5.89
C LEU A 326 -3.49 3.09 6.62
N PRO A 327 -4.82 2.90 6.76
CA PRO A 327 -5.63 3.90 7.48
C PRO A 327 -5.28 3.98 8.97
N SER A 328 -5.85 4.97 9.68
CA SER A 328 -5.59 5.09 11.10
C SER A 328 -6.43 4.10 11.84
N LEU A 329 -5.83 3.43 12.84
CA LEU A 329 -6.56 2.50 13.72
C LEU A 329 -7.71 3.26 14.45
N ALA A 330 -7.60 4.60 14.58
CA ALA A 330 -8.59 5.51 15.18
C ALA A 330 -9.96 5.35 14.53
N ALA A 331 -10.00 5.11 13.22
CA ALA A 331 -11.26 4.96 12.52
C ALA A 331 -12.12 3.79 13.01
N ASP A 332 -11.53 2.59 13.11
CA ASP A 332 -12.28 1.41 13.50
C ASP A 332 -12.14 1.04 14.98
N PHE A 333 -11.28 1.75 15.74
CA PHE A 333 -11.08 1.45 17.16
C PHE A 333 -11.50 2.59 18.09
N VAL A 334 -11.79 3.78 17.56
CA VAL A 334 -12.19 4.94 18.38
C VAL A 334 -13.43 5.64 17.77
N GLU A 335 -13.46 5.73 16.44
CA GLU A 335 -14.53 6.40 15.73
C GLU A 335 -15.73 5.54 15.52
N SER A 336 -15.54 4.27 15.13
CA SER A 336 -16.64 3.34 14.84
C SER A 336 -17.77 3.37 15.85
N LYS A 337 -19.00 3.26 15.31
CA LYS A 337 -20.20 3.22 16.14
C LYS A 337 -20.22 1.89 16.90
N ASP A 338 -19.81 0.79 16.24
CA ASP A 338 -19.84 -0.53 16.86
C ASP A 338 -18.54 -0.94 17.60
N VAL A 339 -17.76 0.01 18.20
CA VAL A 339 -16.53 -0.37 18.94
C VAL A 339 -16.85 -1.24 20.16
N CYS A 340 -17.88 -0.85 20.90
CA CYS A 340 -18.27 -1.59 22.09
C CYS A 340 -19.02 -2.87 21.76
N LYS A 341 -19.81 -2.87 20.67
CA LYS A 341 -20.56 -4.05 20.26
C LYS A 341 -19.59 -5.11 19.75
N ASN A 342 -18.60 -4.69 18.94
CA ASN A 342 -17.59 -5.61 18.41
C ASN A 342 -16.73 -6.10 19.55
N TYR A 343 -16.35 -5.22 20.49
CA TYR A 343 -15.54 -5.65 21.64
C TYR A 343 -16.32 -6.68 22.48
N ALA A 344 -17.61 -6.42 22.72
CA ALA A 344 -18.44 -7.34 23.50
C ALA A 344 -18.57 -8.68 22.82
N GLU A 345 -18.68 -8.68 21.48
CA GLU A 345 -18.82 -9.88 20.69
C GLU A 345 -17.74 -10.94 20.98
N ALA A 346 -16.48 -10.68 20.61
CA ALA A 346 -15.38 -11.60 20.91
C ALA A 346 -14.23 -10.73 21.43
N LYS A 347 -14.31 -10.33 22.71
CA LYS A 347 -13.41 -9.42 23.38
C LYS A 347 -11.92 -9.67 23.09
N ASP A 348 -11.47 -10.90 23.22
CA ASP A 348 -10.08 -11.23 22.94
C ASP A 348 -9.74 -11.05 21.46
N VAL A 349 -10.62 -11.46 20.53
CA VAL A 349 -10.35 -11.30 19.10
C VAL A 349 -10.33 -9.84 18.73
N PHE A 350 -11.24 -9.03 19.29
CA PHE A 350 -11.25 -7.60 18.98
C PHE A 350 -9.99 -6.94 19.47
N LEU A 351 -9.51 -7.30 20.66
CA LEU A 351 -8.27 -6.74 21.20
C LEU A 351 -7.07 -7.22 20.43
N GLY A 352 -7.07 -8.48 20.03
CA GLY A 352 -6.01 -9.07 19.23
C GLY A 352 -5.91 -8.40 17.89
N MET A 353 -7.05 -7.94 17.37
CA MET A 353 -7.13 -7.18 16.14
C MET A 353 -6.56 -5.80 16.34
N PHE A 354 -6.79 -5.20 17.51
CA PHE A 354 -6.21 -3.91 17.89
C PHE A 354 -4.67 -4.04 17.86
N LEU A 355 -4.15 -5.06 18.54
CA LEU A 355 -2.74 -5.34 18.60
C LEU A 355 -2.18 -5.63 17.23
N TYR A 356 -2.92 -6.36 16.40
CA TYR A 356 -2.50 -6.71 15.07
C TYR A 356 -2.24 -5.45 14.24
N GLU A 357 -3.20 -4.53 14.25
CA GLU A 357 -3.10 -3.30 13.47
C GLU A 357 -2.03 -2.38 14.03
N TYR A 358 -2.00 -2.19 15.35
CA TYR A 358 -1.01 -1.31 15.96
C TYR A 358 0.38 -1.83 15.75
N ALA A 359 0.60 -3.14 15.92
CA ALA A 359 1.90 -3.75 15.77
C ALA A 359 2.38 -3.75 14.35
N ARG A 360 1.52 -4.05 13.36
CA ARG A 360 1.95 -4.05 11.96
C ARG A 360 2.45 -2.64 11.54
N ARG A 361 1.84 -1.60 12.10
CA ARG A 361 2.19 -0.21 11.84
C ARG A 361 3.36 0.32 12.71
N HIS A 362 3.71 -0.39 13.79
CA HIS A 362 4.80 0.05 14.65
C HIS A 362 5.87 -0.97 14.85
N PRO A 363 6.74 -1.13 13.84
CA PRO A 363 7.87 -2.07 13.98
C PRO A 363 9.02 -1.50 14.81
N ASP A 364 8.97 -0.17 15.07
CA ASP A 364 9.88 0.63 15.89
C ASP A 364 9.57 0.49 17.38
N TYR A 365 8.34 0.10 17.74
CA TYR A 365 7.96 -0.08 19.14
C TYR A 365 8.49 -1.45 19.63
N SER A 366 8.48 -1.64 20.94
CA SER A 366 8.84 -2.91 21.54
C SER A 366 7.59 -3.76 21.47
N VAL A 367 7.73 -5.08 21.71
CA VAL A 367 6.53 -5.93 21.78
C VAL A 367 5.78 -5.59 23.10
N VAL A 368 6.55 -5.39 24.19
CA VAL A 368 6.04 -5.02 25.50
C VAL A 368 5.37 -3.67 25.47
N LEU A 369 5.88 -2.72 24.65
CA LEU A 369 5.22 -1.42 24.51
C LEU A 369 3.89 -1.64 23.83
N LEU A 370 3.86 -2.43 22.74
CA LEU A 370 2.60 -2.73 22.06
C LEU A 370 1.57 -3.38 23.03
N LEU A 371 2.08 -4.17 23.98
CA LEU A 371 1.25 -4.83 24.98
C LEU A 371 0.76 -3.87 26.00
N ARG A 372 1.54 -2.84 26.38
CA ARG A 372 1.06 -1.81 27.33
C ARG A 372 -0.03 -0.95 26.66
N LEU A 373 0.12 -0.70 25.36
CA LEU A 373 -0.85 0.06 24.57
C LEU A 373 -2.13 -0.75 24.33
N ALA A 374 -1.99 -2.07 24.19
CA ALA A 374 -3.14 -2.94 24.05
C ALA A 374 -3.85 -3.00 25.41
N LYS A 375 -3.08 -3.19 26.50
CA LYS A 375 -3.61 -3.29 27.84
C LYS A 375 -4.33 -2.04 28.25
N THR A 376 -3.78 -0.87 27.91
CA THR A 376 -4.46 0.39 28.28
C THR A 376 -5.74 0.61 27.48
N TYR A 377 -5.74 0.19 26.22
CA TYR A 377 -6.92 0.29 25.37
C TYR A 377 -7.99 -0.66 25.91
N GLU A 378 -7.61 -1.89 26.28
CA GLU A 378 -8.53 -2.86 26.86
C GLU A 378 -9.14 -2.30 28.13
N THR A 379 -8.29 -1.75 29.00
CA THR A 379 -8.66 -1.17 30.29
C THR A 379 -9.71 -0.06 30.08
N THR A 380 -9.52 0.86 29.10
CA THR A 380 -10.52 1.91 28.88
C THR A 380 -11.76 1.38 28.21
N LEU A 381 -11.62 0.39 27.31
CA LEU A 381 -12.79 -0.20 26.66
C LEU A 381 -13.72 -0.86 27.69
N GLU A 382 -13.12 -1.51 28.72
CA GLU A 382 -13.84 -2.18 29.78
C GLU A 382 -14.70 -1.24 30.61
N LYS A 383 -14.13 -0.08 30.95
CA LYS A 383 -14.79 0.95 31.75
C LYS A 383 -15.78 1.74 30.90
N CYS A 384 -15.37 2.12 29.68
CA CYS A 384 -16.13 2.96 28.76
C CYS A 384 -17.40 2.35 28.23
N CYS A 385 -17.39 1.07 27.87
CA CYS A 385 -18.59 0.44 27.34
C CYS A 385 -19.75 0.44 28.35
N ALA A 386 -19.45 0.50 29.66
CA ALA A 386 -20.45 0.57 30.73
C ALA A 386 -21.07 1.95 30.90
N ALA A 387 -20.32 3.01 30.55
CA ALA A 387 -20.71 4.42 30.66
C ALA A 387 -21.92 4.81 29.77
N ALA A 388 -22.55 5.96 30.06
CA ALA A 388 -23.69 6.44 29.29
C ALA A 388 -23.30 6.73 27.82
N ASP A 389 -22.22 7.52 27.59
CA ASP A 389 -21.75 7.75 26.23
C ASP A 389 -20.41 7.05 26.10
N PRO A 390 -20.36 5.73 25.77
CA PRO A 390 -19.07 5.06 25.64
C PRO A 390 -18.20 5.77 24.61
N HIS A 391 -18.79 6.18 23.47
CA HIS A 391 -18.06 6.92 22.44
C HIS A 391 -17.34 8.15 22.98
N GLU A 392 -18.02 9.03 23.70
CA GLU A 392 -17.38 10.21 24.26
C GLU A 392 -16.35 9.83 25.36
N CYS A 393 -16.57 8.70 26.06
CA CYS A 393 -15.70 8.19 27.10
C CYS A 393 -14.33 7.85 26.52
N TYR A 394 -14.30 6.94 25.53
CA TYR A 394 -13.06 6.51 24.92
C TYR A 394 -12.58 7.37 23.79
N ALA A 395 -13.32 8.43 23.39
CA ALA A 395 -12.95 9.25 22.25
C ALA A 395 -11.51 9.78 22.27
N LYS A 396 -10.90 9.92 23.46
CA LYS A 396 -9.52 10.39 23.54
C LYS A 396 -8.55 9.31 24.05
N VAL A 397 -8.84 8.02 23.80
CA VAL A 397 -8.01 6.90 24.31
C VAL A 397 -6.58 6.95 23.82
N PHE A 398 -6.36 7.20 22.53
CA PHE A 398 -5.03 7.22 21.92
C PHE A 398 -4.11 8.28 22.51
N ASP A 399 -4.70 9.37 23.04
CA ASP A 399 -3.95 10.44 23.72
C ASP A 399 -3.37 9.98 25.08
N GLU A 400 -3.83 8.82 25.60
CA GLU A 400 -3.32 8.20 26.82
C GLU A 400 -2.08 7.33 26.52
N PHE A 401 -1.90 6.89 25.23
CA PHE A 401 -0.74 6.10 24.79
C PHE A 401 0.52 6.96 24.74
N LYS A 402 0.39 8.32 24.66
CA LYS A 402 1.51 9.23 24.59
C LYS A 402 2.56 9.01 25.71
N PRO A 403 2.25 9.04 27.03
CA PRO A 403 3.29 8.83 28.03
C PRO A 403 3.94 7.45 27.99
N LEU A 404 3.19 6.44 27.55
CA LEU A 404 3.65 5.05 27.47
C LEU A 404 4.75 4.84 26.44
N VAL A 405 4.58 5.47 25.26
CA VAL A 405 5.56 5.42 24.18
C VAL A 405 6.68 6.43 24.39
N GLU A 406 6.43 7.51 25.16
CA GLU A 406 7.43 8.50 25.43
C GLU A 406 8.44 7.86 26.39
N GLU A 407 7.99 7.38 27.55
CA GLU A 407 8.83 6.78 28.58
C GLU A 407 10.02 5.91 28.06
N PRO A 408 9.86 4.89 27.17
CA PRO A 408 11.03 4.11 26.75
C PRO A 408 11.88 4.78 25.67
N GLN A 409 11.27 5.66 24.87
CA GLN A 409 11.99 6.40 23.86
C GLN A 409 12.89 7.43 24.56
N ASN A 410 12.39 8.09 25.61
CA ASN A 410 13.13 9.05 26.41
C ASN A 410 14.26 8.37 27.16
N LEU A 411 14.04 7.15 27.64
CA LEU A 411 15.07 6.40 28.35
C LEU A 411 16.15 5.99 27.37
N ILE A 412 15.78 5.49 26.19
CA ILE A 412 16.75 5.09 25.17
C ILE A 412 17.60 6.26 24.73
N LYS A 413 16.96 7.42 24.52
CA LYS A 413 17.68 8.63 24.11
C LYS A 413 18.57 9.20 25.23
N GLN A 414 18.13 9.14 26.49
CA GLN A 414 18.93 9.64 27.59
C GLN A 414 20.14 8.73 27.84
N ASN A 415 19.95 7.41 27.77
CA ASN A 415 21.03 6.46 27.98
C ASN A 415 21.97 6.35 26.80
N CYS A 416 21.47 6.54 25.58
CA CYS A 416 22.33 6.50 24.38
C CYS A 416 23.16 7.78 24.24
N GLU A 417 22.69 8.90 24.83
CA GLU A 417 23.44 10.16 24.86
C GLU A 417 24.71 9.94 25.72
N LEU A 418 24.56 9.23 26.88
CA LEU A 418 25.69 8.87 27.75
C LEU A 418 26.61 7.85 27.07
N PHE A 419 26.04 6.82 26.42
CA PHE A 419 26.86 5.83 25.74
C PHE A 419 27.69 6.45 24.62
N GLU A 420 27.07 7.29 23.78
CA GLU A 420 27.78 7.94 22.68
C GLU A 420 28.81 9.01 23.14
N GLN A 421 28.99 9.18 24.47
CA GLN A 421 29.95 10.12 25.00
C GLN A 421 30.87 9.53 26.08
N LEU A 422 30.62 8.28 26.54
CA LEU A 422 31.45 7.64 27.57
C LEU A 422 32.10 6.32 27.14
N GLY A 423 31.51 5.64 26.16
CA GLY A 423 32.01 4.36 25.70
C GLY A 423 31.55 3.19 26.57
N GLU A 424 31.88 1.96 26.19
CA GLU A 424 31.45 0.76 26.92
C GLU A 424 32.11 0.59 28.32
N TYR A 425 33.21 1.30 28.58
CA TYR A 425 33.87 1.23 29.89
C TYR A 425 33.28 2.31 30.82
N LYS A 426 33.36 3.60 30.43
CA LYS A 426 32.85 4.70 31.25
C LYS A 426 31.30 4.76 31.30
N PHE A 427 30.61 4.02 30.41
CA PHE A 427 29.16 3.91 30.47
C PHE A 427 28.80 2.70 31.34
N GLN A 428 29.54 1.57 31.22
CA GLN A 428 29.31 0.41 32.07
C GLN A 428 29.58 0.79 33.54
N ASN A 429 30.64 1.61 33.78
CA ASN A 429 31.00 2.10 35.10
C ASN A 429 29.90 2.98 35.67
N ALA A 430 29.30 3.82 34.83
CA ALA A 430 28.23 4.71 35.26
C ALA A 430 26.98 3.91 35.62
N LEU A 431 26.67 2.87 34.82
CA LEU A 431 25.51 2.02 35.08
C LEU A 431 25.70 1.21 36.39
N LEU A 432 26.95 0.77 36.69
CA LEU A 432 27.29 0.02 37.90
C LEU A 432 27.15 0.86 39.18
N VAL A 433 27.26 2.17 39.07
CA VAL A 433 27.08 3.06 40.21
C VAL A 433 25.57 3.26 40.44
N ARG A 434 24.82 3.52 39.35
CA ARG A 434 23.39 3.74 39.48
C ARG A 434 22.63 2.48 39.89
N TYR A 435 22.91 1.34 39.25
CA TYR A 435 22.23 0.09 39.57
C TYR A 435 22.63 -0.48 40.92
N THR A 436 23.81 -0.12 41.46
CA THR A 436 24.20 -0.58 42.78
C THR A 436 23.55 0.30 43.84
N LYS A 437 23.45 1.62 43.61
CA LYS A 437 22.77 2.52 44.55
C LYS A 437 21.27 2.14 44.62
N LYS A 438 20.66 1.78 43.46
CA LYS A 438 19.26 1.37 43.34
C LYS A 438 18.97 0.12 44.18
N VAL A 439 19.74 -0.97 43.97
CA VAL A 439 19.54 -2.21 44.74
C VAL A 439 20.88 -2.72 45.29
N PRO A 440 21.32 -2.18 46.45
CA PRO A 440 22.61 -2.60 47.02
C PRO A 440 22.63 -3.98 47.68
N GLN A 441 21.52 -4.73 47.60
CA GLN A 441 21.43 -6.07 48.19
C GLN A 441 22.01 -7.17 47.27
N VAL A 442 22.35 -6.82 46.00
CA VAL A 442 22.93 -7.75 45.03
C VAL A 442 24.42 -8.05 45.34
N SER A 443 24.85 -9.29 45.08
CA SER A 443 26.24 -9.71 45.32
C SER A 443 27.15 -8.92 44.40
N THR A 444 28.24 -8.36 44.94
CA THR A 444 29.21 -7.56 44.21
C THR A 444 29.55 -8.09 42.79
N PRO A 445 29.92 -9.38 42.58
CA PRO A 445 30.21 -9.83 41.21
C PRO A 445 28.97 -10.06 40.34
N THR A 446 27.80 -10.39 40.93
CA THR A 446 26.56 -10.53 40.14
C THR A 446 26.06 -9.17 39.67
N LEU A 447 26.27 -8.11 40.48
CA LEU A 447 25.89 -6.75 40.11
C LEU A 447 26.86 -6.20 39.03
N VAL A 448 28.14 -6.63 39.06
CA VAL A 448 29.11 -6.24 38.05
C VAL A 448 28.71 -6.89 36.73
N GLU A 449 28.40 -8.20 36.76
CA GLU A 449 28.01 -8.93 35.56
C GLU A 449 26.77 -8.36 34.88
N VAL A 450 25.71 -8.06 35.65
CA VAL A 450 24.47 -7.47 35.10
C VAL A 450 24.63 -5.99 34.73
N SER A 451 25.63 -5.29 35.31
CA SER A 451 25.92 -3.90 34.99
C SER A 451 26.66 -3.82 33.65
N ARG A 452 27.66 -4.70 33.46
CA ARG A 452 28.39 -4.75 32.20
C ARG A 452 27.47 -5.34 31.11
N ASN A 453 26.57 -6.28 31.46
CA ASN A 453 25.60 -6.90 30.53
C ASN A 453 24.56 -5.89 30.10
N LEU A 454 24.03 -5.09 31.04
CA LEU A 454 23.04 -4.07 30.71
C LEU A 454 23.68 -2.90 29.91
N GLY A 455 24.97 -2.67 30.10
CA GLY A 455 25.72 -1.66 29.37
C GLY A 455 25.98 -2.13 27.95
N LYS A 456 26.34 -3.43 27.81
CA LYS A 456 26.56 -4.07 26.51
C LYS A 456 25.36 -3.90 25.58
N VAL A 457 24.15 -3.65 26.15
CA VAL A 457 22.91 -3.40 25.42
C VAL A 457 23.04 -2.07 24.68
N GLY A 458 23.46 -1.02 25.36
CA GLY A 458 23.66 0.29 24.75
C GLY A 458 24.65 0.27 23.59
N SER A 459 25.64 -0.63 23.67
CA SER A 459 26.66 -0.79 22.64
C SER A 459 26.06 -1.30 21.34
N LYS A 460 25.31 -2.40 21.41
CA LYS A 460 24.68 -2.99 20.26
C LYS A 460 23.23 -2.52 20.13
N CYS A 461 22.95 -1.24 20.45
CA CYS A 461 21.60 -0.69 20.33
C CYS A 461 21.63 0.76 19.89
N CYS A 462 22.59 1.54 20.40
CA CYS A 462 22.69 2.95 20.05
C CYS A 462 23.20 3.16 18.63
N LYS A 463 23.97 2.19 18.07
CA LYS A 463 24.47 2.22 16.69
C LYS A 463 23.29 2.41 15.73
N HIS A 464 22.23 1.60 15.90
CA HIS A 464 20.99 1.65 15.11
C HIS A 464 20.27 2.99 15.32
N PRO A 465 19.47 3.46 14.34
CA PRO A 465 18.78 4.75 14.51
C PRO A 465 17.55 4.70 15.43
N GLU A 466 16.93 5.88 15.73
CA GLU A 466 15.74 6.00 16.59
C GLU A 466 14.59 5.08 16.16
N ALA A 467 14.52 4.76 14.86
CA ALA A 467 13.52 3.90 14.27
C ALA A 467 13.68 2.42 14.66
N LYS A 468 14.90 1.99 14.95
CA LYS A 468 15.16 0.61 15.32
C LYS A 468 15.88 0.44 16.65
N ARG A 469 16.02 1.51 17.44
CA ARG A 469 16.69 1.48 18.72
C ARG A 469 15.85 0.74 19.75
N MET A 470 14.55 1.09 19.85
CA MET A 470 13.66 0.49 20.84
C MET A 470 13.48 -1.04 20.75
N PRO A 471 13.19 -1.65 19.57
CA PRO A 471 13.05 -3.11 19.52
C PRO A 471 14.34 -3.87 19.84
N CYS A 472 15.50 -3.26 19.56
CA CYS A 472 16.78 -3.86 19.88
C CYS A 472 17.02 -3.74 21.39
N ALA A 473 16.76 -2.56 21.94
CA ALA A 473 16.95 -2.32 23.36
C ALA A 473 16.05 -3.24 24.20
N GLU A 474 14.73 -3.30 23.91
CA GLU A 474 13.84 -4.19 24.65
C GLU A 474 14.27 -5.66 24.53
N ASP A 475 14.57 -6.13 23.31
CA ASP A 475 15.03 -7.52 23.07
C ASP A 475 16.20 -7.89 24.00
N TYR A 476 17.28 -7.09 24.02
CA TYR A 476 18.43 -7.38 24.87
C TYR A 476 18.10 -7.24 26.36
N LEU A 477 17.57 -6.06 26.77
CA LEU A 477 17.23 -5.79 28.17
C LEU A 477 16.36 -6.89 28.80
N SER A 478 15.34 -7.38 28.07
CA SER A 478 14.46 -8.46 28.55
C SER A 478 15.25 -9.72 28.89
N VAL A 479 16.17 -10.10 27.98
CA VAL A 479 17.02 -11.28 28.06
C VAL A 479 17.95 -11.24 29.28
N VAL A 480 18.51 -10.06 29.60
CA VAL A 480 19.39 -9.94 30.77
C VAL A 480 18.57 -9.87 32.05
N LEU A 481 17.43 -9.16 32.03
CA LEU A 481 16.56 -9.04 33.20
C LEU A 481 16.02 -10.42 33.61
N ASN A 482 15.73 -11.31 32.65
CA ASN A 482 15.27 -12.67 32.93
C ASN A 482 16.44 -13.53 33.46
N GLN A 483 17.67 -13.26 32.99
CA GLN A 483 18.87 -13.96 33.47
C GLN A 483 19.19 -13.53 34.93
N LEU A 484 18.84 -12.27 35.30
CA LEU A 484 19.02 -11.72 36.65
C LEU A 484 17.91 -12.26 37.53
N CYS A 485 16.66 -12.28 37.03
CA CYS A 485 15.52 -12.79 37.81
C CYS A 485 15.60 -14.30 38.03
N VAL A 486 16.19 -15.05 37.10
CA VAL A 486 16.38 -16.48 37.28
C VAL A 486 17.41 -16.69 38.40
N LEU A 487 18.51 -15.88 38.39
CA LEU A 487 19.61 -15.89 39.39
C LEU A 487 19.19 -15.40 40.79
N HIS A 488 18.20 -14.50 40.85
CA HIS A 488 17.69 -13.98 42.11
C HIS A 488 16.59 -14.89 42.68
N GLU A 489 15.80 -15.57 41.81
CA GLU A 489 14.78 -16.49 42.30
C GLU A 489 15.40 -17.65 43.10
N LYS A 490 16.55 -18.17 42.62
CA LYS A 490 17.29 -19.24 43.29
C LYS A 490 17.91 -18.75 44.59
N THR A 491 18.58 -17.57 44.60
CA THR A 491 19.17 -17.04 45.85
C THR A 491 18.65 -15.63 46.19
N PRO A 492 17.41 -15.51 46.74
CA PRO A 492 16.85 -14.17 47.00
C PRO A 492 17.63 -13.31 47.99
N VAL A 493 17.85 -12.04 47.60
CA VAL A 493 18.60 -11.06 48.37
C VAL A 493 17.81 -9.73 48.52
N SER A 494 16.87 -9.43 47.61
CA SER A 494 16.11 -8.17 47.64
C SER A 494 14.62 -8.33 47.34
N ASP A 495 13.77 -7.82 48.26
CA ASP A 495 12.30 -7.85 48.17
C ASP A 495 11.75 -7.00 47.02
N ARG A 496 12.52 -5.99 46.56
CA ARG A 496 12.12 -5.11 45.45
C ARG A 496 12.33 -5.83 44.13
N VAL A 497 13.45 -6.57 44.00
CA VAL A 497 13.74 -7.34 42.79
C VAL A 497 12.65 -8.41 42.61
N THR A 498 12.24 -9.06 43.73
CA THR A 498 11.15 -10.03 43.81
C THR A 498 9.86 -9.42 43.25
N LYS A 499 9.53 -8.18 43.68
CA LYS A 499 8.35 -7.47 43.21
C LYS A 499 8.38 -7.27 41.71
N CYS A 500 9.55 -6.88 41.17
CA CYS A 500 9.71 -6.64 39.74
C CYS A 500 9.62 -7.88 38.90
N CYS A 501 10.28 -8.96 39.33
CA CYS A 501 10.25 -10.22 38.61
C CYS A 501 8.83 -10.85 38.66
N THR A 502 8.16 -10.75 39.83
CA THR A 502 6.80 -11.27 40.03
C THR A 502 5.74 -10.48 39.25
N GLU A 503 6.00 -9.19 38.99
CA GLU A 503 5.07 -8.33 38.24
C GLU A 503 4.91 -8.82 36.77
N SER A 504 3.80 -8.41 36.09
CA SER A 504 3.51 -8.79 34.69
C SER A 504 4.69 -8.59 33.77
N LEU A 505 4.96 -9.56 32.89
CA LEU A 505 6.10 -9.51 31.95
C LEU A 505 6.18 -8.19 31.18
N VAL A 506 5.04 -7.53 31.01
CA VAL A 506 4.87 -6.27 30.30
C VAL A 506 5.59 -5.16 31.06
N ASN A 507 5.29 -4.97 32.35
CA ASN A 507 5.95 -3.94 33.14
C ASN A 507 7.12 -4.51 34.01
N ARG A 508 7.88 -5.49 33.46
CA ARG A 508 9.04 -6.02 34.18
C ARG A 508 10.16 -4.98 34.09
N ARG A 509 10.42 -4.45 32.88
CA ARG A 509 11.42 -3.40 32.72
C ARG A 509 10.95 -2.07 33.34
N PRO A 510 9.71 -1.58 33.10
CA PRO A 510 9.25 -0.35 33.78
C PRO A 510 9.45 -0.36 35.29
N CYS A 511 9.27 -1.52 35.92
CA CYS A 511 9.45 -1.69 37.36
C CYS A 511 10.91 -1.39 37.73
N PHE A 512 11.86 -2.01 37.03
CA PHE A 512 13.27 -1.81 37.29
C PHE A 512 13.73 -0.39 37.08
N SER A 513 13.16 0.29 36.09
CA SER A 513 13.52 1.68 35.79
C SER A 513 12.99 2.67 36.84
N ALA A 514 11.92 2.30 37.55
CA ALA A 514 11.32 3.13 38.58
C ALA A 514 12.11 3.09 39.88
N LEU A 515 12.89 2.02 40.12
CA LEU A 515 13.65 1.87 41.36
C LEU A 515 14.50 3.05 41.71
N GLU A 516 14.51 3.40 42.99
CA GLU A 516 15.35 4.48 43.46
C GLU A 516 16.36 3.92 44.48
N VAL A 517 17.24 4.76 45.02
CA VAL A 517 18.23 4.33 45.99
C VAL A 517 17.56 3.76 47.25
N ASP A 518 17.84 2.47 47.57
CA ASP A 518 17.24 1.80 48.73
C ASP A 518 17.67 2.43 50.02
N GLU A 519 16.79 3.26 50.55
CA GLU A 519 16.91 4.02 51.79
C GLU A 519 17.00 3.14 53.07
N THR A 520 16.85 1.82 52.93
CA THR A 520 16.91 0.85 54.02
C THR A 520 18.24 0.09 54.03
N TYR A 521 19.31 0.74 53.57
CA TYR A 521 20.63 0.10 53.50
C TYR A 521 21.59 0.85 54.36
N VAL A 522 22.23 0.14 55.30
CA VAL A 522 23.21 0.76 56.17
C VAL A 522 24.59 0.47 55.58
N PRO A 523 25.14 1.53 54.97
CA PRO A 523 26.57 1.53 54.57
C PRO A 523 27.52 0.63 55.36
N LYS A 524 27.74 -0.60 54.89
CA LYS A 524 28.66 -1.52 55.57
C LYS A 524 30.08 -1.24 55.07
N GLU A 525 30.82 -0.37 55.77
CA GLU A 525 32.18 0.03 55.42
C GLU A 525 33.24 -0.93 55.95
N PHE A 526 33.43 -2.04 55.23
CA PHE A 526 34.38 -3.10 55.58
C PHE A 526 35.84 -2.67 55.45
N ASN A 527 36.31 -2.39 54.22
CA ASN A 527 37.72 -2.09 53.92
C ASN A 527 38.64 -3.34 54.11
N ALA A 528 38.03 -4.54 54.28
CA ALA A 528 38.72 -5.80 54.52
C ALA A 528 39.03 -6.54 53.23
N GLY A 529 40.02 -6.04 52.49
CA GLY A 529 40.47 -6.65 51.24
C GLY A 529 39.65 -6.32 50.00
N THR A 530 38.38 -5.90 50.20
CA THR A 530 37.47 -5.53 49.12
C THR A 530 37.89 -4.17 48.57
N PHE A 531 38.16 -3.21 49.48
CA PHE A 531 38.62 -1.87 49.10
C PHE A 531 40.12 -1.86 48.72
N THR A 532 40.89 -2.89 49.12
CA THR A 532 42.31 -3.02 48.80
C THR A 532 42.52 -4.21 47.86
N PHE A 533 42.59 -3.95 46.55
CA PHE A 533 42.75 -4.98 45.52
C PHE A 533 44.06 -5.75 45.60
N HIS A 534 44.07 -6.99 45.10
CA HIS A 534 45.25 -7.86 45.12
C HIS A 534 46.12 -7.64 43.90
N ALA A 535 47.45 -7.65 44.06
CA ALA A 535 48.38 -7.46 42.93
C ALA A 535 48.63 -8.74 42.10
N ASP A 536 47.67 -9.69 42.12
CA ASP A 536 47.76 -10.95 41.38
C ASP A 536 47.45 -10.72 39.91
N ILE A 537 46.42 -9.91 39.62
CA ILE A 537 46.04 -9.54 38.24
C ILE A 537 47.05 -8.57 37.59
N CYS A 538 47.95 -7.96 38.39
CA CYS A 538 48.99 -7.04 37.94
C CYS A 538 49.97 -7.78 37.05
N THR A 539 50.35 -9.01 37.44
CA THR A 539 51.27 -9.87 36.71
C THR A 539 50.67 -10.41 35.41
N LEU A 540 49.35 -10.64 35.38
CA LEU A 540 48.68 -11.09 34.15
C LEU A 540 48.51 -9.87 33.22
N SER A 541 48.15 -8.70 33.81
CA SER A 541 47.88 -7.39 33.20
C SER A 541 47.10 -7.50 31.87
N GLU A 542 45.80 -7.14 31.92
CA GLU A 542 44.93 -7.22 30.75
C GLU A 542 43.66 -6.41 30.92
N LYS A 543 43.07 -6.01 29.79
CA LYS A 543 41.74 -5.37 29.77
C LYS A 543 40.61 -6.43 29.94
N GLU A 544 40.96 -7.74 29.91
CA GLU A 544 40.05 -8.86 30.13
C GLU A 544 39.65 -8.85 31.61
N ARG A 545 40.62 -8.62 32.53
CA ARG A 545 40.38 -8.55 33.97
C ARG A 545 39.79 -7.21 34.41
N GLN A 546 38.95 -6.62 33.54
CA GLN A 546 38.24 -5.38 33.83
C GLN A 546 37.20 -5.58 34.96
N ILE A 547 36.70 -6.83 35.12
CA ILE A 547 35.76 -7.25 36.15
C ILE A 547 36.37 -7.08 37.54
N LYS A 548 37.71 -7.23 37.69
CA LYS A 548 38.40 -7.02 38.96
C LYS A 548 38.40 -5.52 39.30
N LYS A 549 38.67 -4.67 38.30
CA LYS A 549 38.64 -3.22 38.44
C LYS A 549 37.19 -2.73 38.71
N GLN A 550 36.20 -3.41 38.12
CA GLN A 550 34.79 -3.08 38.26
C GLN A 550 34.31 -3.48 39.64
N THR A 551 34.67 -4.68 40.11
CA THR A 551 34.27 -5.14 41.45
C THR A 551 34.83 -4.24 42.56
N ALA A 552 35.96 -3.56 42.31
CA ALA A 552 36.50 -2.61 43.27
C ALA A 552 35.53 -1.41 43.39
N LEU A 553 34.95 -0.97 42.26
CA LEU A 553 34.00 0.14 42.20
C LEU A 553 32.71 -0.19 42.93
N VAL A 554 32.13 -1.38 42.67
CA VAL A 554 30.87 -1.75 43.29
C VAL A 554 30.99 -1.94 44.80
N GLU A 555 32.20 -2.28 45.31
CA GLU A 555 32.40 -2.37 46.76
C GLU A 555 32.57 -0.97 47.34
N LEU A 556 33.23 -0.06 46.60
CA LEU A 556 33.41 1.34 47.03
C LEU A 556 32.07 2.09 47.06
N VAL A 557 31.12 1.70 46.22
CA VAL A 557 29.80 2.32 46.22
C VAL A 557 29.00 1.77 47.40
N LYS A 558 29.08 0.47 47.66
CA LYS A 558 28.36 -0.16 48.76
C LYS A 558 28.89 0.24 50.15
N HIS A 559 30.19 0.55 50.26
CA HIS A 559 30.80 0.94 51.54
C HIS A 559 30.68 2.43 51.85
N LYS A 560 30.41 3.26 50.82
CA LYS A 560 30.22 4.71 50.92
C LYS A 560 29.09 5.07 49.96
N PRO A 561 27.83 4.84 50.35
CA PRO A 561 26.72 5.03 49.41
C PRO A 561 26.31 6.46 49.10
N LYS A 562 26.37 7.37 50.08
CA LYS A 562 25.96 8.76 49.83
C LYS A 562 27.03 9.58 49.12
N ALA A 563 27.91 8.91 48.33
CA ALA A 563 29.03 9.52 47.58
C ALA A 563 28.61 10.33 46.36
N THR A 564 29.34 11.43 46.11
CA THR A 564 29.06 12.33 45.00
C THR A 564 29.34 11.68 43.63
N LYS A 565 28.64 12.15 42.58
CA LYS A 565 28.82 11.66 41.21
C LYS A 565 30.22 11.98 40.67
N GLU A 566 30.82 13.08 41.15
CA GLU A 566 32.17 13.47 40.76
C GLU A 566 33.21 12.86 41.73
N GLN A 567 32.84 12.71 43.03
CA GLN A 567 33.66 12.13 44.09
C GLN A 567 33.99 10.67 43.75
N LEU A 568 32.96 9.89 43.34
CA LEU A 568 33.12 8.48 42.97
C LEU A 568 33.94 8.33 41.69
N LYS A 569 33.84 9.29 40.76
CA LYS A 569 34.62 9.29 39.52
C LYS A 569 36.09 9.67 39.78
N ALA A 570 36.37 10.44 40.86
CA ALA A 570 37.71 10.84 41.29
C ALA A 570 38.41 9.70 42.06
N VAL A 571 37.64 8.90 42.81
CA VAL A 571 38.19 7.74 43.52
C VAL A 571 38.44 6.58 42.54
N MET A 572 37.73 6.53 41.39
CA MET A 572 37.89 5.52 40.33
C MET A 572 38.99 5.92 39.34
N ASP A 573 39.24 7.23 39.18
CA ASP A 573 40.30 7.75 38.31
C ASP A 573 41.65 7.64 39.03
N ASP A 574 41.68 7.85 40.37
CA ASP A 574 42.88 7.69 41.18
C ASP A 574 43.27 6.19 41.30
N PHE A 575 42.26 5.29 41.26
CA PHE A 575 42.47 3.84 41.31
C PHE A 575 43.02 3.32 39.99
N ALA A 576 42.57 3.89 38.85
CA ALA A 576 43.08 3.50 37.53
C ALA A 576 44.52 3.98 37.33
N ALA A 577 44.89 5.12 37.96
CA ALA A 577 46.23 5.69 37.93
C ALA A 577 47.18 4.85 38.78
N PHE A 578 46.70 4.38 39.96
CA PHE A 578 47.46 3.52 40.86
C PHE A 578 47.80 2.15 40.22
N VAL A 579 47.08 1.75 39.15
CA VAL A 579 47.32 0.50 38.44
C VAL A 579 48.63 0.55 37.62
N GLU A 580 49.04 1.75 37.17
CA GLU A 580 50.29 1.93 36.43
C GLU A 580 51.53 1.73 37.33
N LYS A 581 51.35 1.65 38.68
CA LYS A 581 52.44 1.32 39.58
C LYS A 581 52.64 -0.21 39.47
N CYS A 582 51.52 -0.98 39.54
CA CYS A 582 51.45 -2.45 39.43
C CYS A 582 51.41 -2.96 37.94
N CYS A 583 51.68 -2.08 36.99
CA CYS A 583 51.76 -2.42 35.58
C CYS A 583 53.18 -2.06 35.04
N LYS A 584 53.78 -0.97 35.55
CA LYS A 584 55.12 -0.53 35.15
C LYS A 584 56.04 -0.53 36.35
N ASP A 587 59.62 -3.91 41.51
CA ASP A 587 59.03 -4.30 42.78
C ASP A 587 57.55 -4.66 42.62
N LYS A 588 57.27 -5.88 42.10
CA LYS A 588 55.94 -6.44 41.83
C LYS A 588 54.92 -6.17 42.98
N GLU A 589 54.81 -7.10 43.96
CA GLU A 589 53.94 -6.92 45.12
C GLU A 589 54.32 -5.71 45.99
N THR A 590 55.53 -5.13 45.76
CA THR A 590 56.04 -3.97 46.46
C THR A 590 55.27 -2.69 46.11
N CYS A 591 54.74 -2.62 44.88
CA CYS A 591 53.94 -1.47 44.43
C CYS A 591 52.56 -1.47 45.09
N PHE A 592 52.01 -2.66 45.41
CA PHE A 592 50.69 -2.81 46.03
C PHE A 592 50.63 -2.29 47.46
N ALA A 593 51.74 -2.36 48.21
CA ALA A 593 51.78 -1.88 49.59
C ALA A 593 51.83 -0.35 49.62
N GLU A 594 52.62 0.24 48.70
CA GLU A 594 52.76 1.69 48.57
C GLU A 594 51.51 2.32 47.98
N GLU A 595 50.86 1.63 47.03
CA GLU A 595 49.62 2.13 46.44
C GLU A 595 48.42 1.92 47.36
N GLY A 596 48.46 0.88 48.20
CA GLY A 596 47.39 0.60 49.14
C GLY A 596 47.29 1.65 50.24
N LYS A 597 48.45 2.16 50.67
CA LYS A 597 48.52 3.19 51.69
C LYS A 597 48.23 4.58 51.11
N LYS A 598 48.67 4.84 49.87
CA LYS A 598 48.45 6.12 49.20
C LYS A 598 47.02 6.30 48.70
N LEU A 599 46.39 5.22 48.21
CA LEU A 599 45.01 5.30 47.73
C LEU A 599 44.04 5.42 48.90
N VAL A 600 44.32 4.73 50.01
CA VAL A 600 43.49 4.80 51.21
C VAL A 600 43.58 6.18 51.88
N ALA A 601 44.69 6.92 51.67
CA ALA A 601 44.88 8.27 52.20
C ALA A 601 43.95 9.25 51.47
N ALA A 602 43.74 9.05 50.16
CA ALA A 602 42.84 9.88 49.36
C ALA A 602 41.39 9.63 49.78
N SER A 603 41.03 8.37 50.03
CA SER A 603 39.69 8.00 50.49
C SER A 603 39.34 8.57 51.87
N GLN A 604 40.33 9.02 52.65
CA GLN A 604 40.10 9.65 53.93
C GLN A 604 39.48 11.05 53.77
N ALA A 605 39.67 11.71 52.60
CA ALA A 605 39.09 13.03 52.31
C ALA A 605 37.56 13.00 52.14
N ALA A 606 36.96 11.81 51.96
CA ALA A 606 35.51 11.64 51.85
C ALA A 606 34.97 10.94 53.11
N LEU A 607 35.71 9.93 53.61
CA LEU A 607 35.44 9.08 54.79
C LEU A 607 33.99 8.59 54.89
N GLY A 608 33.59 7.76 53.94
CA GLY A 608 32.25 7.19 53.89
C GLY A 608 32.11 5.92 54.70
N SER B 29 4.31 24.63 -48.81
CA SER B 29 5.16 23.53 -48.37
C SER B 29 4.52 22.90 -47.15
N GLU B 30 4.09 23.71 -46.15
CA GLU B 30 3.44 23.20 -44.94
C GLU B 30 2.05 22.61 -45.27
N VAL B 31 1.39 23.17 -46.27
CA VAL B 31 0.10 22.68 -46.74
C VAL B 31 0.28 21.35 -47.50
N ALA B 32 1.36 21.24 -48.28
CA ALA B 32 1.71 20.02 -49.00
C ALA B 32 2.14 18.92 -48.02
N HIS B 33 2.76 19.30 -46.90
CA HIS B 33 3.20 18.40 -45.84
C HIS B 33 1.96 17.79 -45.18
N ARG B 34 0.92 18.61 -44.93
CA ARG B 34 -0.29 18.07 -44.29
C ARG B 34 -1.17 17.33 -45.28
N PHE B 35 -1.18 17.74 -46.56
CA PHE B 35 -2.00 17.07 -47.57
C PHE B 35 -1.52 15.63 -47.79
N LYS B 36 -0.19 15.42 -47.77
CA LYS B 36 0.42 14.12 -47.98
C LYS B 36 0.13 13.15 -46.82
N ASP B 37 0.27 13.62 -45.56
CA ASP B 37 0.05 12.80 -44.36
C ASP B 37 -1.41 12.38 -44.24
N LEU B 38 -2.32 13.35 -44.18
CA LEU B 38 -3.74 13.08 -44.08
C LEU B 38 -4.23 12.52 -45.39
N GLY B 39 -5.29 11.73 -45.32
CA GLY B 39 -5.89 11.17 -46.53
C GLY B 39 -6.42 12.25 -47.46
N GLU B 40 -6.67 11.91 -48.72
CA GLU B 40 -7.20 12.87 -49.69
C GLU B 40 -8.60 13.34 -49.24
N GLU B 41 -9.43 12.38 -48.81
CA GLU B 41 -10.80 12.62 -48.33
C GLU B 41 -10.79 13.30 -46.98
N ASN B 42 -9.88 12.86 -46.09
CA ASN B 42 -9.75 13.43 -44.75
C ASN B 42 -9.20 14.86 -44.78
N PHE B 43 -8.41 15.22 -45.80
CA PHE B 43 -7.90 16.58 -45.94
C PHE B 43 -9.09 17.48 -46.28
N LYS B 44 -9.87 17.11 -47.29
CA LYS B 44 -11.05 17.87 -47.70
C LYS B 44 -12.00 18.15 -46.51
N ALA B 45 -12.39 17.09 -45.77
CA ALA B 45 -13.28 17.20 -44.64
C ALA B 45 -12.76 18.17 -43.58
N LEU B 46 -11.44 18.15 -43.36
CA LEU B 46 -10.79 19.01 -42.37
C LEU B 46 -10.87 20.47 -42.79
N VAL B 47 -10.52 20.81 -44.05
CA VAL B 47 -10.58 22.21 -44.48
C VAL B 47 -12.03 22.71 -44.54
N LEU B 48 -12.99 21.82 -44.83
CA LEU B 48 -14.39 22.22 -44.84
C LEU B 48 -14.87 22.46 -43.40
N ILE B 49 -14.40 21.65 -42.44
CA ILE B 49 -14.75 21.80 -41.03
C ILE B 49 -14.17 23.09 -40.47
N ALA B 50 -12.92 23.40 -40.82
CA ALA B 50 -12.24 24.61 -40.34
C ALA B 50 -12.83 25.88 -40.89
N PHE B 51 -13.40 25.82 -42.11
CA PHE B 51 -14.03 26.98 -42.73
C PHE B 51 -15.41 27.23 -42.12
N ALA B 52 -16.19 26.17 -41.93
CA ALA B 52 -17.52 26.28 -41.30
C ALA B 52 -17.42 26.61 -39.83
N GLN B 53 -16.33 26.18 -39.16
CA GLN B 53 -16.10 26.48 -37.74
C GLN B 53 -15.82 27.98 -37.55
N TYR B 54 -15.28 28.69 -38.57
CA TYR B 54 -15.03 30.13 -38.45
C TYR B 54 -16.12 30.95 -39.22
N LEU B 55 -16.08 30.99 -40.57
CA LEU B 55 -17.08 31.70 -41.37
C LEU B 55 -18.28 30.80 -41.52
N GLN B 56 -19.01 30.61 -40.41
CA GLN B 56 -20.21 29.79 -40.33
C GLN B 56 -21.37 30.40 -41.16
N GLN B 57 -21.29 31.73 -41.46
CA GLN B 57 -22.28 32.49 -42.23
C GLN B 57 -22.37 32.02 -43.69
N CYS B 58 -21.24 32.02 -44.44
CA CYS B 58 -21.23 31.60 -45.85
C CYS B 58 -21.79 30.18 -46.04
N PRO B 59 -22.88 30.02 -46.81
CA PRO B 59 -23.47 28.69 -47.00
C PRO B 59 -22.60 27.70 -47.80
N PHE B 60 -22.97 26.39 -47.74
CA PHE B 60 -22.28 25.25 -48.36
C PHE B 60 -21.67 25.54 -49.71
N GLU B 61 -22.44 26.14 -50.64
CA GLU B 61 -21.98 26.46 -52.00
C GLU B 61 -20.77 27.43 -52.07
N ASP B 62 -20.70 28.39 -51.13
CA ASP B 62 -19.59 29.36 -51.07
C ASP B 62 -18.33 28.65 -50.57
N HIS B 63 -18.45 27.98 -49.40
CA HIS B 63 -17.35 27.28 -48.76
C HIS B 63 -16.80 26.12 -49.58
N VAL B 64 -17.65 25.34 -50.26
CA VAL B 64 -17.16 24.19 -51.05
C VAL B 64 -16.19 24.60 -52.16
N LYS B 65 -16.42 25.75 -52.83
CA LYS B 65 -15.53 26.22 -53.90
C LYS B 65 -14.15 26.58 -53.34
N LEU B 66 -14.13 27.17 -52.13
CA LEU B 66 -12.90 27.56 -51.43
C LEU B 66 -12.14 26.32 -50.99
N VAL B 67 -12.86 25.29 -50.50
CA VAL B 67 -12.28 24.02 -50.07
C VAL B 67 -11.65 23.32 -51.27
N ASN B 68 -12.37 23.31 -52.42
CA ASN B 68 -11.92 22.70 -53.67
C ASN B 68 -10.67 23.38 -54.23
N GLU B 69 -10.62 24.72 -54.15
CA GLU B 69 -9.48 25.48 -54.63
C GLU B 69 -8.25 25.23 -53.76
N VAL B 70 -8.46 25.10 -52.44
CA VAL B 70 -7.39 24.83 -51.46
C VAL B 70 -6.82 23.45 -51.70
N THR B 71 -7.69 22.44 -51.95
CA THR B 71 -7.21 21.09 -52.23
C THR B 71 -6.48 21.07 -53.56
N GLU B 72 -7.02 21.80 -54.58
CA GLU B 72 -6.43 21.88 -55.94
C GLU B 72 -5.05 22.59 -55.93
N PHE B 73 -4.89 23.56 -55.02
CA PHE B 73 -3.67 24.32 -54.81
C PHE B 73 -2.67 23.43 -54.07
N ALA B 74 -3.13 22.72 -53.04
CA ALA B 74 -2.29 21.78 -52.30
C ALA B 74 -1.84 20.65 -53.22
N LYS B 75 -2.66 20.27 -54.23
CA LYS B 75 -2.33 19.23 -55.19
C LYS B 75 -1.06 19.62 -55.96
N THR B 76 -0.97 20.91 -56.36
CA THR B 76 0.18 21.45 -57.05
C THR B 76 1.39 21.54 -56.12
N CYS B 77 1.16 21.96 -54.86
CA CYS B 77 2.17 22.07 -53.79
C CYS B 77 2.85 20.71 -53.56
N VAL B 78 2.10 19.60 -53.71
CA VAL B 78 2.60 18.23 -53.59
C VAL B 78 3.69 18.02 -54.64
N ALA B 79 3.43 18.45 -55.89
CA ALA B 79 4.39 18.33 -56.96
C ALA B 79 5.57 19.36 -56.83
N ASP B 80 5.30 20.68 -56.92
CA ASP B 80 6.33 21.72 -56.79
C ASP B 80 6.16 22.45 -55.46
N GLU B 81 7.03 22.13 -54.48
CA GLU B 81 6.99 22.70 -53.14
C GLU B 81 7.32 24.20 -53.09
N SER B 82 8.03 24.72 -54.11
CA SER B 82 8.39 26.13 -54.15
C SER B 82 7.42 26.94 -55.00
N ALA B 83 7.00 26.37 -56.12
CA ALA B 83 6.10 27.07 -57.04
C ALA B 83 4.69 27.24 -56.46
N CYS B 86 2.69 28.41 -52.85
CA CYS B 86 2.78 27.69 -51.56
C CYS B 86 3.73 28.47 -50.58
N ASP B 87 4.52 27.80 -49.69
CA ASP B 87 5.50 28.37 -48.75
C ASP B 87 4.82 29.02 -47.54
N LYS B 88 3.65 29.60 -47.74
CA LYS B 88 2.88 30.28 -46.72
C LYS B 88 2.30 29.34 -45.67
N SER B 89 2.01 29.89 -44.48
CA SER B 89 1.44 29.16 -43.36
C SER B 89 -0.01 28.76 -43.63
N LEU B 90 -0.54 27.76 -42.90
CA LEU B 90 -1.94 27.37 -43.06
C LEU B 90 -2.89 28.49 -42.63
N HIS B 91 -2.43 29.42 -41.80
CA HIS B 91 -3.25 30.54 -41.36
C HIS B 91 -3.24 31.67 -42.37
N THR B 92 -2.11 31.90 -43.09
CA THR B 92 -2.11 32.92 -44.13
C THR B 92 -2.85 32.30 -45.31
N LEU B 93 -2.37 31.17 -45.85
CA LEU B 93 -3.07 30.49 -46.96
C LEU B 93 -4.57 30.21 -46.65
N PHE B 94 -4.90 29.28 -45.73
CA PHE B 94 -6.30 28.99 -45.42
C PHE B 94 -7.04 30.14 -44.67
N GLY B 95 -6.36 31.25 -44.43
CA GLY B 95 -6.94 32.44 -43.79
C GLY B 95 -7.13 33.62 -44.71
N ASP B 96 -6.63 33.50 -45.95
CA ASP B 96 -6.79 34.45 -47.04
C ASP B 96 -7.97 34.01 -47.91
N LYS B 97 -8.18 32.70 -48.08
CA LYS B 97 -9.33 32.16 -48.80
C LYS B 97 -10.61 32.40 -47.93
N LEU B 98 -10.50 32.31 -46.59
CA LEU B 98 -11.60 32.58 -45.64
C LEU B 98 -11.98 34.10 -45.56
N CYS B 99 -11.07 34.95 -46.06
CA CYS B 99 -11.13 36.41 -46.09
C CYS B 99 -11.48 36.95 -47.51
N THR B 100 -11.23 36.16 -48.57
CA THR B 100 -11.53 36.55 -49.95
C THR B 100 -13.01 36.81 -50.10
N VAL B 101 -13.84 35.94 -49.52
CA VAL B 101 -15.30 36.13 -49.56
C VAL B 101 -15.76 37.11 -48.46
N ALA B 102 -15.08 37.09 -47.29
CA ALA B 102 -15.36 37.95 -46.13
C ALA B 102 -14.86 39.41 -46.28
N THR B 103 -14.85 39.93 -47.51
CA THR B 103 -14.39 41.27 -47.84
C THR B 103 -15.25 42.36 -47.21
N LEU B 104 -16.56 42.43 -47.54
CA LEU B 104 -17.43 43.48 -46.99
C LEU B 104 -17.85 43.20 -45.53
N ARG B 105 -18.00 44.25 -44.70
CA ARG B 105 -18.39 44.06 -43.30
C ARG B 105 -19.88 43.77 -43.12
N GLU B 106 -20.73 44.15 -44.11
CA GLU B 106 -22.19 43.94 -44.10
C GLU B 106 -22.57 42.52 -44.53
N THR B 107 -21.77 41.89 -45.41
CA THR B 107 -21.99 40.52 -45.86
C THR B 107 -21.26 39.52 -44.94
N TYR B 108 -20.95 39.92 -43.67
CA TYR B 108 -20.24 39.06 -42.71
C TYR B 108 -20.39 39.49 -41.23
N GLY B 109 -21.02 40.64 -40.98
CA GLY B 109 -21.26 41.10 -39.61
C GLY B 109 -20.06 41.58 -38.82
N GLU B 110 -20.05 41.30 -37.49
CA GLU B 110 -18.96 41.74 -36.59
C GLU B 110 -17.67 40.95 -36.77
N MET B 111 -17.73 39.72 -37.36
CA MET B 111 -16.57 38.87 -37.61
C MET B 111 -15.72 39.32 -38.81
N ALA B 112 -16.30 40.16 -39.71
CA ALA B 112 -15.58 40.71 -40.87
C ALA B 112 -14.49 41.71 -40.46
N ASP B 113 -14.58 42.26 -39.22
CA ASP B 113 -13.59 43.18 -38.66
C ASP B 113 -12.25 42.48 -38.50
N CYS B 114 -12.24 41.15 -38.19
CA CYS B 114 -11.06 40.28 -38.02
C CYS B 114 -10.22 40.29 -39.27
N CYS B 115 -10.89 40.23 -40.42
CA CYS B 115 -10.32 40.22 -41.75
C CYS B 115 -9.36 41.37 -42.00
N ALA B 116 -9.68 42.57 -41.46
CA ALA B 116 -8.86 43.79 -41.59
C ALA B 116 -7.44 43.66 -41.04
N LYS B 117 -7.22 42.75 -40.06
CA LYS B 117 -5.91 42.53 -39.43
C LYS B 117 -5.08 41.51 -40.22
N GLN B 118 -3.79 41.38 -39.89
CA GLN B 118 -2.90 40.45 -40.57
C GLN B 118 -2.26 39.44 -39.59
N GLU B 119 -2.12 38.17 -40.02
CA GLU B 119 -1.56 37.07 -39.22
C GLU B 119 -0.29 37.45 -38.47
N PRO B 120 -0.14 37.00 -37.22
CA PRO B 120 -1.04 36.11 -36.47
C PRO B 120 -2.25 36.76 -35.80
N GLU B 121 -2.39 38.08 -35.95
CA GLU B 121 -3.53 38.78 -35.37
C GLU B 121 -4.85 38.36 -36.02
N ARG B 122 -4.82 37.99 -37.32
CA ARG B 122 -5.99 37.59 -38.09
C ARG B 122 -6.65 36.34 -37.51
N ASN B 123 -5.89 35.25 -37.30
CA ASN B 123 -6.49 34.05 -36.71
C ASN B 123 -6.76 34.21 -35.23
N GLU B 124 -6.01 35.09 -34.54
CA GLU B 124 -6.28 35.39 -33.13
C GLU B 124 -7.71 35.95 -32.98
N CYS B 125 -8.14 36.78 -33.94
CA CYS B 125 -9.48 37.35 -33.96
C CYS B 125 -10.56 36.34 -34.32
N PHE B 126 -10.30 35.50 -35.35
CA PHE B 126 -11.25 34.51 -35.88
C PHE B 126 -11.90 33.64 -34.79
N LEU B 127 -11.08 33.16 -33.85
CA LEU B 127 -11.48 32.27 -32.74
C LEU B 127 -12.21 33.04 -31.64
N GLN B 128 -11.84 34.33 -31.42
CA GLN B 128 -12.55 35.17 -30.44
C GLN B 128 -14.00 35.38 -30.87
N HIS B 129 -14.28 35.35 -32.20
CA HIS B 129 -15.60 35.56 -32.79
C HIS B 129 -16.42 34.28 -33.05
N LYS B 130 -15.84 33.07 -32.97
CA LYS B 130 -16.58 31.84 -33.21
C LYS B 130 -17.81 31.70 -32.31
N LYS B 131 -17.65 32.05 -31.03
CA LYS B 131 -18.74 32.00 -30.08
C LYS B 131 -19.65 33.21 -30.30
N ASP B 132 -20.60 33.13 -31.27
CA ASP B 132 -21.53 34.23 -31.56
C ASP B 132 -22.90 33.74 -32.10
N ASN B 133 -23.78 33.29 -31.18
CA ASN B 133 -25.11 32.75 -31.50
C ASN B 133 -26.19 33.83 -31.52
N GLU B 143 -37.39 12.51 -42.09
CA GLU B 143 -38.04 11.53 -42.96
C GLU B 143 -37.05 10.46 -43.40
N VAL B 144 -37.27 9.20 -42.97
CA VAL B 144 -36.41 8.03 -43.27
C VAL B 144 -36.15 7.81 -44.78
N ASP B 145 -37.17 8.02 -45.63
CA ASP B 145 -37.01 7.87 -47.07
C ASP B 145 -37.09 9.23 -47.80
N VAL B 146 -36.61 10.31 -47.15
CA VAL B 146 -36.59 11.66 -47.70
C VAL B 146 -35.13 12.10 -47.90
N MET B 147 -34.29 11.87 -46.87
CA MET B 147 -32.85 12.19 -46.89
C MET B 147 -32.15 11.35 -47.94
N CYS B 148 -32.55 10.06 -48.07
CA CYS B 148 -31.99 9.10 -49.04
C CYS B 148 -32.24 9.52 -50.49
N THR B 149 -33.28 10.32 -50.76
CA THR B 149 -33.56 10.87 -52.09
C THR B 149 -32.49 11.90 -52.53
N ALA B 150 -31.79 12.52 -51.55
CA ALA B 150 -30.70 13.48 -51.76
C ALA B 150 -29.32 12.80 -51.63
N PHE B 151 -29.21 11.75 -50.80
CA PHE B 151 -27.97 11.01 -50.60
C PHE B 151 -27.67 10.07 -51.76
N HIS B 152 -28.70 9.57 -52.46
CA HIS B 152 -28.52 8.67 -53.58
C HIS B 152 -27.90 9.38 -54.78
N ASP B 153 -28.37 10.62 -55.07
CA ASP B 153 -27.89 11.40 -56.20
C ASP B 153 -26.42 11.82 -56.05
N ASN B 154 -26.08 12.43 -54.91
CA ASN B 154 -24.72 12.85 -54.64
C ASN B 154 -24.26 12.28 -53.31
N THR B 155 -23.37 11.29 -53.36
CA THR B 155 -22.83 10.70 -52.14
C THR B 155 -21.96 11.74 -51.43
N GLU B 156 -21.16 12.51 -52.20
CA GLU B 156 -20.27 13.55 -51.68
C GLU B 156 -21.04 14.79 -51.23
N THR B 157 -22.14 15.13 -51.93
CA THR B 157 -22.96 16.28 -51.58
C THR B 157 -23.73 16.09 -50.29
N PHE B 158 -24.03 14.83 -49.90
CA PHE B 158 -24.75 14.55 -48.65
C PHE B 158 -23.76 14.43 -47.49
N LEU B 159 -22.61 13.75 -47.71
CA LEU B 159 -21.58 13.55 -46.69
C LEU B 159 -20.94 14.87 -46.28
N LYS B 160 -20.60 15.72 -47.26
CA LYS B 160 -20.03 17.03 -46.98
C LYS B 160 -21.05 17.92 -46.27
N LYS B 161 -22.35 17.78 -46.60
CA LYS B 161 -23.45 18.55 -45.98
C LYS B 161 -23.62 18.20 -44.50
N TYR B 162 -23.29 16.94 -44.10
CA TYR B 162 -23.35 16.53 -42.69
C TYR B 162 -22.37 17.38 -41.90
N LEU B 163 -21.10 17.43 -42.36
CA LEU B 163 -20.09 18.17 -41.65
C LEU B 163 -20.23 19.68 -41.80
N TYR B 164 -20.62 20.24 -42.98
CA TYR B 164 -20.76 21.71 -43.11
C TYR B 164 -21.58 22.33 -41.97
N GLU B 165 -22.85 21.93 -41.81
CA GLU B 165 -23.70 22.53 -40.79
C GLU B 165 -23.40 21.98 -39.38
N ILE B 166 -22.75 20.81 -39.25
CA ILE B 166 -22.39 20.30 -37.92
C ILE B 166 -21.16 21.08 -37.38
N ALA B 167 -20.29 21.59 -38.26
CA ALA B 167 -19.12 22.41 -37.92
C ALA B 167 -19.51 23.87 -37.76
N ARG B 168 -20.57 24.34 -38.45
CA ARG B 168 -21.09 25.70 -38.32
C ARG B 168 -21.95 25.84 -37.05
N ARG B 169 -22.59 24.73 -36.61
CA ARG B 169 -23.40 24.67 -35.38
C ARG B 169 -22.56 24.33 -34.13
N HIS B 170 -21.30 23.85 -34.30
CA HIS B 170 -20.36 23.52 -33.21
C HIS B 170 -18.93 23.91 -33.59
N PRO B 171 -18.57 25.20 -33.38
CA PRO B 171 -17.22 25.66 -33.77
C PRO B 171 -16.09 25.04 -32.97
N TYR B 172 -16.39 24.61 -31.75
CA TYR B 172 -15.38 24.01 -30.89
C TYR B 172 -15.41 22.48 -30.87
N PHE B 173 -16.13 21.82 -31.80
CA PHE B 173 -16.15 20.35 -31.83
C PHE B 173 -14.77 19.84 -32.24
N TYR B 174 -14.30 18.74 -31.63
CA TYR B 174 -12.98 18.20 -31.98
C TYR B 174 -12.97 17.75 -33.44
N ALA B 175 -12.18 18.46 -34.26
CA ALA B 175 -12.07 18.21 -35.69
C ALA B 175 -11.80 16.75 -36.08
N PRO B 176 -10.77 16.04 -35.54
CA PRO B 176 -10.57 14.63 -35.93
C PRO B 176 -11.70 13.74 -35.45
N GLU B 177 -12.37 14.11 -34.34
CA GLU B 177 -13.49 13.35 -33.85
C GLU B 177 -14.67 13.52 -34.78
N LEU B 178 -14.88 14.73 -35.33
CA LEU B 178 -15.96 15.01 -36.29
C LEU B 178 -15.78 14.20 -37.59
N LEU B 179 -14.53 13.88 -37.96
CA LEU B 179 -14.28 13.06 -39.15
C LEU B 179 -14.75 11.64 -38.90
N PHE B 180 -14.49 11.11 -37.69
CA PHE B 180 -14.93 9.77 -37.30
C PHE B 180 -16.44 9.76 -37.13
N PHE B 181 -17.02 10.84 -36.60
CA PHE B 181 -18.46 10.93 -36.39
C PHE B 181 -19.20 10.80 -37.75
N ALA B 182 -18.67 11.42 -38.83
CA ALA B 182 -19.26 11.34 -40.16
C ALA B 182 -19.03 9.96 -40.79
N LYS B 183 -17.87 9.33 -40.54
CA LYS B 183 -17.59 7.99 -41.03
C LYS B 183 -18.54 6.99 -40.37
N ARG B 184 -18.89 7.21 -39.08
CA ARG B 184 -19.83 6.39 -38.35
C ARG B 184 -21.22 6.58 -38.97
N TYR B 185 -21.59 7.84 -39.29
CA TYR B 185 -22.86 8.21 -39.92
C TYR B 185 -23.02 7.52 -41.28
N LYS B 186 -21.92 7.30 -42.00
CA LYS B 186 -21.96 6.61 -43.28
C LYS B 186 -22.24 5.09 -43.15
N ALA B 187 -22.49 4.59 -41.92
CA ALA B 187 -22.80 3.17 -41.70
C ALA B 187 -24.17 3.04 -41.01
N CYS B 201 -33.53 0.04 -38.38
CA CYS B 201 -32.07 0.11 -38.31
C CYS B 201 -31.55 1.55 -38.36
N LEU B 202 -32.08 2.39 -39.28
CA LEU B 202 -31.63 3.77 -39.43
C LEU B 202 -32.11 4.73 -38.34
N LEU B 203 -33.05 4.30 -37.48
CA LEU B 203 -33.57 5.10 -36.37
C LEU B 203 -32.77 4.90 -35.06
N PRO B 204 -32.50 3.67 -34.58
CA PRO B 204 -31.69 3.53 -33.36
C PRO B 204 -30.19 3.78 -33.57
N LYS B 205 -29.70 3.66 -34.80
CA LYS B 205 -28.30 3.91 -35.10
C LYS B 205 -28.03 5.41 -35.09
N LEU B 206 -28.92 6.20 -35.75
CA LEU B 206 -28.77 7.66 -35.82
C LEU B 206 -29.06 8.33 -34.49
N ASP B 207 -29.97 7.77 -33.69
CA ASP B 207 -30.28 8.32 -32.38
C ASP B 207 -29.15 8.00 -31.35
N GLU B 208 -28.36 6.93 -31.60
CA GLU B 208 -27.20 6.57 -30.80
C GLU B 208 -26.05 7.55 -31.15
N LEU B 209 -25.88 7.84 -32.46
CA LEU B 209 -24.86 8.78 -32.96
C LEU B 209 -25.22 10.25 -32.69
N ARG B 210 -26.50 10.54 -32.43
CA ARG B 210 -26.93 11.90 -32.10
C ARG B 210 -26.53 12.15 -30.66
N ASP B 211 -26.85 11.20 -29.76
CA ASP B 211 -26.54 11.27 -28.33
C ASP B 211 -25.04 11.17 -28.07
N GLU B 212 -24.33 10.31 -28.82
CA GLU B 212 -22.88 10.14 -28.68
C GLU B 212 -22.15 11.40 -29.12
N GLY B 213 -22.57 11.97 -30.24
CA GLY B 213 -22.00 13.21 -30.77
C GLY B 213 -22.28 14.41 -29.91
N LYS B 214 -23.41 14.36 -29.16
CA LYS B 214 -23.78 15.42 -28.23
C LYS B 214 -22.82 15.45 -27.03
N ALA B 215 -22.33 14.26 -26.60
CA ALA B 215 -21.41 14.16 -25.48
C ALA B 215 -20.00 14.67 -25.81
N SER B 216 -19.46 14.28 -26.98
CA SER B 216 -18.13 14.68 -27.42
C SER B 216 -18.00 16.17 -27.70
N SER B 217 -19.03 16.79 -28.32
CA SER B 217 -18.99 18.22 -28.60
C SER B 217 -19.06 19.07 -27.34
N ALA B 218 -19.71 18.55 -26.30
CA ALA B 218 -19.79 19.23 -25.03
C ALA B 218 -18.45 19.05 -24.29
N LYS B 219 -17.90 17.84 -24.30
CA LYS B 219 -16.63 17.57 -23.62
C LYS B 219 -15.52 18.44 -24.22
N GLN B 220 -15.43 18.50 -25.56
CA GLN B 220 -14.39 19.32 -26.21
C GLN B 220 -14.54 20.81 -25.92
N ARG B 221 -15.78 21.27 -25.63
CA ARG B 221 -15.99 22.67 -25.27
C ARG B 221 -15.28 22.97 -23.95
N LEU B 222 -15.40 22.03 -22.98
CA LEU B 222 -14.77 22.08 -21.67
C LEU B 222 -13.25 22.07 -21.81
N LYS B 223 -12.72 21.16 -22.66
CA LYS B 223 -11.29 21.06 -22.90
C LYS B 223 -10.74 22.38 -23.48
N CYS B 224 -11.38 22.90 -24.54
CA CYS B 224 -10.94 24.15 -25.15
C CYS B 224 -11.14 25.34 -24.18
N ALA B 225 -12.09 25.24 -23.22
CA ALA B 225 -12.36 26.32 -22.26
C ALA B 225 -11.27 26.45 -21.21
N SER B 226 -10.85 25.32 -20.61
CA SER B 226 -9.78 25.33 -19.61
C SER B 226 -8.43 25.81 -20.18
N LEU B 227 -8.23 25.62 -21.49
CA LEU B 227 -7.00 25.98 -22.19
C LEU B 227 -6.81 27.48 -22.27
N GLN B 228 -7.85 28.20 -22.72
CA GLN B 228 -7.73 29.65 -22.86
C GLN B 228 -7.97 30.33 -21.52
N LYS B 229 -9.05 29.93 -20.84
CA LYS B 229 -9.44 30.54 -19.58
C LYS B 229 -8.47 30.30 -18.42
N PHE B 230 -7.88 29.09 -18.35
CA PHE B 230 -7.02 28.80 -17.21
C PHE B 230 -5.55 28.50 -17.56
N GLY B 231 -5.19 28.50 -18.84
CA GLY B 231 -3.80 28.32 -19.23
C GLY B 231 -3.39 26.94 -19.66
N GLU B 232 -2.20 26.81 -20.28
CA GLU B 232 -1.68 25.54 -20.77
C GLU B 232 -1.29 24.61 -19.64
N ARG B 233 -0.62 25.14 -18.63
CA ARG B 233 -0.19 24.40 -17.44
C ARG B 233 -1.40 23.75 -16.74
N ALA B 234 -2.54 24.43 -16.73
CA ALA B 234 -3.76 23.89 -16.13
C ALA B 234 -4.24 22.69 -16.91
N PHE B 235 -4.22 22.75 -18.26
CA PHE B 235 -4.63 21.62 -19.08
C PHE B 235 -3.67 20.45 -18.86
N LYS B 236 -2.35 20.70 -18.95
CA LYS B 236 -1.32 19.70 -18.71
C LYS B 236 -1.52 19.03 -17.35
N ALA B 237 -1.98 19.79 -16.33
CA ALA B 237 -2.26 19.27 -15.00
C ALA B 237 -3.44 18.33 -14.96
N TRP B 238 -4.46 18.61 -15.75
CA TRP B 238 -5.60 17.74 -15.89
C TRP B 238 -5.16 16.50 -16.63
N ALA B 239 -4.38 16.68 -17.72
CA ALA B 239 -3.86 15.59 -18.54
C ALA B 239 -3.07 14.59 -17.74
N VAL B 240 -2.13 15.04 -16.87
CA VAL B 240 -1.35 14.17 -16.00
C VAL B 240 -2.29 13.33 -15.15
N ALA B 241 -3.30 13.98 -14.54
CA ALA B 241 -4.29 13.34 -13.67
C ALA B 241 -5.14 12.29 -14.40
N ARG B 242 -5.95 12.66 -15.43
CA ARG B 242 -6.76 11.65 -16.10
C ARG B 242 -5.92 10.57 -16.77
N LEU B 243 -4.82 10.97 -17.42
CA LEU B 243 -3.94 10.02 -18.08
C LEU B 243 -3.31 9.05 -17.10
N SER B 244 -2.87 9.52 -15.91
CA SER B 244 -2.25 8.61 -14.92
C SER B 244 -3.26 7.63 -14.37
N GLN B 245 -4.54 8.04 -14.21
CA GLN B 245 -5.58 7.12 -13.74
C GLN B 245 -5.80 6.05 -14.79
N ARG B 246 -5.87 6.47 -16.07
CA ARG B 246 -6.11 5.61 -17.21
C ARG B 246 -4.98 4.62 -17.41
N PHE B 247 -3.72 5.09 -17.32
CA PHE B 247 -2.53 4.26 -17.59
C PHE B 247 -1.58 4.12 -16.39
N PRO B 248 -2.01 3.52 -15.26
CA PRO B 248 -1.14 3.45 -14.09
C PRO B 248 0.09 2.65 -14.28
N LYS B 249 0.07 1.71 -15.23
CA LYS B 249 1.24 0.89 -15.46
C LYS B 249 2.36 1.72 -16.09
N ALA B 250 2.01 2.68 -16.96
CA ALA B 250 2.99 3.51 -17.68
C ALA B 250 3.79 4.33 -16.74
N GLU B 251 5.12 4.39 -16.96
CA GLU B 251 6.02 5.19 -16.11
C GLU B 251 5.79 6.70 -16.30
N PHE B 252 6.24 7.55 -15.34
CA PHE B 252 6.00 8.99 -15.45
C PHE B 252 6.42 9.60 -16.79
N ALA B 253 7.56 9.16 -17.35
CA ALA B 253 8.03 9.67 -18.62
C ALA B 253 7.04 9.40 -19.75
N GLU B 254 6.46 8.18 -19.85
CA GLU B 254 5.48 7.90 -20.90
C GLU B 254 4.22 8.70 -20.72
N VAL B 255 3.81 8.94 -19.46
CA VAL B 255 2.64 9.75 -19.15
C VAL B 255 2.92 11.18 -19.58
N SER B 256 4.09 11.73 -19.23
CA SER B 256 4.49 13.08 -19.63
C SER B 256 4.53 13.23 -21.11
N LYS B 257 4.92 12.17 -21.83
CA LYS B 257 4.94 12.15 -23.29
C LYS B 257 3.54 12.29 -23.78
N LEU B 258 2.60 11.50 -23.22
CA LEU B 258 1.19 11.62 -23.61
C LEU B 258 0.64 13.00 -23.28
N VAL B 259 0.96 13.53 -22.10
CA VAL B 259 0.58 14.87 -21.66
C VAL B 259 1.07 15.91 -22.64
N THR B 260 2.36 15.83 -23.02
CA THR B 260 2.99 16.78 -23.91
C THR B 260 2.38 16.71 -25.31
N ASP B 261 2.17 15.51 -25.85
CA ASP B 261 1.65 15.35 -27.19
C ASP B 261 0.19 15.69 -27.29
N LEU B 262 -0.58 15.37 -26.26
CA LEU B 262 -2.01 15.61 -26.22
C LEU B 262 -2.34 17.06 -26.06
N THR B 263 -1.47 17.83 -25.37
CA THR B 263 -1.68 19.26 -25.23
C THR B 263 -1.50 19.91 -26.60
N LYS B 264 -0.47 19.50 -27.36
CA LYS B 264 -0.24 20.03 -28.71
C LYS B 264 -1.44 19.73 -29.61
N VAL B 265 -2.08 18.55 -29.44
CA VAL B 265 -3.24 18.22 -30.23
C VAL B 265 -4.41 19.18 -29.93
N HIS B 266 -4.86 19.25 -28.66
CA HIS B 266 -5.99 20.09 -28.24
C HIS B 266 -5.75 21.57 -28.37
N THR B 267 -4.50 22.03 -28.23
CA THR B 267 -4.19 23.44 -28.43
C THR B 267 -4.38 23.77 -29.91
N GLU B 268 -3.89 22.88 -30.78
CA GLU B 268 -4.05 23.04 -32.20
C GLU B 268 -5.52 22.99 -32.62
N CYS B 269 -6.32 22.07 -32.06
CA CYS B 269 -7.72 21.96 -32.43
C CYS B 269 -8.54 23.16 -32.01
N CYS B 270 -8.23 23.73 -30.84
CA CYS B 270 -8.92 24.91 -30.38
C CYS B 270 -8.52 26.11 -31.19
N HIS B 271 -7.25 26.21 -31.61
CA HIS B 271 -6.78 27.32 -32.41
C HIS B 271 -7.07 27.23 -33.89
N GLY B 272 -8.04 26.41 -34.27
CA GLY B 272 -8.40 26.27 -35.67
C GLY B 272 -7.35 25.63 -36.56
N ASP B 273 -6.25 25.14 -35.94
CA ASP B 273 -5.18 24.42 -36.62
C ASP B 273 -5.68 22.97 -36.71
N LEU B 274 -6.88 22.81 -37.29
CA LEU B 274 -7.64 21.60 -37.42
C LEU B 274 -6.94 20.56 -38.30
N LEU B 275 -6.13 21.00 -39.28
CA LEU B 275 -5.41 20.03 -40.12
C LEU B 275 -4.19 19.44 -39.33
N GLU B 276 -3.53 20.27 -38.51
CA GLU B 276 -2.39 19.82 -37.71
C GLU B 276 -2.86 18.91 -36.60
N CYS B 277 -3.98 19.27 -35.96
CA CYS B 277 -4.62 18.54 -34.89
C CYS B 277 -4.89 17.06 -35.25
N ALA B 278 -5.60 16.79 -36.34
CA ALA B 278 -5.95 15.42 -36.75
C ALA B 278 -4.77 14.58 -37.16
N ASP B 279 -3.73 15.23 -37.73
CA ASP B 279 -2.48 14.61 -38.15
C ASP B 279 -1.71 14.18 -36.88
N ASP B 280 -1.67 15.06 -35.88
CA ASP B 280 -1.00 14.78 -34.61
C ASP B 280 -1.75 13.81 -33.71
N ARG B 281 -3.10 13.90 -33.67
CA ARG B 281 -3.96 12.97 -32.90
C ARG B 281 -3.73 11.52 -33.38
N ALA B 282 -3.41 11.34 -34.68
CA ALA B 282 -3.11 10.05 -35.30
C ALA B 282 -1.72 9.55 -34.90
N ASP B 283 -0.77 10.46 -34.72
CA ASP B 283 0.60 10.15 -34.34
C ASP B 283 0.69 9.72 -32.90
N LEU B 284 0.00 10.41 -31.97
CA LEU B 284 0.01 9.96 -30.55
C LEU B 284 -0.70 8.61 -30.46
N ALA B 285 -1.76 8.41 -31.28
CA ALA B 285 -2.50 7.16 -31.32
C ALA B 285 -1.62 6.03 -31.81
N LYS B 286 -0.77 6.31 -32.83
CA LYS B 286 0.19 5.32 -33.36
C LYS B 286 1.18 4.99 -32.28
N TYR B 287 1.86 5.99 -31.71
CA TYR B 287 2.83 5.81 -30.62
C TYR B 287 2.32 4.96 -29.50
N ILE B 288 1.08 5.21 -29.08
CA ILE B 288 0.44 4.49 -28.00
C ILE B 288 0.36 3.02 -28.34
N CYS B 289 -0.07 2.74 -29.57
CA CYS B 289 -0.26 1.41 -30.10
C CYS B 289 1.01 0.66 -30.41
N GLU B 290 2.04 1.36 -30.89
CA GLU B 290 3.33 0.76 -31.18
C GLU B 290 4.03 0.36 -29.87
N ASN B 291 3.90 1.20 -28.84
CA ASN B 291 4.52 1.00 -27.52
C ASN B 291 3.42 0.71 -26.49
N GLN B 292 2.51 -0.20 -26.86
CA GLN B 292 1.38 -0.61 -26.05
C GLN B 292 1.73 -1.06 -24.63
N ASP B 293 2.73 -1.94 -24.50
CA ASP B 293 3.10 -2.49 -23.19
C ASP B 293 3.59 -1.42 -22.26
N SER B 294 4.28 -0.41 -22.82
CA SER B 294 4.78 0.71 -22.05
C SER B 294 3.67 1.69 -21.55
N ILE B 295 2.41 1.52 -22.05
CA ILE B 295 1.23 2.35 -21.74
C ILE B 295 0.10 1.56 -20.99
N SER B 296 -0.62 0.62 -21.64
CA SER B 296 -1.76 -0.07 -21.03
C SER B 296 -1.99 -1.47 -21.61
N SER B 297 -2.76 -2.30 -20.90
CA SER B 297 -3.13 -3.65 -21.37
C SER B 297 -4.41 -3.61 -22.22
N LYS B 298 -5.27 -2.63 -21.96
CA LYS B 298 -6.55 -2.42 -22.60
C LYS B 298 -6.45 -2.02 -24.10
N LEU B 299 -5.33 -1.38 -24.50
CA LEU B 299 -5.11 -0.86 -25.85
C LEU B 299 -5.00 -1.90 -26.98
N LYS B 300 -4.78 -3.19 -26.67
CA LYS B 300 -4.60 -4.23 -27.70
C LYS B 300 -5.66 -4.22 -28.80
N GLU B 301 -6.96 -4.25 -28.44
CA GLU B 301 -8.02 -4.28 -29.45
C GLU B 301 -8.22 -2.93 -30.13
N CYS B 302 -8.07 -1.82 -29.39
CA CYS B 302 -8.19 -0.47 -29.96
C CYS B 302 -7.24 -0.25 -31.12
N CYS B 303 -6.06 -0.85 -31.02
CA CYS B 303 -5.02 -0.66 -32.00
C CYS B 303 -5.15 -1.53 -33.24
N GLU B 304 -6.07 -2.50 -33.23
CA GLU B 304 -6.34 -3.31 -34.42
C GLU B 304 -7.19 -2.44 -35.37
N LYS B 305 -8.18 -1.69 -34.83
CA LYS B 305 -9.10 -0.79 -35.54
C LYS B 305 -8.42 0.17 -36.55
N PRO B 306 -9.12 0.62 -37.62
CA PRO B 306 -8.48 1.52 -38.60
C PRO B 306 -8.40 2.99 -38.16
N LEU B 307 -7.34 3.67 -38.60
CA LEU B 307 -6.96 5.07 -38.36
C LEU B 307 -7.95 5.95 -37.58
N LEU B 308 -9.15 6.26 -38.14
CA LEU B 308 -10.10 7.17 -37.48
C LEU B 308 -10.73 6.56 -36.22
N GLU B 309 -10.95 5.25 -36.25
CA GLU B 309 -11.51 4.52 -35.13
C GLU B 309 -10.44 4.29 -34.07
N LYS B 310 -9.21 3.82 -34.46
CA LYS B 310 -8.08 3.55 -33.54
C LYS B 310 -7.90 4.65 -32.49
N SER B 311 -7.95 5.93 -32.92
CA SER B 311 -7.82 7.08 -32.04
C SER B 311 -9.01 7.20 -31.06
N HIS B 312 -10.24 7.09 -31.58
CA HIS B 312 -11.47 7.16 -30.79
C HIS B 312 -11.52 6.09 -29.71
N CYS B 313 -11.08 4.86 -30.04
CA CYS B 313 -11.06 3.76 -29.09
C CYS B 313 -10.13 4.01 -27.91
N ILE B 314 -8.87 4.41 -28.20
CA ILE B 314 -7.84 4.70 -27.20
C ILE B 314 -8.31 5.77 -26.24
N ALA B 315 -9.00 6.79 -26.76
CA ALA B 315 -9.54 7.87 -25.96
C ALA B 315 -10.56 7.33 -24.94
N GLU B 316 -11.38 6.38 -25.38
CA GLU B 316 -12.42 5.79 -24.55
C GLU B 316 -11.93 4.58 -23.70
N VAL B 317 -10.70 4.10 -23.94
CA VAL B 317 -10.11 2.94 -23.28
C VAL B 317 -10.34 2.88 -21.76
N GLU B 318 -10.45 1.68 -21.23
CA GLU B 318 -10.69 1.44 -19.82
C GLU B 318 -9.45 1.66 -18.98
N ASN B 319 -9.65 2.00 -17.69
CA ASN B 319 -8.53 2.18 -16.76
C ASN B 319 -7.81 0.85 -16.58
N ASP B 320 -6.50 0.87 -16.70
CA ASP B 320 -5.68 -0.30 -16.57
C ASP B 320 -5.58 -0.75 -15.11
N GLU B 321 -5.42 -2.07 -14.88
CA GLU B 321 -5.27 -2.67 -13.55
C GLU B 321 -3.98 -2.11 -12.93
N MET B 322 -4.10 -1.14 -12.03
CA MET B 322 -2.93 -0.51 -11.44
C MET B 322 -1.92 -1.47 -10.82
N PRO B 323 -0.62 -1.28 -11.11
CA PRO B 323 0.40 -2.16 -10.54
C PRO B 323 0.21 -2.47 -9.07
N ALA B 324 0.52 -3.70 -8.71
CA ALA B 324 0.34 -4.18 -7.35
C ALA B 324 1.43 -3.70 -6.41
N ASP B 325 1.04 -3.47 -5.15
CA ASP B 325 1.94 -3.09 -4.07
C ASP B 325 2.87 -1.89 -4.41
N LEU B 326 2.26 -0.74 -4.73
CA LEU B 326 3.01 0.49 -4.99
C LEU B 326 3.33 1.10 -3.62
N PRO B 327 4.50 1.72 -3.45
CA PRO B 327 4.81 2.35 -2.14
C PRO B 327 3.95 3.58 -1.83
N SER B 328 4.05 4.13 -0.60
CA SER B 328 3.24 5.30 -0.27
C SER B 328 3.91 6.51 -0.81
N LEU B 329 3.12 7.44 -1.40
CA LEU B 329 3.62 8.72 -1.89
C LEU B 329 4.25 9.53 -0.69
N ALA B 330 3.82 9.25 0.57
CA ALA B 330 4.32 9.85 1.79
C ALA B 330 5.83 9.73 1.94
N ALA B 331 6.40 8.62 1.49
CA ALA B 331 7.83 8.39 1.59
C ALA B 331 8.68 9.42 0.80
N ASP B 332 8.36 9.65 -0.47
CA ASP B 332 9.15 10.55 -1.30
C ASP B 332 8.56 11.96 -1.42
N PHE B 333 7.35 12.21 -0.86
CA PHE B 333 6.71 13.54 -0.93
C PHE B 333 6.53 14.19 0.43
N VAL B 334 6.73 13.48 1.54
CA VAL B 334 6.58 14.03 2.88
C VAL B 334 7.80 13.68 3.78
N GLU B 335 8.27 12.46 3.63
CA GLU B 335 9.36 11.94 4.44
C GLU B 335 10.72 12.35 3.92
N SER B 336 10.93 12.28 2.61
CA SER B 336 12.23 12.60 2.01
C SER B 336 12.90 13.87 2.54
N LYS B 337 14.22 13.79 2.70
CA LYS B 337 15.02 14.92 3.13
C LYS B 337 15.07 15.95 1.99
N ASP B 338 15.16 15.49 0.73
CA ASP B 338 15.23 16.39 -0.40
C ASP B 338 13.87 16.80 -1.03
N VAL B 339 12.74 16.86 -0.26
CA VAL B 339 11.43 17.27 -0.83
C VAL B 339 11.48 18.71 -1.35
N CYS B 340 12.06 19.61 -0.58
CA CYS B 340 12.17 21.00 -0.96
C CYS B 340 13.22 21.25 -2.02
N LYS B 341 14.34 20.49 -1.99
CA LYS B 341 15.41 20.63 -2.97
C LYS B 341 14.93 20.12 -4.33
N ASN B 342 14.21 18.97 -4.35
CA ASN B 342 13.65 18.40 -5.58
C ASN B 342 12.55 19.32 -6.08
N TYR B 343 11.69 19.87 -5.18
CA TYR B 343 10.64 20.78 -5.62
C TYR B 343 11.26 22.05 -6.23
N ALA B 344 12.31 22.59 -5.62
CA ALA B 344 12.99 23.77 -6.13
C ALA B 344 13.60 23.50 -7.50
N GLU B 345 14.17 22.30 -7.69
CA GLU B 345 14.79 21.90 -8.93
C GLU B 345 13.91 22.11 -10.17
N ALA B 346 12.82 21.34 -10.31
CA ALA B 346 11.88 21.51 -11.42
C ALA B 346 10.48 21.44 -10.81
N LYS B 347 10.05 22.55 -10.18
CA LYS B 347 8.80 22.69 -9.44
C LYS B 347 7.58 22.06 -10.12
N ASP B 348 7.37 22.36 -11.39
CA ASP B 348 6.24 21.79 -12.12
C ASP B 348 6.39 20.25 -12.33
N VAL B 349 7.60 19.77 -12.64
CA VAL B 349 7.82 18.35 -12.82
C VAL B 349 7.65 17.61 -11.49
N PHE B 350 8.14 18.19 -10.39
CA PHE B 350 7.99 17.56 -9.08
C PHE B 350 6.52 17.47 -8.70
N LEU B 351 5.74 18.52 -8.96
CA LEU B 351 4.31 18.51 -8.66
C LEU B 351 3.55 17.56 -9.60
N GLY B 352 3.93 17.54 -10.87
CA GLY B 352 3.36 16.64 -11.86
C GLY B 352 3.60 15.20 -11.50
N MET B 353 4.76 14.90 -10.91
CA MET B 353 5.13 13.58 -10.39
C MET B 353 4.26 13.24 -9.16
N PHE B 354 3.92 14.25 -8.33
CA PHE B 354 3.02 14.08 -7.20
C PHE B 354 1.66 13.63 -7.75
N LEU B 355 1.15 14.37 -8.73
CA LEU B 355 -0.13 14.10 -9.36
C LEU B 355 -0.14 12.76 -10.02
N TYR B 356 0.95 12.36 -10.65
CA TYR B 356 1.01 11.04 -11.29
C TYR B 356 0.85 9.92 -10.22
N GLU B 357 1.69 9.95 -9.18
CA GLU B 357 1.65 8.95 -8.14
C GLU B 357 0.32 8.91 -7.41
N TYR B 358 -0.32 10.06 -7.22
CA TYR B 358 -1.61 10.11 -6.54
C TYR B 358 -2.74 9.64 -7.45
N ALA B 359 -2.78 10.10 -8.69
CA ALA B 359 -3.84 9.74 -9.62
C ALA B 359 -3.79 8.32 -10.14
N ARG B 360 -2.61 7.72 -10.25
CA ARG B 360 -2.53 6.33 -10.68
C ARG B 360 -3.13 5.44 -9.56
N ARG B 361 -2.87 5.81 -8.28
CA ARG B 361 -3.37 5.10 -7.11
C ARG B 361 -4.84 5.42 -6.77
N HIS B 362 -5.40 6.52 -7.33
CA HIS B 362 -6.79 6.87 -7.04
C HIS B 362 -7.64 7.03 -8.27
N PRO B 363 -8.07 5.90 -8.84
CA PRO B 363 -8.95 5.97 -10.01
C PRO B 363 -10.40 6.26 -9.63
N ASP B 364 -10.72 6.16 -8.32
CA ASP B 364 -12.00 6.44 -7.68
C ASP B 364 -12.19 7.95 -7.42
N TYR B 365 -11.10 8.73 -7.37
CA TYR B 365 -11.18 10.17 -7.16
C TYR B 365 -11.55 10.87 -8.49
N SER B 366 -12.02 12.12 -8.40
CA SER B 366 -12.34 12.95 -9.56
C SER B 366 -11.05 13.54 -10.06
N VAL B 367 -10.94 13.90 -11.37
CA VAL B 367 -9.71 14.58 -11.85
C VAL B 367 -9.51 15.90 -11.06
N VAL B 368 -10.63 16.61 -10.84
CA VAL B 368 -10.66 17.86 -10.09
C VAL B 368 -10.30 17.64 -8.65
N LEU B 369 -10.71 16.51 -8.05
CA LEU B 369 -10.34 16.22 -6.66
C LEU B 369 -8.84 16.07 -6.57
N LEU B 370 -8.26 15.27 -7.48
CA LEU B 370 -6.82 15.06 -7.56
C LEU B 370 -6.08 16.41 -7.73
N LEU B 371 -6.67 17.32 -8.51
CA LEU B 371 -6.11 18.62 -8.72
C LEU B 371 -6.19 19.48 -7.48
N ARG B 372 -7.24 19.33 -6.65
CA ARG B 372 -7.31 20.10 -5.40
C ARG B 372 -6.27 19.57 -4.41
N LEU B 373 -5.99 18.25 -4.45
CA LEU B 373 -4.98 17.63 -3.61
C LEU B 373 -3.59 18.04 -4.07
N ALA B 374 -3.40 18.15 -5.40
CA ALA B 374 -2.13 18.61 -5.94
C ALA B 374 -1.95 20.09 -5.58
N LYS B 375 -3.00 20.91 -5.77
CA LYS B 375 -2.98 22.33 -5.47
C LYS B 375 -2.70 22.60 -4.01
N THR B 376 -3.30 21.80 -3.09
CA THR B 376 -3.07 22.01 -1.66
C THR B 376 -1.65 21.60 -1.28
N TYR B 377 -1.13 20.55 -1.90
CA TYR B 377 0.23 20.11 -1.65
C TYR B 377 1.20 21.16 -2.16
N GLU B 378 0.95 21.72 -3.34
CA GLU B 378 1.78 22.78 -3.92
C GLU B 378 1.78 23.99 -2.99
N THR B 379 0.59 24.38 -2.55
CA THR B 379 0.36 25.51 -1.67
C THR B 379 1.20 25.37 -0.39
N THR B 380 1.19 24.17 0.26
CA THR B 380 1.99 23.99 1.48
C THR B 380 3.46 23.89 1.19
N LEU B 381 3.84 23.29 0.05
CA LEU B 381 5.25 23.19 -0.31
C LEU B 381 5.86 24.59 -0.51
N GLU B 382 5.07 25.51 -1.09
CA GLU B 382 5.49 26.89 -1.34
C GLU B 382 5.80 27.66 -0.07
N LYS B 383 4.95 27.51 0.94
CA LYS B 383 5.05 28.16 2.23
C LYS B 383 6.11 27.48 3.09
N CYS B 384 6.08 26.14 3.13
CA CYS B 384 6.93 25.30 3.97
C CYS B 384 8.40 25.36 3.65
N CYS B 385 8.77 25.35 2.37
CA CYS B 385 10.18 25.40 1.99
C CYS B 385 10.89 26.65 2.50
N ALA B 386 10.14 27.75 2.72
CA ALA B 386 10.66 29.01 3.26
C ALA B 386 10.90 28.97 4.78
N ALA B 387 10.12 28.14 5.50
CA ALA B 387 10.17 28.00 6.95
C ALA B 387 11.51 27.45 7.48
N ALA B 388 11.75 27.57 8.81
CA ALA B 388 12.98 27.08 9.43
C ALA B 388 13.08 25.55 9.32
N ASP B 389 12.02 24.81 9.72
CA ASP B 389 12.03 23.36 9.56
C ASP B 389 10.98 23.04 8.51
N PRO B 390 11.31 23.07 7.20
CA PRO B 390 10.29 22.74 6.18
C PRO B 390 9.73 21.36 6.43
N HIS B 391 10.59 20.38 6.77
CA HIS B 391 10.14 19.03 7.08
C HIS B 391 9.03 18.99 8.13
N GLU B 392 9.24 19.62 9.29
CA GLU B 392 8.21 19.64 10.33
C GLU B 392 6.95 20.45 9.89
N CYS B 393 7.15 21.45 9.01
CA CYS B 393 6.08 22.27 8.47
C CYS B 393 5.10 21.40 7.67
N TYR B 394 5.60 20.73 6.62
CA TYR B 394 4.76 19.91 5.76
C TYR B 394 4.55 18.50 6.24
N ALA B 395 5.16 18.09 7.36
CA ALA B 395 5.06 16.72 7.83
C ALA B 395 3.63 16.18 7.94
N LYS B 396 2.62 17.06 8.11
CA LYS B 396 1.23 16.59 8.20
C LYS B 396 0.37 17.04 7.01
N VAL B 397 0.97 17.22 5.82
CA VAL B 397 0.26 17.73 4.64
C VAL B 397 -0.91 16.84 4.19
N PHE B 398 -0.69 15.53 4.13
CA PHE B 398 -1.69 14.57 3.68
C PHE B 398 -2.96 14.56 4.54
N ASP B 399 -2.82 14.95 5.83
CA ASP B 399 -3.95 15.06 6.76
C ASP B 399 -4.90 16.24 6.41
N GLU B 400 -4.43 17.16 5.53
CA GLU B 400 -5.21 18.28 5.02
C GLU B 400 -6.08 17.82 3.84
N PHE B 401 -5.70 16.71 3.13
CA PHE B 401 -6.46 16.17 2.00
C PHE B 401 -7.77 15.52 2.46
N LYS B 402 -7.87 15.15 3.75
CA LYS B 402 -9.06 14.50 4.31
C LYS B 402 -10.40 15.28 4.04
N PRO B 403 -10.56 16.58 4.40
CA PRO B 403 -11.84 17.25 4.13
C PRO B 403 -12.16 17.40 2.65
N LEU B 404 -11.12 17.48 1.81
CA LEU B 404 -11.24 17.66 0.35
C LEU B 404 -11.86 16.46 -0.31
N VAL B 405 -11.44 15.25 0.10
CA VAL B 405 -11.96 13.97 -0.42
C VAL B 405 -13.29 13.60 0.26
N GLU B 406 -13.54 14.11 1.47
CA GLU B 406 -14.78 13.82 2.19
C GLU B 406 -15.90 14.56 1.47
N GLU B 407 -15.77 15.89 1.36
CA GLU B 407 -16.76 16.78 0.74
C GLU B 407 -17.49 16.21 -0.52
N PRO B 408 -16.80 15.71 -1.59
CA PRO B 408 -17.55 15.22 -2.76
C PRO B 408 -18.12 13.82 -2.58
N GLN B 409 -17.50 13.00 -1.73
CA GLN B 409 -17.99 11.66 -1.45
C GLN B 409 -19.31 11.78 -0.66
N ASN B 410 -19.35 12.72 0.31
CA ASN B 410 -20.52 13.00 1.13
C ASN B 410 -21.67 13.55 0.27
N LEU B 411 -21.32 14.41 -0.70
CA LEU B 411 -22.32 15.00 -1.58
C LEU B 411 -22.88 13.92 -2.50
N ILE B 412 -22.01 13.07 -3.06
CA ILE B 412 -22.45 12.00 -3.95
C ILE B 412 -23.37 11.03 -3.22
N LYS B 413 -23.03 10.68 -1.98
CA LYS B 413 -23.84 9.78 -1.18
C LYS B 413 -25.17 10.41 -0.77
N GLN B 414 -25.17 11.72 -0.43
CA GLN B 414 -26.41 12.40 -0.04
C GLN B 414 -27.35 12.56 -1.25
N ASN B 415 -26.80 12.90 -2.43
CA ASN B 415 -27.61 13.08 -3.63
C ASN B 415 -28.04 11.79 -4.26
N CYS B 416 -27.23 10.73 -4.13
CA CYS B 416 -27.61 9.42 -4.67
C CYS B 416 -28.66 8.73 -3.79
N GLU B 417 -28.72 9.08 -2.48
CA GLU B 417 -29.74 8.57 -1.57
C GLU B 417 -31.11 9.11 -2.03
N LEU B 418 -31.17 10.41 -2.44
CA LEU B 418 -32.39 11.03 -2.97
C LEU B 418 -32.75 10.45 -4.35
N PHE B 419 -31.75 10.26 -5.23
CA PHE B 419 -32.02 9.70 -6.55
C PHE B 419 -32.56 8.28 -6.45
N GLU B 420 -31.94 7.43 -5.61
CA GLU B 420 -32.41 6.05 -5.45
C GLU B 420 -33.77 5.93 -4.71
N GLN B 421 -34.40 7.07 -4.36
CA GLN B 421 -35.69 7.06 -3.70
C GLN B 421 -36.72 8.00 -4.36
N LEU B 422 -36.32 8.83 -5.35
CA LEU B 422 -37.25 9.74 -6.03
C LEU B 422 -37.35 9.52 -7.55
N GLY B 423 -36.33 8.94 -8.16
CA GLY B 423 -36.33 8.72 -9.60
C GLY B 423 -35.88 9.95 -10.37
N GLU B 424 -35.74 9.84 -11.70
CA GLU B 424 -35.28 10.95 -12.56
C GLU B 424 -36.30 12.12 -12.68
N TYR B 425 -37.57 11.90 -12.32
CA TYR B 425 -38.58 12.95 -12.39
C TYR B 425 -38.64 13.68 -11.07
N LYS B 426 -38.93 12.98 -9.96
CA LYS B 426 -39.03 13.61 -8.66
C LYS B 426 -37.64 14.12 -8.15
N PHE B 427 -36.52 13.54 -8.64
CA PHE B 427 -35.19 14.01 -8.27
C PHE B 427 -34.82 15.23 -9.12
N GLN B 428 -35.17 15.21 -10.43
CA GLN B 428 -34.93 16.38 -11.31
C GLN B 428 -35.77 17.56 -10.81
N ASN B 429 -37.01 17.29 -10.35
CA ASN B 429 -37.92 18.30 -9.79
C ASN B 429 -37.34 18.87 -8.50
N ALA B 430 -36.73 18.03 -7.67
CA ALA B 430 -36.13 18.48 -6.42
C ALA B 430 -34.90 19.34 -6.69
N LEU B 431 -34.09 18.97 -7.69
CA LEU B 431 -32.90 19.73 -8.06
C LEU B 431 -33.30 21.11 -8.65
N LEU B 432 -34.40 21.16 -9.44
CA LEU B 432 -34.92 22.40 -10.04
C LEU B 432 -35.36 23.39 -8.97
N VAL B 433 -35.85 22.92 -7.81
CA VAL B 433 -36.29 23.78 -6.71
C VAL B 433 -35.07 24.33 -5.99
N ARG B 434 -34.10 23.46 -5.68
CA ARG B 434 -32.91 23.88 -4.96
C ARG B 434 -32.03 24.81 -5.79
N TYR B 435 -31.77 24.46 -7.05
CA TYR B 435 -30.92 25.28 -7.91
C TYR B 435 -31.56 26.60 -8.33
N THR B 436 -32.91 26.67 -8.33
CA THR B 436 -33.59 27.91 -8.67
C THR B 436 -33.59 28.82 -7.44
N LYS B 437 -33.80 28.26 -6.23
CA LYS B 437 -33.75 29.06 -5.01
C LYS B 437 -32.34 29.65 -4.81
N LYS B 438 -31.30 28.84 -5.12
CA LYS B 438 -29.89 29.23 -5.04
C LYS B 438 -29.57 30.43 -5.94
N VAL B 439 -29.89 30.33 -7.24
CA VAL B 439 -29.63 31.42 -8.18
C VAL B 439 -30.88 31.71 -9.03
N PRO B 440 -31.81 32.51 -8.49
CA PRO B 440 -33.05 32.81 -9.24
C PRO B 440 -32.91 33.79 -10.41
N GLN B 441 -31.67 34.23 -10.73
CA GLN B 441 -31.43 35.16 -11.84
C GLN B 441 -31.32 34.45 -13.21
N VAL B 442 -31.28 33.09 -13.24
CA VAL B 442 -31.22 32.28 -14.46
C VAL B 442 -32.56 32.26 -15.20
N SER B 443 -32.52 32.22 -16.54
CA SER B 443 -33.72 32.20 -17.37
C SER B 443 -34.47 30.92 -17.13
N THR B 444 -35.80 31.01 -16.88
CA THR B 444 -36.66 29.86 -16.59
C THR B 444 -36.36 28.59 -17.45
N PRO B 445 -36.28 28.65 -18.80
CA PRO B 445 -35.97 27.43 -19.57
C PRO B 445 -34.50 26.99 -19.50
N THR B 446 -33.54 27.92 -19.29
CA THR B 446 -32.13 27.53 -19.14
C THR B 446 -31.90 26.85 -17.79
N LEU B 447 -32.64 27.27 -16.75
CA LEU B 447 -32.55 26.64 -15.44
C LEU B 447 -33.23 25.26 -15.47
N VAL B 448 -34.28 25.08 -16.28
CA VAL B 448 -34.94 23.79 -16.44
C VAL B 448 -33.98 22.84 -17.13
N GLU B 449 -33.36 23.29 -18.23
CA GLU B 449 -32.42 22.47 -18.99
C GLU B 449 -31.23 21.98 -18.15
N VAL B 450 -30.59 22.89 -17.38
CA VAL B 450 -29.45 22.55 -16.52
C VAL B 450 -29.88 21.76 -15.27
N SER B 451 -31.16 21.87 -14.85
CA SER B 451 -31.70 21.13 -13.71
C SER B 451 -31.95 19.68 -14.12
N ARG B 452 -32.56 19.47 -15.30
CA ARG B 452 -32.81 18.13 -15.80
C ARG B 452 -31.47 17.49 -16.23
N ASN B 453 -30.50 18.31 -16.73
CA ASN B 453 -29.16 17.85 -17.14
C ASN B 453 -28.34 17.46 -15.92
N LEU B 454 -28.38 18.26 -14.84
CA LEU B 454 -27.65 17.94 -13.61
C LEU B 454 -28.27 16.73 -12.89
N GLY B 455 -29.58 16.51 -13.07
CA GLY B 455 -30.27 15.36 -12.51
C GLY B 455 -29.93 14.11 -13.28
N LYS B 456 -29.85 14.22 -14.63
CA LYS B 456 -29.47 13.12 -15.52
C LYS B 456 -28.11 12.53 -15.13
N VAL B 457 -27.27 13.31 -14.39
CA VAL B 457 -25.97 12.89 -13.88
C VAL B 457 -26.19 11.80 -12.83
N GLY B 458 -27.06 12.06 -11.86
CA GLY B 458 -27.36 11.08 -10.82
C GLY B 458 -27.88 9.76 -11.37
N SER B 459 -28.57 9.81 -12.52
CA SER B 459 -29.12 8.63 -13.19
C SER B 459 -28.03 7.73 -13.69
N LYS B 460 -27.09 8.29 -14.45
CA LYS B 460 -25.97 7.53 -15.00
C LYS B 460 -24.74 7.67 -14.12
N CYS B 461 -24.92 7.68 -12.79
CA CYS B 461 -23.80 7.77 -11.85
C CYS B 461 -24.04 6.98 -10.60
N CYS B 462 -25.28 7.00 -10.09
CA CYS B 462 -25.62 6.26 -8.88
C CYS B 462 -25.66 4.74 -9.11
N LYS B 463 -25.91 4.30 -10.36
CA LYS B 463 -25.93 2.88 -10.72
C LYS B 463 -24.58 2.24 -10.33
N HIS B 464 -23.46 2.90 -10.71
CA HIS B 464 -22.09 2.49 -10.38
C HIS B 464 -21.84 2.53 -8.86
N PRO B 465 -20.92 1.71 -8.33
CA PRO B 465 -20.68 1.70 -6.88
C PRO B 465 -19.86 2.88 -6.36
N GLU B 466 -19.69 3.02 -5.01
CA GLU B 466 -18.92 4.11 -4.37
C GLU B 466 -17.50 4.27 -4.93
N ALA B 467 -16.93 3.17 -5.43
CA ALA B 467 -15.60 3.12 -6.02
C ALA B 467 -15.52 3.82 -7.38
N LYS B 468 -16.61 3.89 -8.11
CA LYS B 468 -16.63 4.54 -9.44
C LYS B 468 -17.69 5.63 -9.58
N ARG B 469 -18.35 6.02 -8.48
CA ARG B 469 -19.39 7.03 -8.50
C ARG B 469 -18.78 8.40 -8.71
N MET B 470 -17.72 8.74 -7.94
CA MET B 470 -17.09 10.06 -8.00
C MET B 470 -16.55 10.45 -9.36
N PRO B 471 -15.74 9.62 -10.08
CA PRO B 471 -15.22 10.06 -11.38
C PRO B 471 -16.30 10.24 -12.42
N CYS B 472 -17.39 9.49 -12.33
CA CYS B 472 -18.49 9.62 -13.25
C CYS B 472 -19.26 10.91 -12.92
N ALA B 473 -19.52 11.14 -11.63
CA ALA B 473 -20.25 12.31 -11.19
C ALA B 473 -19.51 13.59 -11.55
N GLU B 474 -18.22 13.71 -11.19
CA GLU B 474 -17.44 14.89 -11.53
C GLU B 474 -17.35 15.11 -13.04
N ASP B 475 -17.05 14.05 -13.82
CA ASP B 475 -16.98 14.13 -15.30
C ASP B 475 -18.25 14.77 -15.88
N TYR B 476 -19.45 14.25 -15.54
CA TYR B 476 -20.69 14.81 -16.06
C TYR B 476 -20.96 16.20 -15.51
N LEU B 477 -20.98 16.38 -14.17
CA LEU B 477 -21.26 17.68 -13.53
C LEU B 477 -20.40 18.80 -14.08
N SER B 478 -19.08 18.58 -14.23
CA SER B 478 -18.20 19.64 -14.76
C SER B 478 -18.54 20.02 -16.22
N VAL B 479 -18.97 19.05 -17.06
CA VAL B 479 -19.31 19.37 -18.44
C VAL B 479 -20.61 20.19 -18.49
N VAL B 480 -21.63 19.84 -17.67
CA VAL B 480 -22.87 20.65 -17.69
C VAL B 480 -22.64 22.02 -17.09
N LEU B 481 -21.78 22.11 -16.04
CA LEU B 481 -21.43 23.39 -15.43
C LEU B 481 -20.73 24.31 -16.44
N ASN B 482 -19.91 23.73 -17.33
CA ASN B 482 -19.24 24.49 -18.39
C ASN B 482 -20.23 24.89 -19.50
N GLN B 483 -21.27 24.06 -19.74
CA GLN B 483 -22.32 24.38 -20.70
C GLN B 483 -23.22 25.53 -20.15
N LEU B 484 -23.35 25.64 -18.80
CA LEU B 484 -24.09 26.69 -18.13
C LEU B 484 -23.23 27.95 -18.11
N CYS B 485 -21.93 27.82 -17.81
CA CYS B 485 -21.02 28.95 -17.78
C CYS B 485 -20.76 29.54 -19.17
N VAL B 486 -20.80 28.71 -20.22
CA VAL B 486 -20.67 29.21 -21.58
C VAL B 486 -21.90 30.04 -21.92
N LEU B 487 -23.11 29.56 -21.52
CA LEU B 487 -24.41 30.23 -21.72
C LEU B 487 -24.58 31.52 -20.90
N HIS B 488 -23.91 31.58 -19.75
CA HIS B 488 -23.96 32.73 -18.87
C HIS B 488 -22.89 33.77 -19.26
N GLU B 489 -21.74 33.33 -19.80
CA GLU B 489 -20.69 34.27 -20.22
C GLU B 489 -21.21 35.17 -21.35
N LYS B 490 -21.97 34.59 -22.29
CA LYS B 490 -22.55 35.31 -23.41
C LYS B 490 -23.65 36.27 -22.93
N THR B 491 -24.58 35.82 -22.07
CA THR B 491 -25.65 36.70 -21.56
C THR B 491 -25.66 36.76 -20.03
N PRO B 492 -24.74 37.52 -19.39
CA PRO B 492 -24.68 37.54 -17.91
C PRO B 492 -25.94 38.02 -17.19
N VAL B 493 -26.37 37.24 -16.19
CA VAL B 493 -27.57 37.48 -15.40
C VAL B 493 -27.30 37.45 -13.89
N SER B 494 -26.21 36.80 -13.44
CA SER B 494 -25.89 36.71 -12.00
C SER B 494 -24.41 36.86 -11.69
N ASP B 495 -24.08 37.79 -10.76
CA ASP B 495 -22.73 38.08 -10.31
C ASP B 495 -22.08 36.92 -9.53
N ARG B 496 -22.91 36.03 -8.94
CA ARG B 496 -22.42 34.86 -8.20
C ARG B 496 -21.98 33.79 -9.17
N VAL B 497 -22.75 33.58 -10.25
CA VAL B 497 -22.41 32.60 -11.29
C VAL B 497 -21.08 33.01 -11.94
N THR B 498 -20.90 34.32 -12.19
CA THR B 498 -19.68 34.93 -12.72
C THR B 498 -18.48 34.56 -11.82
N LYS B 499 -18.65 34.71 -10.49
CA LYS B 499 -17.62 34.39 -9.53
C LYS B 499 -17.22 32.92 -9.63
N CYS B 500 -18.22 32.01 -9.77
CA CYS B 500 -17.98 30.57 -9.83
C CYS B 500 -17.29 30.17 -11.11
N CYS B 501 -17.74 30.69 -12.24
CA CYS B 501 -17.15 30.35 -13.54
C CYS B 501 -15.72 30.93 -13.64
N THR B 502 -15.52 32.16 -13.13
CA THR B 502 -14.22 32.85 -13.15
C THR B 502 -13.21 32.20 -12.23
N GLU B 503 -13.66 31.61 -11.09
CA GLU B 503 -12.74 30.92 -10.17
C GLU B 503 -12.19 29.64 -10.83
N SER B 504 -10.99 29.18 -10.39
CA SER B 504 -10.28 28.03 -10.97
C SER B 504 -11.19 26.86 -11.35
N LEU B 505 -10.97 26.27 -12.54
CA LEU B 505 -11.77 25.14 -13.02
C LEU B 505 -11.88 24.00 -12.00
N VAL B 506 -10.92 23.92 -11.09
CA VAL B 506 -10.82 22.94 -10.03
C VAL B 506 -11.96 23.14 -9.00
N ASN B 507 -12.12 24.37 -8.48
CA ASN B 507 -13.19 24.64 -7.52
C ASN B 507 -14.42 25.29 -8.22
N ARG B 508 -14.74 24.86 -9.46
CA ARG B 508 -15.91 25.37 -10.15
C ARG B 508 -17.12 24.73 -9.53
N ARG B 509 -17.10 23.40 -9.34
CA ARG B 509 -18.22 22.71 -8.68
C ARG B 509 -18.29 23.07 -7.18
N PRO B 510 -17.18 23.02 -6.40
CA PRO B 510 -17.27 23.43 -4.98
C PRO B 510 -17.94 24.79 -4.76
N CYS B 511 -17.69 25.74 -5.67
CA CYS B 511 -18.27 27.07 -5.61
C CYS B 511 -19.78 26.99 -5.72
N PHE B 512 -20.28 26.27 -6.72
CA PHE B 512 -21.70 26.10 -6.94
C PHE B 512 -22.40 25.40 -5.80
N SER B 513 -21.74 24.44 -5.17
CA SER B 513 -22.34 23.70 -4.04
C SER B 513 -22.45 24.55 -2.79
N ALA B 514 -21.60 25.57 -2.65
CA ALA B 514 -21.62 26.46 -1.49
C ALA B 514 -22.75 27.51 -1.56
N LEU B 515 -23.27 27.80 -2.77
CA LEU B 515 -24.32 28.79 -2.95
C LEU B 515 -25.53 28.56 -2.09
N GLU B 516 -26.09 29.64 -1.58
CA GLU B 516 -27.29 29.60 -0.78
C GLU B 516 -28.39 30.40 -1.48
N VAL B 517 -29.60 30.42 -0.92
CA VAL B 517 -30.71 31.16 -1.51
C VAL B 517 -30.40 32.66 -1.57
N ASP B 518 -30.40 33.24 -2.80
CA ASP B 518 -30.09 34.65 -2.99
C ASP B 518 -31.14 35.55 -2.34
N GLU B 519 -30.84 36.02 -1.13
CA GLU B 519 -31.71 36.92 -0.35
C GLU B 519 -31.79 38.36 -0.91
N THR B 520 -31.14 38.62 -2.07
CA THR B 520 -31.12 39.92 -2.72
C THR B 520 -32.01 39.91 -3.96
N LYS B 524 -39.81 36.71 -9.57
CA LYS B 524 -40.98 36.74 -10.45
C LYS B 524 -42.24 37.27 -9.75
N GLU B 525 -43.27 37.64 -10.53
CA GLU B 525 -44.53 38.14 -10.00
C GLU B 525 -45.71 37.29 -10.51
N PHE B 526 -46.89 37.42 -9.88
CA PHE B 526 -48.06 36.65 -10.27
C PHE B 526 -48.57 37.07 -11.64
N ASN B 527 -48.73 36.10 -12.56
CA ASN B 527 -49.20 36.35 -13.92
C ASN B 527 -49.80 35.07 -14.50
N ALA B 528 -51.01 35.16 -15.08
CA ALA B 528 -51.70 34.01 -15.67
C ALA B 528 -51.20 33.64 -17.07
N GLY B 529 -49.89 33.72 -17.25
CA GLY B 529 -49.22 33.36 -18.49
C GLY B 529 -48.09 32.38 -18.23
N THR B 530 -47.38 32.59 -17.12
CA THR B 530 -46.29 31.72 -16.67
C THR B 530 -46.83 30.79 -15.59
N PHE B 531 -47.58 31.34 -14.62
CA PHE B 531 -48.17 30.54 -13.56
C PHE B 531 -49.44 29.79 -14.02
N THR B 532 -50.06 30.23 -15.13
CA THR B 532 -51.25 29.57 -15.70
C THR B 532 -50.89 28.97 -17.06
N PHE B 533 -50.58 27.66 -17.07
CA PHE B 533 -50.18 26.94 -18.28
C PHE B 533 -51.28 26.86 -19.33
N HIS B 534 -50.88 26.66 -20.60
CA HIS B 534 -51.79 26.52 -21.74
C HIS B 534 -52.22 25.05 -21.90
N ALA B 535 -53.49 24.81 -22.25
CA ALA B 535 -53.99 23.45 -22.43
C ALA B 535 -53.64 22.81 -23.80
N ASP B 536 -52.53 23.26 -24.42
CA ASP B 536 -52.05 22.75 -25.72
C ASP B 536 -51.37 21.40 -25.52
N ILE B 537 -50.55 21.28 -24.47
CA ILE B 537 -49.88 20.03 -24.11
C ILE B 537 -50.83 18.96 -23.54
N CYS B 538 -52.07 19.37 -23.16
CA CYS B 538 -53.11 18.49 -22.63
C CYS B 538 -53.53 17.49 -23.69
N THR B 539 -53.68 17.97 -24.95
CA THR B 539 -54.06 17.15 -26.10
C THR B 539 -52.90 16.22 -26.55
N LEU B 540 -51.64 16.66 -26.32
CA LEU B 540 -50.41 15.93 -26.66
C LEU B 540 -50.35 14.61 -25.89
N LYS B 543 -45.67 12.90 -21.78
CA LYS B 543 -44.47 12.86 -20.95
C LYS B 543 -43.23 13.45 -21.63
N GLU B 544 -43.27 13.62 -22.97
CA GLU B 544 -42.19 14.21 -23.75
C GLU B 544 -42.12 15.72 -23.43
N ARG B 545 -43.30 16.38 -23.38
CA ARG B 545 -43.38 17.81 -23.06
C ARG B 545 -43.30 18.05 -21.56
N GLN B 546 -42.42 17.30 -20.88
CA GLN B 546 -42.17 17.42 -19.46
C GLN B 546 -41.51 18.76 -19.13
N ILE B 547 -40.81 19.37 -20.12
CA ILE B 547 -40.16 20.67 -20.00
C ILE B 547 -41.18 21.78 -19.78
N LYS B 548 -42.41 21.63 -20.31
CA LYS B 548 -43.49 22.60 -20.12
C LYS B 548 -43.99 22.50 -18.67
N LYS B 549 -44.15 21.27 -18.16
CA LYS B 549 -44.54 21.01 -16.77
C LYS B 549 -43.44 21.45 -15.79
N GLN B 550 -42.17 21.34 -16.20
CA GLN B 550 -41.01 21.71 -15.40
C GLN B 550 -40.91 23.23 -15.34
N THR B 551 -41.07 23.91 -16.49
CA THR B 551 -41.00 25.37 -16.53
C THR B 551 -42.12 26.01 -15.67
N ALA B 552 -43.24 25.31 -15.46
CA ALA B 552 -44.30 25.82 -14.59
C ALA B 552 -43.78 25.82 -13.15
N LEU B 553 -43.01 24.79 -12.75
CA LEU B 553 -42.43 24.67 -11.41
C LEU B 553 -41.39 25.76 -11.15
N VAL B 554 -40.47 26.00 -12.11
CA VAL B 554 -39.43 27.01 -11.91
C VAL B 554 -39.99 28.42 -11.85
N GLU B 555 -41.15 28.69 -12.48
CA GLU B 555 -41.78 30.00 -12.37
C GLU B 555 -42.51 30.10 -11.02
N LEU B 556 -43.10 29.00 -10.53
CA LEU B 556 -43.78 28.96 -9.24
C LEU B 556 -42.79 29.13 -8.08
N VAL B 557 -41.54 28.69 -8.27
CA VAL B 557 -40.51 28.87 -7.25
C VAL B 557 -40.03 30.32 -7.26
N LYS B 558 -39.85 30.90 -8.46
CA LYS B 558 -39.40 32.28 -8.60
C LYS B 558 -40.45 33.31 -8.16
N HIS B 559 -41.74 33.00 -8.28
CA HIS B 559 -42.81 33.92 -7.89
C HIS B 559 -43.20 33.82 -6.41
N LYS B 560 -42.82 32.71 -5.74
CA LYS B 560 -43.06 32.46 -4.32
C LYS B 560 -41.81 31.76 -3.79
N PRO B 561 -40.73 32.53 -3.52
CA PRO B 561 -39.46 31.90 -3.12
C PRO B 561 -39.38 31.37 -1.68
N LYS B 562 -39.99 32.06 -0.71
CA LYS B 562 -39.96 31.61 0.69
C LYS B 562 -40.96 30.47 0.96
N ALA B 563 -41.25 29.63 -0.05
CA ALA B 563 -42.20 28.52 0.03
C ALA B 563 -41.66 27.30 0.79
N THR B 564 -42.56 26.61 1.51
CA THR B 564 -42.22 25.45 2.33
C THR B 564 -41.82 24.24 1.47
N LYS B 565 -40.99 23.34 2.02
CA LYS B 565 -40.54 22.12 1.34
C LYS B 565 -41.71 21.16 1.07
N GLU B 566 -42.74 21.19 1.93
CA GLU B 566 -43.95 20.38 1.74
C GLU B 566 -44.99 21.15 0.92
N GLN B 567 -45.05 22.49 1.08
CA GLN B 567 -45.95 23.40 0.36
C GLN B 567 -45.68 23.33 -1.14
N LEU B 568 -44.40 23.39 -1.55
CA LEU B 568 -43.99 23.34 -2.95
C LEU B 568 -44.25 21.95 -3.56
N LYS B 569 -44.13 20.89 -2.75
CA LYS B 569 -44.42 19.53 -3.20
C LYS B 569 -45.94 19.29 -3.34
N ALA B 570 -46.78 20.03 -2.58
CA ALA B 570 -48.24 19.98 -2.62
C ALA B 570 -48.79 20.79 -3.80
N VAL B 571 -48.11 21.88 -4.18
CA VAL B 571 -48.50 22.69 -5.33
C VAL B 571 -48.08 21.98 -6.64
N MET B 572 -47.04 21.10 -6.60
CA MET B 572 -46.57 20.31 -7.75
C MET B 572 -47.37 19.00 -7.90
N ASP B 573 -47.90 18.46 -6.78
CA ASP B 573 -48.74 17.26 -6.79
C ASP B 573 -50.16 17.62 -7.23
N ASP B 574 -50.65 18.81 -6.84
CA ASP B 574 -51.97 19.30 -7.25
C ASP B 574 -51.94 19.68 -8.75
N PHE B 575 -50.77 20.12 -9.28
CA PHE B 575 -50.60 20.48 -10.68
C PHE B 575 -50.56 19.22 -11.55
N ALA B 576 -49.96 18.12 -11.06
CA ALA B 576 -49.92 16.85 -11.80
C ALA B 576 -51.31 16.20 -11.87
N ALA B 577 -52.12 16.40 -10.81
CA ALA B 577 -53.49 15.90 -10.70
C ALA B 577 -54.40 16.69 -11.64
N PHE B 578 -54.20 18.02 -11.72
CA PHE B 578 -54.97 18.92 -12.60
C PHE B 578 -54.73 18.61 -14.10
N VAL B 579 -53.65 17.87 -14.43
CA VAL B 579 -53.34 17.48 -15.81
C VAL B 579 -54.35 16.42 -16.32
N GLU B 580 -54.90 15.60 -15.41
CA GLU B 580 -55.88 14.58 -15.80
C GLU B 580 -57.24 15.21 -16.13
N GLU B 589 -60.30 22.59 -23.92
CA GLU B 589 -59.94 23.85 -23.28
C GLU B 589 -60.86 24.21 -22.10
N THR B 590 -62.02 23.53 -21.97
CA THR B 590 -63.01 23.74 -20.90
C THR B 590 -62.48 23.28 -19.53
N CYS B 591 -61.61 22.26 -19.52
CA CYS B 591 -60.99 21.75 -18.30
C CYS B 591 -59.95 22.75 -17.76
N PHE B 592 -59.28 23.51 -18.65
CA PHE B 592 -58.26 24.49 -18.27
C PHE B 592 -58.81 25.70 -17.51
N ALA B 593 -60.06 26.10 -17.77
CA ALA B 593 -60.66 27.23 -17.07
C ALA B 593 -61.05 26.82 -15.64
N GLU B 594 -61.60 25.59 -15.49
CA GLU B 594 -62.01 25.04 -14.21
C GLU B 594 -60.79 24.68 -13.36
N GLU B 595 -59.74 24.15 -13.98
CA GLU B 595 -58.51 23.81 -13.28
C GLU B 595 -57.67 25.03 -12.95
N GLY B 596 -57.75 26.08 -13.78
CA GLY B 596 -57.00 27.31 -13.57
C GLY B 596 -57.50 28.06 -12.35
N LYS B 597 -58.82 28.03 -12.11
CA LYS B 597 -59.44 28.68 -10.98
C LYS B 597 -59.28 27.84 -9.70
N LYS B 598 -59.33 26.51 -9.82
CA LYS B 598 -59.20 25.61 -8.67
C LYS B 598 -57.76 25.46 -8.18
N LEU B 599 -56.79 25.45 -9.10
CA LEU B 599 -55.38 25.34 -8.73
C LEU B 599 -54.89 26.65 -8.12
N VAL B 600 -55.35 27.79 -8.66
CA VAL B 600 -54.98 29.11 -8.14
C VAL B 600 -55.59 29.36 -6.74
N ALA B 601 -56.69 28.68 -6.40
CA ALA B 601 -57.33 28.78 -5.09
C ALA B 601 -56.44 28.11 -4.02
N ALA B 602 -55.79 26.99 -4.38
CA ALA B 602 -54.88 26.27 -3.50
C ALA B 602 -53.62 27.11 -3.25
N SER B 603 -53.10 27.76 -4.31
CA SER B 603 -51.92 28.63 -4.23
C SER B 603 -52.16 29.86 -3.34
N GLN B 604 -53.42 30.21 -3.05
CA GLN B 604 -53.76 31.32 -2.16
C GLN B 604 -53.40 30.99 -0.70
N ALA B 605 -53.34 29.68 -0.33
CA ALA B 605 -52.98 29.24 1.02
C ALA B 605 -51.49 29.49 1.38
N ALA B 606 -50.65 29.75 0.37
CA ALA B 606 -49.23 30.06 0.57
C ALA B 606 -48.97 31.54 0.26
N LEU B 607 -49.62 32.07 -0.78
CA LEU B 607 -49.50 33.46 -1.20
C LEU B 607 -50.05 34.43 -0.16
N HIS C 3 -5.84 -30.12 -18.10
CA HIS C 3 -5.76 -31.29 -18.97
C HIS C 3 -4.97 -32.43 -18.35
N MET C 4 -5.32 -32.81 -17.11
CA MET C 4 -4.67 -33.88 -16.33
C MET C 4 -5.59 -34.33 -15.18
N SER C 5 -5.40 -35.59 -14.71
CA SER C 5 -6.14 -36.23 -13.62
C SER C 5 -7.65 -36.10 -13.83
N THR C 6 -8.21 -36.74 -14.87
CA THR C 6 -9.65 -36.62 -15.16
C THR C 6 -10.52 -37.49 -14.23
N GLU C 7 -9.95 -38.55 -13.62
CA GLU C 7 -10.66 -39.37 -12.64
C GLU C 7 -10.55 -38.67 -11.27
N GLN C 8 -9.37 -38.10 -10.96
CA GLN C 8 -9.12 -37.31 -9.76
C GLN C 8 -9.88 -35.98 -9.83
N ILE C 9 -10.16 -35.45 -11.05
CA ILE C 9 -10.95 -34.22 -11.25
C ILE C 9 -12.43 -34.49 -11.10
N GLN C 10 -12.86 -35.73 -11.34
CA GLN C 10 -14.21 -36.14 -11.10
C GLN C 10 -14.39 -36.20 -9.56
N LYS C 11 -13.40 -36.77 -8.82
CA LYS C 11 -13.43 -36.84 -7.36
C LYS C 11 -13.32 -35.44 -6.74
N ARG C 12 -12.50 -34.56 -7.34
CA ARG C 12 -12.27 -33.19 -6.85
C ARG C 12 -13.51 -32.35 -6.97
N THR C 13 -14.20 -32.48 -8.10
CA THR C 13 -15.42 -31.75 -8.32
C THR C 13 -16.49 -32.28 -7.38
N ALA C 14 -16.65 -33.59 -7.31
CA ALA C 14 -17.64 -34.21 -6.44
C ALA C 14 -17.43 -33.90 -4.96
N ALA C 15 -16.18 -33.61 -4.56
CA ALA C 15 -15.81 -33.25 -3.19
C ALA C 15 -16.37 -31.88 -2.84
N ILE C 16 -16.32 -30.92 -3.79
CA ILE C 16 -16.86 -29.58 -3.55
C ILE C 16 -18.37 -29.62 -3.51
N GLN C 17 -19.01 -30.41 -4.40
CA GLN C 17 -20.46 -30.58 -4.45
C GLN C 17 -21.06 -31.03 -3.12
N LYS C 18 -20.41 -32.00 -2.45
CA LYS C 18 -20.88 -32.51 -1.17
C LYS C 18 -20.89 -31.39 -0.13
N ARG C 19 -19.87 -30.53 -0.14
CA ARG C 19 -19.71 -29.40 0.77
C ARG C 19 -20.70 -28.31 0.50
N ILE C 20 -20.98 -28.00 -0.80
CA ILE C 20 -21.97 -26.97 -1.11
C ILE C 20 -23.34 -27.39 -0.64
N ALA C 21 -23.68 -28.70 -0.77
CA ALA C 21 -24.93 -29.29 -0.31
C ALA C 21 -25.03 -29.16 1.23
N ALA C 22 -23.90 -29.37 1.93
CA ALA C 22 -23.77 -29.26 3.36
C ALA C 22 -24.02 -27.81 3.77
N ILE C 23 -23.46 -26.84 3.01
CA ILE C 23 -23.64 -25.40 3.25
C ILE C 23 -25.11 -25.01 3.06
N GLN C 24 -25.70 -25.44 1.92
CA GLN C 24 -27.08 -25.16 1.56
C GLN C 24 -28.06 -25.65 2.59
N LYS C 25 -27.83 -26.83 3.19
CA LYS C 25 -28.74 -27.34 4.21
C LYS C 25 -28.70 -26.43 5.44
N ARG C 26 -27.48 -26.11 5.91
CA ARG C 26 -27.27 -25.27 7.07
C ARG C 26 -27.74 -23.82 6.86
N ILE C 27 -27.77 -23.35 5.60
CA ILE C 27 -28.26 -21.99 5.31
C ILE C 27 -29.78 -22.00 5.15
N TYR C 28 -30.36 -23.08 4.60
CA TYR C 28 -31.81 -23.20 4.47
C TYR C 28 -32.47 -23.39 5.85
N ALA C 29 -31.75 -23.99 6.81
CA ALA C 29 -32.21 -24.16 8.18
C ALA C 29 -32.13 -22.79 8.90
N MET C 30 -31.03 -22.05 8.67
CA MET C 30 -30.75 -20.71 9.23
C MET C 30 -31.84 -19.71 8.86
N THR C 31 -32.43 -19.84 7.66
CA THR C 31 -33.52 -18.97 7.21
C THR C 31 -34.84 -19.35 7.93
N ALA C 32 -34.89 -19.16 9.28
CA ALA C 32 -35.89 -19.47 10.32
C ALA C 32 -35.21 -20.36 11.38
N SER C 33 -33.99 -19.99 11.77
CA SER C 33 -33.17 -20.72 12.75
C SER C 33 -33.79 -20.72 14.12
N GLY C 44 -24.31 -11.66 11.69
CA GLY C 44 -25.03 -12.38 10.64
C GLY C 44 -25.49 -11.48 9.54
N MET C 45 -24.56 -11.04 8.67
CA MET C 45 -24.86 -10.15 7.56
C MET C 45 -24.54 -10.79 6.20
N SER C 46 -23.43 -11.57 6.14
CA SER C 46 -22.95 -12.21 4.92
C SER C 46 -24.03 -13.04 4.16
N ILE C 47 -25.15 -13.43 4.81
CA ILE C 47 -26.25 -14.30 4.36
C ILE C 47 -26.71 -14.12 2.91
N GLU C 48 -26.77 -12.89 2.40
CA GLU C 48 -27.18 -12.65 1.01
C GLU C 48 -26.00 -12.93 0.06
N GLU C 49 -24.80 -12.53 0.46
CA GLU C 49 -23.58 -12.76 -0.29
C GLU C 49 -23.15 -14.23 -0.27
N ILE C 50 -23.53 -15.02 0.77
CA ILE C 50 -23.22 -16.47 0.87
C ILE C 50 -23.94 -17.19 -0.26
N THR C 51 -25.21 -16.86 -0.46
CA THR C 51 -26.05 -17.40 -1.52
C THR C 51 -25.53 -17.00 -2.93
N LYS C 52 -24.81 -15.86 -3.03
CA LYS C 52 -24.23 -15.43 -4.29
C LYS C 52 -22.96 -16.24 -4.53
N GLN C 53 -22.12 -16.39 -3.49
CA GLN C 53 -20.87 -17.17 -3.60
C GLN C 53 -21.17 -18.61 -3.92
N ILE C 54 -22.25 -19.18 -3.38
CA ILE C 54 -22.63 -20.55 -3.70
C ILE C 54 -22.93 -20.66 -5.21
N ALA C 55 -23.74 -19.73 -5.72
CA ALA C 55 -24.09 -19.71 -7.13
C ALA C 55 -22.89 -19.49 -8.04
N ALA C 56 -21.90 -18.73 -7.57
CA ALA C 56 -20.67 -18.44 -8.33
C ALA C 56 -19.73 -19.62 -8.33
N ILE C 57 -19.63 -20.33 -7.20
CA ILE C 57 -18.80 -21.52 -7.12
C ILE C 57 -19.40 -22.64 -7.97
N GLN C 58 -20.74 -22.68 -8.09
CA GLN C 58 -21.38 -23.66 -8.95
C GLN C 58 -21.03 -23.42 -10.40
N LEU C 59 -20.78 -22.18 -10.82
CA LEU C 59 -20.35 -21.90 -12.19
C LEU C 59 -19.01 -22.60 -12.47
N ARG C 60 -18.10 -22.60 -11.48
CA ARG C 60 -16.83 -23.28 -11.61
C ARG C 60 -17.08 -24.77 -11.72
N ILE C 61 -17.99 -25.34 -10.93
CA ILE C 61 -18.34 -26.75 -11.03
C ILE C 61 -18.85 -27.09 -12.41
N VAL C 62 -19.78 -26.30 -12.96
CA VAL C 62 -20.27 -26.51 -14.34
C VAL C 62 -19.13 -26.45 -15.32
N GLY C 63 -18.26 -25.48 -15.18
CA GLY C 63 -17.05 -25.37 -16.00
C GLY C 63 -16.22 -26.64 -16.00
N ASP C 64 -16.01 -27.26 -14.82
CA ASP C 64 -15.26 -28.53 -14.70
C ASP C 64 -15.99 -29.65 -15.38
N GLN C 65 -17.29 -29.78 -15.11
CA GLN C 65 -18.13 -30.82 -15.70
C GLN C 65 -18.23 -30.70 -17.24
N VAL C 66 -18.10 -29.47 -17.77
CA VAL C 66 -18.06 -29.19 -19.20
C VAL C 66 -16.68 -29.57 -19.70
N GLN C 67 -15.61 -29.23 -18.98
CA GLN C 67 -14.24 -29.58 -19.36
C GLN C 67 -14.09 -31.06 -19.59
N ILE C 68 -14.69 -31.87 -18.70
CA ILE C 68 -14.71 -33.33 -18.82
C ILE C 68 -15.40 -33.73 -20.14
N ALA C 69 -16.53 -33.10 -20.43
CA ALA C 69 -17.28 -33.38 -21.65
C ALA C 69 -16.46 -32.98 -22.88
N TYR C 70 -15.80 -31.81 -22.84
CA TYR C 70 -14.98 -31.30 -23.93
C TYR C 70 -13.86 -32.25 -24.21
N GLN C 71 -13.19 -32.73 -23.16
CA GLN C 71 -12.08 -33.68 -23.36
C GLN C 71 -12.55 -34.97 -23.97
N THR C 72 -13.77 -35.42 -23.63
CA THR C 72 -14.31 -36.66 -24.18
C THR C 72 -14.66 -36.52 -25.66
N ALA C 73 -15.08 -35.35 -26.07
CA ALA C 73 -15.40 -35.08 -27.45
C ALA C 73 -14.14 -34.72 -28.28
N SER C 74 -13.08 -34.21 -27.65
CA SER C 74 -11.85 -33.85 -28.35
C SER C 74 -10.73 -34.90 -28.15
N GLY C 75 -9.68 -34.79 -28.94
CA GLY C 75 -8.55 -35.73 -28.93
C GLY C 75 -7.60 -35.72 -27.74
N ALA C 76 -7.74 -34.73 -26.80
CA ALA C 76 -6.95 -34.51 -25.56
C ALA C 76 -5.47 -35.02 -25.62
N GLU C 86 -2.53 -25.44 -19.43
CA GLU C 86 -3.35 -24.54 -18.63
C GLU C 86 -4.04 -25.32 -17.51
N GLU C 87 -3.28 -26.19 -16.83
N GLU C 87 -3.28 -26.19 -16.83
CA GLU C 87 -3.84 -26.96 -15.72
CA GLU C 87 -3.84 -26.96 -15.72
C GLU C 87 -3.97 -26.00 -14.52
C GLU C 87 -3.97 -26.00 -14.52
N ILE C 88 -5.15 -25.34 -14.39
CA ILE C 88 -5.37 -24.32 -13.35
C ILE C 88 -5.91 -24.85 -12.01
N GLN C 89 -5.01 -24.83 -11.04
CA GLN C 89 -5.22 -25.17 -9.63
C GLN C 89 -5.47 -23.88 -8.79
N LYS C 90 -5.12 -22.68 -9.33
CA LYS C 90 -5.34 -21.37 -8.69
C LYS C 90 -6.85 -21.08 -8.53
N GLN C 91 -7.69 -21.62 -9.43
CA GLN C 91 -9.13 -21.47 -9.33
C GLN C 91 -9.61 -22.45 -8.28
N THR C 92 -9.12 -23.71 -8.29
CA THR C 92 -9.50 -24.74 -7.33
C THR C 92 -9.17 -24.35 -5.90
N ALA C 93 -7.94 -23.87 -5.66
CA ALA C 93 -7.50 -23.46 -4.31
C ALA C 93 -8.36 -22.34 -3.78
N ALA C 94 -8.50 -21.23 -4.53
CA ALA C 94 -9.36 -20.14 -4.12
C ALA C 94 -10.84 -20.58 -3.98
N ILE C 95 -11.24 -21.71 -4.60
CA ILE C 95 -12.59 -22.23 -4.46
C ILE C 95 -12.67 -22.84 -3.10
N GLU C 96 -11.71 -23.71 -2.73
CA GLU C 96 -11.72 -24.37 -1.42
C GLU C 96 -11.67 -23.34 -0.31
N THR C 97 -10.82 -22.31 -0.47
CA THR C 97 -10.77 -21.25 0.52
C THR C 97 -12.08 -20.45 0.50
N GLN C 98 -12.74 -20.31 -0.65
CA GLN C 98 -14.03 -19.63 -0.68
C GLN C 98 -15.09 -20.46 0.03
N ILE C 99 -15.01 -21.80 -0.05
CA ILE C 99 -15.91 -22.74 0.62
C ILE C 99 -15.69 -22.64 2.12
N CYS C 100 -14.42 -22.49 2.57
CA CYS C 100 -14.10 -22.31 3.99
C CYS C 100 -14.62 -20.99 4.46
N LYS C 101 -14.34 -19.87 3.76
CA LYS C 101 -14.89 -18.56 4.18
C LYS C 101 -16.42 -18.62 4.37
N ILE C 102 -17.10 -19.44 3.57
CA ILE C 102 -18.53 -19.65 3.68
C ILE C 102 -18.87 -20.53 4.88
N GLU C 103 -18.25 -21.70 5.00
CA GLU C 103 -18.51 -22.62 6.11
C GLU C 103 -18.24 -21.97 7.45
N ALA C 104 -17.19 -21.15 7.52
CA ALA C 104 -16.80 -20.45 8.74
C ALA C 104 -17.87 -19.47 9.09
N ALA C 105 -18.38 -18.69 8.10
CA ALA C 105 -19.44 -17.74 8.35
C ALA C 105 -20.74 -18.40 8.83
N ILE C 106 -20.92 -19.69 8.54
CA ILE C 106 -22.10 -20.43 9.01
C ILE C 106 -21.88 -20.85 10.46
N GLU C 107 -20.68 -21.32 10.80
CA GLU C 107 -20.34 -21.67 12.16
C GLU C 107 -20.42 -20.45 13.07
N LEU C 108 -20.09 -19.26 12.54
CA LEU C 108 -20.17 -18.03 13.32
C LEU C 108 -21.61 -17.55 13.50
N LYS C 109 -22.43 -17.62 12.43
CA LYS C 109 -23.84 -17.24 12.52
C LYS C 109 -24.55 -18.17 13.51
N GLU C 110 -24.25 -19.48 13.43
CA GLU C 110 -24.78 -20.50 14.35
C GLU C 110 -24.31 -20.24 15.78
N ALA C 111 -23.10 -19.71 15.95
CA ALA C 111 -22.56 -19.36 17.28
C ALA C 111 -23.20 -18.10 17.90
N GLY C 112 -23.99 -17.37 17.10
CA GLY C 112 -24.66 -16.16 17.55
C GLY C 112 -23.91 -14.88 17.26
N ILE C 113 -22.80 -14.95 16.48
CA ILE C 113 -22.04 -13.77 16.12
C ILE C 113 -22.87 -12.96 15.13
N THR C 114 -23.39 -11.80 15.56
CA THR C 114 -24.16 -10.89 14.74
C THR C 114 -23.34 -9.63 14.71
N SER C 115 -22.21 -9.65 13.96
CA SER C 115 -21.27 -8.54 13.93
C SER C 115 -20.45 -8.53 12.66
N ASP C 116 -20.80 -7.65 11.72
CA ASP C 116 -20.15 -7.53 10.39
C ASP C 116 -18.63 -7.21 10.44
N PHE C 117 -18.03 -7.03 11.64
CA PHE C 117 -16.60 -6.80 11.74
C PHE C 117 -15.93 -8.12 11.50
N TYR C 118 -16.27 -9.15 12.32
CA TYR C 118 -15.69 -10.50 12.26
C TYR C 118 -15.94 -11.24 11.00
N PHE C 119 -17.04 -10.90 10.30
CA PHE C 119 -17.33 -11.56 9.04
C PHE C 119 -16.35 -11.14 8.01
N GLU C 120 -16.05 -9.84 7.95
CA GLU C 120 -15.08 -9.31 7.00
C GLU C 120 -13.72 -9.88 7.29
N LEU C 121 -13.33 -9.99 8.56
CA LEU C 121 -12.05 -10.57 8.94
C LEU C 121 -11.90 -11.98 8.36
N ILE C 122 -13.01 -12.76 8.37
CA ILE C 122 -13.01 -14.09 7.83
C ILE C 122 -12.89 -14.01 6.33
N ASN C 123 -13.68 -13.16 5.69
CA ASN C 123 -13.65 -13.04 4.24
C ASN C 123 -12.35 -12.41 3.72
N LYS C 124 -11.66 -11.61 4.56
CA LYS C 124 -10.41 -10.94 4.17
C LYS C 124 -9.21 -11.89 4.15
N ALA C 125 -9.30 -13.05 4.85
CA ALA C 125 -8.27 -14.08 4.90
C ALA C 125 -7.91 -14.60 3.53
N LYS C 126 -6.62 -14.91 3.36
CA LYS C 126 -6.03 -15.42 2.12
C LYS C 126 -5.96 -16.97 2.08
N THR C 127 -6.02 -17.62 3.27
CA THR C 127 -5.97 -19.08 3.31
C THR C 127 -7.00 -19.75 4.19
N CYS C 128 -7.51 -20.87 3.70
CA CYS C 128 -8.47 -21.69 4.39
C CYS C 128 -7.92 -22.17 5.75
N GLU C 129 -6.59 -22.32 5.86
CA GLU C 129 -5.90 -22.66 7.12
C GLU C 129 -6.13 -21.51 8.15
N GLY C 130 -5.93 -20.28 7.73
CA GLY C 130 -6.16 -19.12 8.57
C GLY C 130 -7.63 -18.82 8.76
N VAL C 131 -8.49 -19.29 7.84
CA VAL C 131 -9.93 -19.11 7.94
C VAL C 131 -10.42 -19.84 9.15
N GLU C 132 -9.99 -21.12 9.30
CA GLU C 132 -10.40 -21.93 10.44
C GLU C 132 -9.73 -21.45 11.73
N ALA C 133 -8.48 -20.98 11.66
CA ALA C 133 -7.79 -20.50 12.87
C ALA C 133 -8.41 -19.24 13.39
N LEU C 134 -8.85 -18.35 12.51
CA LEU C 134 -9.54 -17.14 12.94
C LEU C 134 -10.96 -17.50 13.41
N LYS C 135 -11.61 -18.52 12.79
CA LYS C 135 -12.94 -19.00 13.16
C LYS C 135 -12.89 -19.46 14.60
N GLU C 136 -12.04 -20.43 14.88
CA GLU C 136 -11.90 -20.98 16.21
C GLU C 136 -11.55 -19.95 17.25
N HIS C 137 -10.78 -18.95 16.86
CA HIS C 137 -10.39 -17.86 17.73
C HIS C 137 -11.64 -17.03 18.06
N ILE C 138 -12.46 -16.63 17.05
CA ILE C 138 -13.69 -15.85 17.30
C ILE C 138 -14.62 -16.66 18.18
N LEU C 139 -14.80 -17.92 17.85
CA LEU C 139 -15.63 -18.84 18.58
C LEU C 139 -15.32 -18.97 20.09
N ALA C 140 -14.04 -19.14 20.45
CA ALA C 140 -13.67 -19.24 21.85
C ALA C 140 -13.81 -17.87 22.51
N ALA C 141 -13.37 -16.80 21.83
CA ALA C 141 -13.45 -15.46 22.41
C ALA C 141 -14.86 -15.02 22.73
N HIS C 142 -15.84 -15.54 21.98
CA HIS C 142 -17.27 -15.24 22.15
C HIS C 142 -17.84 -15.85 23.43
N THR C 143 -17.33 -17.03 23.78
CA THR C 143 -17.77 -17.71 25.00
C THR C 143 -17.00 -17.12 26.22
N SER D 2 16.19 -14.62 -40.54
CA SER D 2 16.87 -14.54 -41.83
C SER D 2 18.09 -13.63 -41.90
N HIS D 3 18.65 -13.48 -43.10
CA HIS D 3 19.78 -12.61 -43.41
C HIS D 3 19.41 -11.14 -43.39
N MET D 4 18.13 -10.80 -43.69
CA MET D 4 17.65 -9.41 -43.63
C MET D 4 17.53 -8.95 -42.18
N SER D 5 17.18 -9.84 -41.25
CA SER D 5 17.14 -9.50 -39.83
C SER D 5 18.58 -9.30 -39.32
N THR D 6 19.56 -10.10 -39.82
CA THR D 6 20.96 -9.88 -39.44
C THR D 6 21.45 -8.55 -40.05
N GLU D 7 20.92 -8.17 -41.23
CA GLU D 7 21.28 -6.92 -41.89
C GLU D 7 20.69 -5.72 -41.14
N GLN D 8 19.38 -5.77 -40.80
CA GLN D 8 18.69 -4.73 -40.06
C GLN D 8 19.30 -4.59 -38.64
N ILE D 9 19.75 -5.71 -38.03
CA ILE D 9 20.35 -5.63 -36.70
C ILE D 9 21.70 -4.99 -36.84
N GLN D 10 22.51 -5.38 -37.86
CA GLN D 10 23.82 -4.79 -38.11
C GLN D 10 23.73 -3.25 -38.23
N LYS D 11 22.74 -2.77 -39.00
CA LYS D 11 22.53 -1.33 -39.19
C LYS D 11 22.14 -0.63 -37.90
N ARG D 12 21.27 -1.27 -37.11
CA ARG D 12 20.83 -0.69 -35.84
C ARG D 12 21.99 -0.55 -34.88
N THR D 13 22.92 -1.55 -34.91
CA THR D 13 24.16 -1.63 -34.12
C THR D 13 25.04 -0.46 -34.52
N ALA D 14 25.21 -0.24 -35.84
CA ALA D 14 26.03 0.85 -36.35
C ALA D 14 25.55 2.21 -35.79
N ALA D 15 24.23 2.38 -35.76
CA ALA D 15 23.59 3.58 -35.21
C ALA D 15 23.88 3.74 -33.75
N ILE D 16 23.94 2.65 -33.01
CA ILE D 16 24.24 2.72 -31.57
C ILE D 16 25.65 3.20 -31.40
N GLN D 17 26.58 2.64 -32.18
CA GLN D 17 27.99 3.03 -32.10
C GLN D 17 28.16 4.50 -32.41
N LYS D 18 27.41 5.02 -33.39
CA LYS D 18 27.50 6.44 -33.73
C LYS D 18 26.90 7.31 -32.62
N ARG D 19 25.80 6.82 -31.99
CA ARG D 19 25.15 7.55 -30.90
C ARG D 19 26.12 7.65 -29.73
N ILE D 20 26.80 6.52 -29.41
CA ILE D 20 27.81 6.34 -28.38
C ILE D 20 28.91 7.35 -28.60
N ALA D 21 29.39 7.48 -29.85
CA ALA D 21 30.49 8.37 -30.20
C ALA D 21 30.24 9.79 -29.72
N ALA D 22 29.01 10.27 -29.91
CA ALA D 22 28.57 11.59 -29.51
C ALA D 22 28.52 11.67 -28.01
N ILE D 23 28.01 10.63 -27.32
CA ILE D 23 27.97 10.59 -25.86
C ILE D 23 29.38 10.75 -25.30
N GLN D 24 30.34 10.05 -25.92
CA GLN D 24 31.73 10.06 -25.52
C GLN D 24 32.36 11.44 -25.60
N LYS D 25 31.97 12.24 -26.61
CA LYS D 25 32.49 13.59 -26.76
C LYS D 25 31.90 14.47 -25.67
N ARG D 26 30.57 14.38 -25.45
CA ARG D 26 29.86 15.19 -24.45
C ARG D 26 30.27 14.88 -23.02
N ILE D 27 30.76 13.64 -22.76
CA ILE D 27 31.22 13.30 -21.42
C ILE D 27 32.68 13.72 -21.23
N TYR D 28 33.49 13.64 -22.29
CA TYR D 28 34.89 14.07 -22.21
C TYR D 28 34.99 15.60 -22.09
N ALA D 29 34.01 16.33 -22.64
CA ALA D 29 33.93 17.77 -22.53
C ALA D 29 33.47 18.14 -21.10
N MET D 30 32.46 17.38 -20.57
CA MET D 30 31.87 17.53 -19.24
C MET D 30 32.95 17.42 -18.14
N THR D 31 33.94 16.53 -18.34
CA THR D 31 35.03 16.35 -17.39
C THR D 31 35.90 17.60 -17.32
N ALA D 43 28.41 14.02 -10.68
CA ALA D 43 27.68 14.96 -11.50
C ALA D 43 26.19 14.63 -11.62
N GLY D 44 25.67 13.79 -10.75
CA GLY D 44 24.30 13.37 -10.84
C GLY D 44 24.34 11.88 -10.70
N MET D 45 25.37 11.38 -10.05
CA MET D 45 25.54 9.95 -9.85
C MET D 45 25.27 9.21 -11.14
N SER D 46 25.85 9.72 -12.24
CA SER D 46 25.69 9.04 -13.53
C SER D 46 26.90 9.60 -14.36
N ILE D 47 28.21 9.28 -14.03
CA ILE D 47 29.31 9.83 -14.86
C ILE D 47 30.41 8.80 -15.09
N GLU D 48 31.03 8.31 -14.02
CA GLU D 48 31.96 7.19 -14.15
C GLU D 48 31.10 5.94 -14.48
N GLU D 49 29.85 5.88 -13.95
CA GLU D 49 28.85 4.87 -14.18
C GLU D 49 28.29 5.00 -15.60
N ILE D 50 28.19 6.23 -16.19
CA ILE D 50 27.80 6.35 -17.59
C ILE D 50 28.85 5.63 -18.46
N THR D 51 30.14 5.80 -18.12
CA THR D 51 31.23 5.12 -18.83
C THR D 51 31.11 3.61 -18.74
N LYS D 52 30.80 3.10 -17.54
CA LYS D 52 30.59 1.70 -17.27
C LYS D 52 29.45 1.16 -18.18
N GLN D 53 28.32 1.86 -18.23
CA GLN D 53 27.18 1.52 -19.08
C GLN D 53 27.58 1.53 -20.57
N ILE D 54 28.30 2.58 -21.00
CA ILE D 54 28.83 2.77 -22.35
C ILE D 54 29.71 1.53 -22.71
N ALA D 55 30.47 1.00 -21.73
CA ALA D 55 31.36 -0.14 -21.93
C ALA D 55 30.60 -1.46 -22.02
N ALA D 56 29.55 -1.62 -21.21
CA ALA D 56 28.75 -2.84 -21.25
C ALA D 56 28.00 -2.96 -22.57
N ILE D 57 27.60 -1.83 -23.19
CA ILE D 57 26.88 -1.86 -24.48
C ILE D 57 27.83 -2.36 -25.59
N GLN D 58 29.01 -1.74 -25.71
CA GLN D 58 29.98 -2.14 -26.72
C GLN D 58 30.45 -3.58 -26.50
N LEU D 59 30.50 -4.03 -25.25
CA LEU D 59 30.85 -5.39 -24.91
C LEU D 59 29.70 -6.33 -25.28
N ARG D 60 28.45 -5.92 -25.03
CA ARG D 60 27.27 -6.71 -25.39
C ARG D 60 27.28 -6.92 -26.90
N ILE D 61 27.51 -5.83 -27.67
CA ILE D 61 27.55 -5.91 -29.12
C ILE D 61 28.60 -6.90 -29.58
N VAL D 62 29.82 -6.83 -29.05
CA VAL D 62 30.86 -7.79 -29.38
C VAL D 62 30.44 -9.20 -28.99
N GLY D 63 29.83 -9.33 -27.84
CA GLY D 63 29.33 -10.61 -27.35
C GLY D 63 28.37 -11.28 -28.32
N ASP D 64 27.48 -10.48 -28.91
CA ASP D 64 26.49 -10.94 -29.87
C ASP D 64 27.15 -11.23 -31.19
N GLN D 65 28.03 -10.35 -31.62
CA GLN D 65 28.74 -10.48 -32.85
C GLN D 65 29.55 -11.77 -32.90
N VAL D 66 30.18 -12.16 -31.79
CA VAL D 66 30.97 -13.39 -31.78
C VAL D 66 30.07 -14.65 -31.67
N GLN D 67 28.82 -14.49 -31.23
CA GLN D 67 27.89 -15.61 -31.17
C GLN D 67 27.40 -15.90 -32.59
N ILE D 68 27.03 -14.85 -33.36
CA ILE D 68 26.60 -14.94 -34.76
C ILE D 68 27.72 -15.61 -35.58
N ALA D 69 28.95 -15.16 -35.39
CA ALA D 69 30.10 -15.69 -36.09
C ALA D 69 30.30 -17.16 -35.75
N TYR D 70 30.17 -17.54 -34.48
CA TYR D 70 30.33 -18.94 -34.07
C TYR D 70 29.24 -19.80 -34.71
N GLN D 71 28.00 -19.27 -34.73
CA GLN D 71 26.81 -19.89 -35.30
C GLN D 71 26.98 -20.18 -36.80
N THR D 72 27.63 -19.28 -37.56
CA THR D 72 27.84 -19.50 -39.00
C THR D 72 28.99 -20.49 -39.28
N ALA D 73 30.05 -20.45 -38.43
CA ALA D 73 31.22 -21.33 -38.54
C ALA D 73 30.95 -22.75 -38.04
N SER D 74 29.94 -22.95 -37.16
CA SER D 74 29.64 -24.29 -36.64
C SER D 74 28.39 -24.90 -37.27
N GLU D 86 19.17 -16.06 -30.93
CA GLU D 86 17.82 -16.17 -31.51
C GLU D 86 17.18 -14.78 -31.87
N GLU D 87 16.23 -14.25 -31.04
CA GLU D 87 15.63 -12.93 -31.22
C GLU D 87 16.49 -11.84 -30.48
N ILE D 88 17.55 -11.35 -31.21
CA ILE D 88 18.47 -10.30 -30.75
C ILE D 88 17.80 -8.88 -30.89
N GLN D 89 16.68 -8.78 -31.63
CA GLN D 89 15.90 -7.56 -31.76
C GLN D 89 15.30 -7.08 -30.43
N LYS D 90 15.65 -7.73 -29.31
CA LYS D 90 15.20 -7.36 -27.98
C LYS D 90 16.32 -6.66 -27.23
N GLN D 91 17.55 -7.21 -27.34
CA GLN D 91 18.73 -6.67 -26.68
C GLN D 91 19.04 -5.33 -27.28
N THR D 92 19.02 -5.21 -28.62
CA THR D 92 19.33 -3.92 -29.27
C THR D 92 18.22 -2.91 -29.05
N ALA D 93 16.97 -3.35 -28.92
CA ALA D 93 15.88 -2.43 -28.64
C ALA D 93 16.06 -1.84 -27.26
N ALA D 94 16.45 -2.65 -26.28
CA ALA D 94 16.70 -2.16 -24.94
C ALA D 94 17.98 -1.32 -24.88
N ILE D 95 19.00 -1.65 -25.72
CA ILE D 95 20.23 -0.86 -25.82
C ILE D 95 19.87 0.50 -26.32
N GLU D 96 19.03 0.59 -27.36
CA GLU D 96 18.60 1.87 -27.88
C GLU D 96 18.02 2.78 -26.77
N THR D 97 17.00 2.30 -26.04
CA THR D 97 16.40 3.09 -24.95
C THR D 97 17.41 3.42 -23.82
N GLN D 98 18.46 2.63 -23.67
CA GLN D 98 19.47 2.90 -22.67
C GLN D 98 20.39 4.03 -23.14
N ILE D 99 20.70 4.06 -24.45
CA ILE D 99 21.54 5.10 -25.03
C ILE D 99 20.85 6.46 -24.86
N CYS D 100 19.49 6.48 -24.88
CA CYS D 100 18.61 7.63 -24.75
C CYS D 100 18.66 8.11 -23.34
N LYS D 101 18.47 7.22 -22.35
CA LYS D 101 18.56 7.63 -20.95
C LYS D 101 19.92 8.27 -20.67
N ILE D 102 20.98 7.71 -21.25
CA ILE D 102 22.31 8.29 -21.16
C ILE D 102 22.35 9.67 -21.82
N GLU D 103 22.01 9.77 -23.12
CA GLU D 103 21.99 11.00 -23.92
C GLU D 103 21.26 12.16 -23.21
N ALA D 104 20.03 11.87 -22.68
CA ALA D 104 19.17 12.81 -21.96
C ALA D 104 19.79 13.16 -20.60
N ALA D 105 20.27 12.14 -19.83
CA ALA D 105 20.91 12.38 -18.54
C ALA D 105 22.08 13.36 -18.65
N ILE D 106 22.74 13.40 -19.82
CA ILE D 106 23.82 14.32 -20.09
C ILE D 106 23.29 15.71 -20.32
N GLU D 107 22.24 15.85 -21.16
CA GLU D 107 21.55 17.14 -21.42
C GLU D 107 21.10 17.78 -20.10
N LEU D 108 20.62 16.93 -19.20
CA LEU D 108 20.17 17.34 -17.91
C LEU D 108 21.26 17.86 -17.02
N LYS D 109 22.39 17.14 -16.95
CA LYS D 109 23.48 17.61 -16.11
C LYS D 109 24.08 18.87 -16.69
N GLU D 110 24.21 18.96 -18.06
CA GLU D 110 24.67 20.17 -18.77
C GLU D 110 23.81 21.38 -18.42
N ALA D 111 22.50 21.17 -18.22
CA ALA D 111 21.57 22.23 -17.82
C ALA D 111 21.72 22.70 -16.35
N GLY D 112 22.51 21.97 -15.56
CA GLY D 112 22.76 22.26 -14.16
C GLY D 112 21.86 21.52 -13.20
N ILE D 113 21.06 20.53 -13.67
CA ILE D 113 20.20 19.80 -12.75
C ILE D 113 21.11 18.89 -11.94
N THR D 114 21.07 19.07 -10.65
CA THR D 114 21.88 18.28 -9.73
C THR D 114 20.91 17.73 -8.69
N SER D 115 20.10 16.74 -9.08
CA SER D 115 19.09 16.16 -8.19
C SER D 115 18.78 14.75 -8.65
N ASP D 116 19.27 13.75 -7.92
CA ASP D 116 19.13 12.35 -8.28
C ASP D 116 17.67 11.91 -8.57
N PHE D 117 16.64 12.66 -8.06
CA PHE D 117 15.24 12.31 -8.29
C PHE D 117 14.93 12.35 -9.74
N TYR D 118 15.29 13.44 -10.39
CA TYR D 118 15.06 13.64 -11.81
C TYR D 118 15.77 12.64 -12.68
N PHE D 119 17.02 12.25 -12.29
CA PHE D 119 17.75 11.26 -13.08
C PHE D 119 17.05 9.96 -13.01
N GLU D 120 16.64 9.55 -11.80
CA GLU D 120 15.94 8.28 -11.61
C GLU D 120 14.62 8.27 -12.39
N LEU D 121 13.96 9.42 -12.57
CA LEU D 121 12.73 9.48 -13.35
C LEU D 121 13.00 9.20 -14.82
N ILE D 122 14.16 9.69 -15.33
CA ILE D 122 14.65 9.47 -16.70
C ILE D 122 15.02 7.98 -16.82
N ASN D 123 15.72 7.44 -15.84
CA ASN D 123 16.10 6.04 -15.85
C ASN D 123 14.92 5.12 -15.78
N LYS D 124 13.86 5.53 -15.08
CA LYS D 124 12.68 4.71 -14.94
C LYS D 124 11.82 4.66 -16.23
N ALA D 125 12.04 5.59 -17.19
CA ALA D 125 11.28 5.59 -18.44
C ALA D 125 11.45 4.28 -19.20
N LYS D 126 10.44 3.90 -20.00
CA LYS D 126 10.50 2.68 -20.81
C LYS D 126 10.72 2.99 -22.29
N THR D 127 10.19 4.11 -22.76
CA THR D 127 10.30 4.53 -24.16
C THR D 127 11.30 5.62 -24.37
N CYS D 128 12.09 5.49 -25.42
CA CYS D 128 13.08 6.49 -25.75
C CYS D 128 12.39 7.89 -26.14
N GLU D 129 11.11 7.84 -26.48
CA GLU D 129 10.32 9.02 -26.77
C GLU D 129 9.90 9.68 -25.44
N GLY D 130 9.40 8.88 -24.51
CA GLY D 130 9.02 9.36 -23.19
C GLY D 130 10.21 9.90 -22.42
N VAL D 131 11.44 9.53 -22.83
CA VAL D 131 12.67 10.00 -22.23
C VAL D 131 12.87 11.44 -22.65
N GLU D 132 12.68 11.75 -23.95
CA GLU D 132 12.82 13.11 -24.46
C GLU D 132 11.75 13.95 -23.88
N ALA D 133 10.49 13.48 -23.90
CA ALA D 133 9.37 14.22 -23.35
C ALA D 133 9.59 14.62 -21.90
N LEU D 134 10.10 13.68 -21.09
CA LEU D 134 10.37 13.96 -19.71
C LEU D 134 11.57 14.89 -19.58
N LYS D 135 12.60 14.73 -20.41
CA LYS D 135 13.77 15.60 -20.38
C LYS D 135 13.38 17.07 -20.65
N GLU D 136 12.64 17.35 -21.76
CA GLU D 136 12.24 18.74 -22.06
C GLU D 136 11.35 19.28 -20.94
N HIS D 137 10.48 18.42 -20.37
CA HIS D 137 9.59 18.78 -19.25
C HIS D 137 10.41 19.25 -18.09
N ILE D 138 11.43 18.46 -17.70
CA ILE D 138 12.32 18.81 -16.59
C ILE D 138 13.05 20.09 -16.89
N LEU D 139 13.73 20.17 -18.05
CA LEU D 139 14.50 21.30 -18.48
C LEU D 139 13.72 22.62 -18.49
N ALA D 140 12.48 22.58 -18.98
CA ALA D 140 11.64 23.76 -19.06
C ALA D 140 11.10 24.17 -17.70
N ALA D 141 10.68 23.20 -16.89
CA ALA D 141 10.17 23.51 -15.55
C ALA D 141 11.27 23.90 -14.57
N HIS D 142 12.55 23.66 -14.92
CA HIS D 142 13.70 23.89 -14.08
C HIS D 142 14.06 25.35 -13.91
N THR D 143 14.41 26.03 -15.02
CA THR D 143 14.90 27.40 -15.11
C THR D 143 15.79 27.80 -13.89
#